data_9BDD
#
_entry.id   9BDD
#
_cell.length_a   1.00
_cell.length_b   1.00
_cell.length_c   1.00
_cell.angle_alpha   90.00
_cell.angle_beta   90.00
_cell.angle_gamma   90.00
#
_symmetry.space_group_name_H-M   'P 1'
#
loop_
_entity.id
_entity.type
_entity.pdbx_description
1 polymer 'Transcription elongation factor, mitochondrial'
2 polymer 'DNA-directed RNA polymerase, mitochondrial'
3 polymer 'Non-Template Strand DNA (NT27mt_+1T)'
4 polymer 'RNA (RNA14mt)'
5 polymer 'Template Strand DNA (TS31mt_+1A)'
6 non-polymer 'DIPHOSPHOMETHYLPHOSPHONIC ACID ADENOSYL ESTER'
#
loop_
_entity_poly.entity_id
_entity_poly.type
_entity_poly.pdbx_seq_one_letter_code
_entity_poly.pdbx_strand_id
1 'polypeptide(L)'
;MDENAKEPENRFLRKLLKPDIERERLKAVNSIISIVFGTRRIAWAHLDRKLTVLDWQQSDRWSLMRGIYSSSVYLEEISS
IISKMPKADFYVLEKTGLSIQNSSLFPILLHFHIMEAMLYALLNKTFAQDGQHQVLSMNRNAVGKHFELMIGDSRTSGKE
LVKQFLFDSILKADPRVFFPSDKIVHYRQMFLSTELQRVEELYDSLLQAIAFYELAVFDSQPLEHHHHHHHH
;
A,B
2 'polypeptide(L)'
;MGHHHHHHGRWAKILEKDKRTQQMRMQRLKAKLQMPFQSGEFKALTRRLQVEPRLLSKQMAGCLEDCTRQAPESPWEEQL
ARLLQEAPGKLSLDVEQAPSGQHSQAQLSGQQQRLLAFFKCCLLTDQLPLAHHLLVVHHGQRQKRKLLTLDMYNAVMLGW
ARQGAFKELVYVLFMVKDAGLTPDLLSYAAALQCMGRQDQDAGTIERCLEQMSQEGLKLQALFTAVLLSEEDRATVLKAV
HKVKPTFSLPPQLPPPVNTSKLLRDVYAKDGRVSYPKLHLPLKTLQCLFEKQLHMELASRVCVVSVEKPTLPSKEVKHAR
KTLKTLRDQWEKALCRALRETKNRLEREVYEGRFSLYPFLCLLDEREVVRMLLQVLQALPAQGESFTTLARELSARTFSR
HVVQRQRVSGQVQALQNHYRKYLCLLASDAEVPEPCLPRQYWEALGAPEALREQPWPLPVQMELGKLLAEMLVQATQMPC
SLDKPHRSSRLVPVLYHVYSFRNVQQIGILKPHPAYVQLLEKAAEPTLTFEAVDVPMLCPPLPWTSPHSGAFLLSPTKLM
RTVEGATQHQELLETCPPTALHGALDALTQLGNCAWRVNGRVLDLVLQLFQAKGCPQLGVPAPPSEAPQPPEAHLPHSAA
PARKAELRRELAHCQKVAREMHSLRAEALYRLSLAQHLRDRVFWLPHNMDFRGRTYPCPPHFNHLGSDVARALLEFAQGR
PLGPHGLDWLKIHLVNLTGLKKREPLRKRLAFAEEVMDDILDSADQPLTGRKWWMGAEEPWQTLACCMEVANAVRASDPA
AYVSHLPVHQDGSCNGLQHYAALGRDSVGAASVNLEPSDVPQDVYSGVAAQVEVFRRQDAQRGMRVAQVLEGFITRKVVK
QTVMTVVYGVTRYGGRLQIEKRLRELSDFPQEFVWEASHYLVRQVFKSLQEMFSGTRAIQHWLTESARLISHMGSVVEWV
TPLGVPVIQPYRLDSKVKQIGGGIQSITYTHNGDISRKPNTRKQKNGFPPNFIHSLDSSHMMLTALHCYRKGLTFVSVHD
CYWTHAADVSVMNQVCREQFVRLHSEPILQDLSRFLVKRFCSEPQKILEASQLKETLQAVPKPGAFDLEQVKRSTYFFS
;
E
3 'polydeoxyribonucleotide'
;(DG)(DG)(DA)(DC)(DA)(DT)(DG)(DG)(DT)(DG)(DT)(DA)(DA)(DT)(DT)(DA)(DT)(DT)(DT)(DC)
(DG)(DT)(DC)(DG)(DC)(DC)(DA)(DG)(DA)(DC)(DG)(DA)(DC)(DC)
;
N
4 'polyribonucleotide' AGUCUGCGGCGCGC R
5 'polydeoxyribonucleotide'
;(DG)(DG)(DT)(DC)(DG)(DT)(DC)(DT)(DG)(DG)(DC)(DG)(DA)(DG)(DC)(DG)(DC)(DG)(DC)(DC)
(DG)(DT)(DT)(DA)(DC)(DA)(DC)(DC)(DA)(DT)(DG)(DT)(DC)(DC)
;
T
#
# COMPACT_ATOMS: atom_id res chain seq x y z
N PRO A 8 -18.05 7.02 49.84
CA PRO A 8 -17.64 6.25 48.66
C PRO A 8 -18.43 6.62 47.41
N GLU A 9 -19.70 7.00 47.59
CA GLU A 9 -20.54 7.41 46.46
C GLU A 9 -19.99 8.66 45.80
N ASN A 10 -19.51 9.61 46.61
CA ASN A 10 -18.85 10.79 46.08
C ASN A 10 -17.58 10.43 45.31
N ARG A 11 -16.88 9.37 45.73
CA ARG A 11 -15.71 8.92 44.99
C ARG A 11 -16.10 8.38 43.61
N PHE A 12 -17.21 7.65 43.53
CA PHE A 12 -17.71 7.20 42.23
C PHE A 12 -18.10 8.37 41.35
N LEU A 13 -18.75 9.39 41.91
CA LEU A 13 -19.09 10.56 41.10
C LEU A 13 -17.86 11.37 40.70
N ARG A 14 -16.81 11.35 41.51
CA ARG A 14 -15.57 12.04 41.14
C ARG A 14 -14.85 11.29 40.03
N LYS A 15 -14.89 9.96 40.07
CA LYS A 15 -14.32 9.19 38.96
C LYS A 15 -15.15 9.35 37.69
N LEU A 16 -16.47 9.48 37.83
CA LEU A 16 -17.34 9.64 36.67
C LEU A 16 -17.26 11.03 36.07
N LEU A 17 -17.24 12.07 36.92
CA LEU A 17 -17.36 13.45 36.47
C LEU A 17 -16.07 14.20 36.79
N LYS A 18 -15.55 14.93 35.80
CA LYS A 18 -14.29 15.64 36.01
C LYS A 18 -14.43 16.89 36.88
N PRO A 19 -15.33 17.86 36.60
CA PRO A 19 -15.40 19.02 37.49
C PRO A 19 -16.28 18.72 38.70
N ASP A 20 -15.81 19.18 39.86
CA ASP A 20 -16.52 18.92 41.12
C ASP A 20 -17.80 19.74 41.16
N ILE A 21 -18.95 19.06 41.22
CA ILE A 21 -20.26 19.68 41.29
C ILE A 21 -21.00 19.10 42.48
N GLU A 22 -21.57 19.96 43.31
CA GLU A 22 -22.29 19.52 44.49
C GLU A 22 -23.58 18.80 44.12
N ARG A 23 -24.06 17.96 45.04
CA ARG A 23 -25.20 17.10 44.76
C ARG A 23 -26.51 17.87 44.65
N GLU A 24 -26.59 19.04 45.30
CA GLU A 24 -27.84 19.80 45.29
C GLU A 24 -28.18 20.30 43.89
N ARG A 25 -27.18 20.76 43.14
CA ARG A 25 -27.44 21.20 41.77
C ARG A 25 -27.62 20.03 40.82
N LEU A 26 -26.93 18.91 41.05
CA LEU A 26 -27.09 17.74 40.20
C LEU A 26 -28.48 17.12 40.36
N LYS A 27 -29.01 17.12 41.58
CA LYS A 27 -30.30 16.50 41.82
C LYS A 27 -31.45 17.31 41.22
N ALA A 28 -31.31 18.64 41.16
CA ALA A 28 -32.39 19.52 40.77
C ALA A 28 -32.26 20.01 39.34
N VAL A 29 -31.67 19.20 38.44
CA VAL A 29 -31.61 19.60 37.04
C VAL A 29 -32.98 19.48 36.40
N ASN A 30 -33.13 20.12 35.25
CA ASN A 30 -34.36 20.04 34.46
C ASN A 30 -34.14 19.56 33.05
N SER A 31 -33.08 20.03 32.38
CA SER A 31 -32.82 19.64 30.99
C SER A 31 -31.32 19.65 30.75
N ILE A 32 -30.84 18.68 29.97
CA ILE A 32 -29.42 18.57 29.63
C ILE A 32 -29.25 18.42 28.13
N ILE A 33 -28.04 18.70 27.67
CA ILE A 33 -27.63 18.43 26.29
C ILE A 33 -26.37 17.57 26.35
N SER A 34 -26.43 16.38 25.75
CA SER A 34 -25.30 15.48 25.64
C SER A 34 -24.66 15.65 24.26
N ILE A 35 -23.34 15.83 24.23
CA ILE A 35 -22.60 16.13 23.00
C ILE A 35 -21.47 15.12 22.87
N VAL A 36 -21.36 14.49 21.71
CA VAL A 36 -20.24 13.60 21.39
C VAL A 36 -19.66 14.03 20.05
N PHE A 37 -18.37 14.32 20.01
CA PHE A 37 -17.71 14.80 18.81
C PHE A 37 -16.61 13.84 18.37
N GLY A 38 -16.29 13.89 17.08
CA GLY A 38 -15.23 13.08 16.50
C GLY A 38 -14.43 13.87 15.49
N THR A 39 -13.58 13.19 14.72
CA THR A 39 -12.79 13.87 13.71
C THR A 39 -13.65 14.47 12.61
N ARG A 40 -14.66 13.72 12.16
CA ARG A 40 -15.47 14.13 11.02
C ARG A 40 -16.88 14.57 11.37
N ARG A 41 -17.37 14.27 12.57
CA ARG A 41 -18.78 14.46 12.88
C ARG A 41 -18.95 14.85 14.34
N ILE A 42 -20.07 15.51 14.62
CA ILE A 42 -20.50 15.82 15.98
C ILE A 42 -22.00 15.52 16.08
N ALA A 43 -22.43 15.06 17.25
CA ALA A 43 -23.84 14.79 17.48
C ALA A 43 -24.24 15.27 18.87
N TRP A 44 -25.52 15.60 19.03
CA TRP A 44 -26.01 16.03 20.32
C TRP A 44 -27.47 15.62 20.49
N ALA A 45 -27.89 15.58 21.75
CA ALA A 45 -29.25 15.20 22.10
C ALA A 45 -29.68 15.99 23.33
N HIS A 46 -30.92 16.49 23.31
CA HIS A 46 -31.46 17.28 24.41
C HIS A 46 -32.54 16.50 25.13
N LEU A 47 -32.40 16.36 26.44
CA LEU A 47 -33.32 15.54 27.24
C LEU A 47 -33.84 16.31 28.45
N ASP A 48 -35.12 16.14 28.72
CA ASP A 48 -35.83 16.76 29.83
C ASP A 48 -35.67 15.90 31.09
N ARG A 49 -36.14 16.43 32.22
CA ARG A 49 -36.09 15.68 33.47
C ARG A 49 -36.92 14.40 33.40
N LYS A 50 -38.15 14.51 32.93
CA LYS A 50 -38.89 13.36 32.42
C LYS A 50 -38.34 13.08 31.03
N LEU A 51 -37.69 11.93 30.85
CA LEU A 51 -36.77 11.72 29.75
C LEU A 51 -37.53 11.71 28.43
N THR A 52 -37.45 12.83 27.71
CA THR A 52 -38.10 13.00 26.42
C THR A 52 -37.10 13.63 25.46
N VAL A 53 -36.91 13.02 24.31
CA VAL A 53 -35.94 13.51 23.34
C VAL A 53 -36.57 14.63 22.53
N LEU A 54 -36.34 15.87 22.96
CA LEU A 54 -36.92 17.02 22.26
C LEU A 54 -36.25 17.26 20.92
N ASP A 55 -34.91 17.14 20.86
CA ASP A 55 -34.23 17.09 19.58
C ASP A 55 -32.96 16.27 19.70
N TRP A 56 -32.49 15.79 18.56
CA TRP A 56 -31.41 14.82 18.48
C TRP A 56 -30.82 14.94 17.08
N GLN A 57 -29.61 15.49 16.98
CA GLN A 57 -29.14 16.05 15.72
C GLN A 57 -27.67 15.73 15.50
N GLN A 58 -27.28 15.79 14.23
CA GLN A 58 -25.97 15.41 13.74
C GLN A 58 -25.44 16.46 12.76
N SER A 59 -24.15 16.75 12.85
CA SER A 59 -23.44 17.57 11.87
C SER A 59 -22.23 16.77 11.36
N ASP A 60 -22.08 16.70 10.04
CA ASP A 60 -21.14 15.76 9.44
C ASP A 60 -20.12 16.38 8.49
N ARG A 61 -20.32 17.63 8.05
CA ARG A 61 -19.42 18.24 7.07
C ARG A 61 -18.56 19.29 7.77
N TRP A 62 -17.25 19.06 7.79
CA TRP A 62 -16.30 19.94 8.46
C TRP A 62 -15.11 20.23 7.57
N SER A 63 -14.49 21.39 7.80
CA SER A 63 -13.19 21.70 7.26
C SER A 63 -12.05 21.28 8.18
N LEU A 64 -12.37 20.81 9.38
CA LEU A 64 -11.36 20.45 10.37
C LEU A 64 -10.75 19.08 10.06
N MET A 65 -9.62 18.82 10.70
CA MET A 65 -8.83 17.60 10.50
C MET A 65 -8.48 17.42 9.01
N ARG A 66 -8.06 18.53 8.39
CA ARG A 66 -7.52 18.52 7.03
C ARG A 66 -6.23 19.35 7.05
N GLY A 67 -5.13 18.70 7.42
CA GLY A 67 -3.84 19.36 7.37
C GLY A 67 -3.52 20.22 8.58
N ILE A 68 -3.71 21.53 8.42
CA ILE A 68 -3.28 22.52 9.40
C ILE A 68 -4.22 22.55 10.59
N TYR A 69 -3.80 23.20 11.66
CA TYR A 69 -4.59 23.39 12.88
C TYR A 69 -4.69 24.89 13.12
N SER A 70 -5.67 25.52 12.48
CA SER A 70 -5.90 26.96 12.60
C SER A 70 -7.13 27.18 13.46
N SER A 71 -6.97 27.94 14.55
CA SER A 71 -8.01 28.05 15.56
C SER A 71 -9.17 28.94 15.14
N SER A 72 -8.97 29.80 14.13
CA SER A 72 -10.08 30.63 13.65
C SER A 72 -11.15 29.78 12.98
N VAL A 73 -10.75 28.79 12.18
CA VAL A 73 -11.71 27.88 11.57
C VAL A 73 -12.42 27.06 12.64
N TYR A 74 -11.69 26.64 13.67
CA TYR A 74 -12.29 25.93 14.80
C TYR A 74 -13.35 26.79 15.47
N LEU A 75 -13.04 28.07 15.71
CA LEU A 75 -14.00 28.96 16.35
C LEU A 75 -15.24 29.16 15.49
N GLU A 76 -15.05 29.34 14.18
CA GLU A 76 -16.19 29.53 13.29
C GLU A 76 -17.09 28.31 13.25
N GLU A 77 -16.49 27.11 13.12
CA GLU A 77 -17.29 25.89 13.07
C GLU A 77 -18.00 25.62 14.39
N ILE A 78 -17.31 25.82 15.52
CA ILE A 78 -17.94 25.60 16.82
C ILE A 78 -19.08 26.58 17.05
N SER A 79 -18.89 27.84 16.64
CA SER A 79 -19.97 28.82 16.77
C SER A 79 -21.17 28.43 15.92
N SER A 80 -20.92 27.94 14.70
CA SER A 80 -22.02 27.50 13.84
C SER A 80 -22.77 26.33 14.45
N ILE A 81 -22.05 25.39 15.06
CA ILE A 81 -22.72 24.25 15.70
C ILE A 81 -23.51 24.69 16.93
N ILE A 82 -22.93 25.57 17.76
CA ILE A 82 -23.56 25.99 19.00
C ILE A 82 -24.80 26.84 18.72
N SER A 83 -24.81 27.57 17.59
CA SER A 83 -25.96 28.41 17.26
C SER A 83 -27.24 27.61 17.12
N LYS A 84 -27.14 26.38 16.57
CA LYS A 84 -28.33 25.53 16.44
C LYS A 84 -28.77 24.95 17.78
N MET A 85 -27.85 24.81 18.73
CA MET A 85 -28.19 24.16 19.99
C MET A 85 -29.10 25.03 20.84
N PRO A 86 -30.13 24.47 21.44
CA PRO A 86 -30.96 25.22 22.39
C PRO A 86 -30.25 25.35 23.73
N LYS A 87 -30.94 25.97 24.69
CA LYS A 87 -30.41 26.17 26.02
C LYS A 87 -30.78 25.01 26.93
N ALA A 88 -29.95 24.77 27.94
CA ALA A 88 -30.18 23.70 28.90
C ALA A 88 -29.39 24.01 30.16
N ASP A 89 -29.70 23.26 31.22
CA ASP A 89 -29.03 23.49 32.50
C ASP A 89 -27.58 22.99 32.47
N PHE A 90 -27.36 21.80 31.93
CA PHE A 90 -26.03 21.21 31.89
C PHE A 90 -25.71 20.67 30.50
N TYR A 91 -24.43 20.74 30.15
CA TYR A 91 -23.90 20.29 28.87
C TYR A 91 -22.87 19.22 29.16
N VAL A 92 -23.19 17.98 28.79
CA VAL A 92 -22.34 16.82 29.08
C VAL A 92 -21.49 16.54 27.85
N LEU A 93 -20.19 16.34 28.09
CA LEU A 93 -19.21 16.09 27.04
C LEU A 93 -18.50 14.77 27.29
N GLU A 94 -18.13 14.10 26.20
CA GLU A 94 -17.46 12.82 26.32
C GLU A 94 -15.96 13.01 26.53
N LYS A 95 -15.39 12.20 27.41
CA LYS A 95 -13.97 12.22 27.71
C LYS A 95 -13.35 10.93 27.19
N THR A 96 -12.37 11.07 26.30
CA THR A 96 -11.68 9.93 25.73
C THR A 96 -10.55 9.47 26.64
N GLY A 97 -10.09 8.26 26.41
CA GLY A 97 -9.00 7.68 27.16
C GLY A 97 -7.62 7.96 26.62
N LEU A 98 -7.52 8.81 25.60
CA LEU A 98 -6.22 9.13 25.01
C LEU A 98 -5.34 9.89 26.00
N SER A 99 -4.05 9.58 25.99
CA SER A 99 -3.07 10.23 26.84
C SER A 99 -1.96 10.82 25.97
N ILE A 100 -1.10 11.61 26.60
CA ILE A 100 0.01 12.23 25.89
C ILE A 100 1.10 11.21 25.56
N GLN A 101 1.06 10.03 26.18
CA GLN A 101 2.10 9.02 25.93
C GLN A 101 2.07 8.50 24.50
N ASN A 102 0.87 8.29 23.96
CA ASN A 102 0.74 7.80 22.58
C ASN A 102 1.06 8.93 21.62
N SER A 103 2.27 8.92 21.07
CA SER A 103 2.68 10.00 20.17
C SER A 103 2.02 9.90 18.80
N SER A 104 1.85 8.68 18.28
CA SER A 104 1.28 8.51 16.95
C SER A 104 -0.15 9.02 16.87
N LEU A 105 -0.88 8.95 18.00
CA LEU A 105 -2.24 9.43 18.08
C LEU A 105 -2.31 10.89 18.53
N PHE A 106 -1.18 11.59 18.58
CA PHE A 106 -1.18 12.99 18.98
C PHE A 106 -2.02 13.92 18.08
N PRO A 107 -2.02 13.81 16.74
CA PRO A 107 -2.88 14.70 15.95
C PRO A 107 -4.37 14.62 16.28
N ILE A 108 -4.89 13.44 16.61
CA ILE A 108 -6.26 13.36 17.09
C ILE A 108 -6.39 14.06 18.44
N LEU A 109 -5.45 13.78 19.35
CA LEU A 109 -5.57 14.28 20.73
C LEU A 109 -5.56 15.80 20.76
N LEU A 110 -4.66 16.42 19.99
CA LEU A 110 -4.65 17.87 19.82
C LEU A 110 -6.03 18.39 19.44
N HIS A 111 -6.64 17.74 18.44
CA HIS A 111 -8.00 18.10 18.02
C HIS A 111 -8.96 18.00 19.20
N PHE A 112 -8.93 16.88 19.92
CA PHE A 112 -9.84 16.69 21.04
C PHE A 112 -9.58 17.69 22.16
N HIS A 113 -8.37 18.25 22.22
CA HIS A 113 -8.10 19.25 23.24
C HIS A 113 -8.47 20.65 22.78
N ILE A 114 -8.58 20.89 21.48
CA ILE A 114 -8.96 22.24 21.03
C ILE A 114 -10.46 22.43 21.18
N MET A 115 -11.25 21.52 20.60
CA MET A 115 -12.70 21.66 20.58
C MET A 115 -13.27 21.74 21.99
N GLU A 116 -12.83 20.84 22.87
CA GLU A 116 -13.26 20.87 24.26
C GLU A 116 -12.93 22.21 24.89
N ALA A 117 -11.74 22.75 24.60
CA ALA A 117 -11.35 24.05 25.13
C ALA A 117 -12.29 25.14 24.67
N MET A 118 -12.80 25.03 23.44
CA MET A 118 -13.81 25.98 23.00
C MET A 118 -15.18 25.64 23.60
N LEU A 119 -15.49 24.36 23.75
CA LEU A 119 -16.80 23.98 24.26
C LEU A 119 -16.94 24.33 25.74
N TYR A 120 -15.84 24.31 26.48
CA TYR A 120 -15.85 24.84 27.84
C TYR A 120 -15.96 26.35 27.86
N ALA A 121 -15.50 27.02 26.81
CA ALA A 121 -15.47 28.48 26.83
C ALA A 121 -16.79 29.07 26.32
N LEU A 122 -17.25 28.63 25.15
CA LEU A 122 -18.43 29.23 24.54
C LEU A 122 -19.72 28.82 25.23
N LEU A 123 -19.82 27.55 25.64
CA LEU A 123 -21.07 27.07 26.25
C LEU A 123 -21.25 27.54 27.67
N ASN A 124 -20.17 27.75 28.42
CA ASN A 124 -20.26 28.14 29.83
C ASN A 124 -20.46 29.65 29.93
N LYS A 125 -21.64 30.09 29.52
CA LYS A 125 -22.00 31.48 29.65
C LYS A 125 -22.27 31.82 31.11
N THR A 126 -22.13 33.12 31.42
CA THR A 126 -22.31 33.68 32.77
C THR A 126 -21.37 33.05 33.79
N PHE A 127 -20.26 32.47 33.35
CA PHE A 127 -19.26 31.96 34.29
C PHE A 127 -18.46 33.09 34.92
N ALA A 128 -18.32 34.22 34.21
CA ALA A 128 -17.60 35.36 34.77
C ALA A 128 -18.34 35.95 35.97
N GLN A 129 -19.66 36.04 35.90
CA GLN A 129 -20.44 36.60 37.00
C GLN A 129 -20.69 35.55 38.09
N ASP A 130 -21.29 34.42 37.73
CA ASP A 130 -21.69 33.44 38.73
C ASP A 130 -20.48 32.71 39.32
N GLY A 131 -19.56 32.27 38.46
CA GLY A 131 -18.40 31.54 38.92
C GLY A 131 -18.62 30.05 39.12
N GLN A 132 -19.72 29.51 38.63
CA GLN A 132 -20.05 28.09 38.81
C GLN A 132 -20.04 27.39 37.46
N HIS A 133 -19.55 26.15 37.46
CA HIS A 133 -19.39 25.39 36.23
C HIS A 133 -20.73 24.92 35.69
N GLN A 134 -20.83 24.86 34.36
CA GLN A 134 -22.02 24.35 33.68
C GLN A 134 -21.71 23.34 32.60
N VAL A 135 -20.44 23.08 32.30
CA VAL A 135 -20.03 22.07 31.34
C VAL A 135 -19.21 21.02 32.08
N LEU A 136 -19.60 19.75 31.92
CA LEU A 136 -18.96 18.66 32.63
C LEU A 136 -18.58 17.55 31.65
N SER A 137 -17.51 16.83 31.99
CA SER A 137 -16.99 15.75 31.17
C SER A 137 -17.25 14.41 31.86
N MET A 138 -17.74 13.43 31.09
CA MET A 138 -18.07 12.11 31.60
C MET A 138 -17.24 11.06 30.87
N ASN A 139 -16.67 10.14 31.63
CA ASN A 139 -15.84 9.07 31.05
C ASN A 139 -16.70 8.10 30.26
N ARG A 140 -16.21 7.69 29.09
CA ARG A 140 -16.95 6.79 28.23
C ARG A 140 -16.90 5.34 28.73
N ASN A 141 -15.82 4.97 29.43
CA ASN A 141 -15.70 3.60 29.93
C ASN A 141 -16.72 3.31 31.02
N ALA A 142 -17.00 4.29 31.88
CA ALA A 142 -18.01 4.10 32.91
C ALA A 142 -19.40 3.94 32.29
N VAL A 143 -19.69 4.71 31.24
CA VAL A 143 -20.98 4.57 30.55
C VAL A 143 -21.08 3.21 29.90
N GLY A 144 -20.00 2.74 29.28
CA GLY A 144 -20.00 1.40 28.68
C GLY A 144 -20.18 0.30 29.71
N LYS A 145 -19.55 0.46 30.88
CA LYS A 145 -19.73 -0.51 31.95
C LYS A 145 -21.17 -0.50 32.47
N HIS A 146 -21.78 0.69 32.55
CA HIS A 146 -23.17 0.79 32.96
C HIS A 146 -24.10 0.10 31.97
N PHE A 147 -23.82 0.25 30.67
CA PHE A 147 -24.64 -0.34 29.63
C PHE A 147 -24.18 -1.72 29.21
N GLU A 148 -23.16 -2.27 29.89
CA GLU A 148 -22.62 -3.61 29.61
C GLU A 148 -22.13 -3.73 28.16
N LEU A 149 -21.50 -2.66 27.67
CA LEU A 149 -20.96 -2.62 26.32
C LEU A 149 -19.44 -2.81 26.31
N MET A 150 -18.87 -3.29 27.40
CA MET A 150 -17.43 -3.42 27.54
C MET A 150 -17.03 -4.89 27.37
N ILE A 151 -16.25 -5.17 26.34
CA ILE A 151 -15.65 -6.48 26.12
C ILE A 151 -14.14 -6.31 26.21
N GLY A 152 -13.53 -6.99 27.17
CA GLY A 152 -12.13 -6.72 27.46
C GLY A 152 -11.97 -5.30 27.97
N ASP A 153 -11.02 -4.57 27.38
CA ASP A 153 -10.83 -3.16 27.68
C ASP A 153 -11.36 -2.25 26.58
N SER A 154 -12.08 -2.81 25.61
CA SER A 154 -12.58 -2.06 24.46
C SER A 154 -14.10 -1.95 24.56
N ARG A 155 -14.60 -0.71 24.54
CA ARG A 155 -16.04 -0.47 24.55
C ARG A 155 -16.61 -0.70 23.16
N THR A 156 -17.75 -1.39 23.11
CA THR A 156 -18.37 -1.79 21.85
C THR A 156 -19.54 -0.86 21.51
N SER A 157 -20.03 -1.02 20.28
CA SER A 157 -21.06 -0.13 19.76
C SER A 157 -22.40 -0.40 20.41
N GLY A 158 -23.24 0.63 20.45
CA GLY A 158 -24.56 0.53 21.05
C GLY A 158 -25.70 0.77 20.07
N LYS A 159 -25.51 0.36 18.82
CA LYS A 159 -26.55 0.52 17.81
C LYS A 159 -27.77 -0.33 18.12
N GLU A 160 -27.56 -1.55 18.60
CA GLU A 160 -28.67 -2.44 18.91
C GLU A 160 -29.53 -1.90 20.05
N LEU A 161 -28.90 -1.33 21.07
CA LEU A 161 -29.64 -0.76 22.19
C LEU A 161 -30.50 0.41 21.73
N VAL A 162 -29.95 1.27 20.87
CA VAL A 162 -30.72 2.41 20.36
C VAL A 162 -31.86 1.94 19.47
N LYS A 163 -31.63 0.88 18.68
CA LYS A 163 -32.71 0.31 17.88
C LYS A 163 -33.81 -0.25 18.76
N GLN A 164 -33.44 -0.88 19.88
CA GLN A 164 -34.45 -1.35 20.83
C GLN A 164 -35.20 -0.17 21.46
N PHE A 165 -34.50 0.93 21.71
CA PHE A 165 -35.16 2.11 22.28
C PHE A 165 -36.17 2.70 21.30
N LEU A 166 -35.81 2.75 20.02
CA LEU A 166 -36.56 3.56 19.06
C LEU A 166 -37.70 2.79 18.39
N PHE A 167 -37.41 1.61 17.82
CA PHE A 167 -38.39 0.90 17.00
C PHE A 167 -39.28 -0.04 17.78
N ASP A 168 -39.14 -0.12 19.10
CA ASP A 168 -40.02 -0.94 19.93
C ASP A 168 -41.19 -0.07 20.36
N SER A 169 -42.29 -0.16 19.62
CA SER A 169 -43.47 0.66 19.87
C SER A 169 -44.38 0.10 20.96
N ILE A 170 -44.14 -1.14 21.40
CA ILE A 170 -44.95 -1.70 22.49
C ILE A 170 -44.56 -1.03 23.80
N LEU A 171 -45.53 -0.92 24.72
CA LEU A 171 -45.29 -0.25 25.98
C LEU A 171 -44.24 -0.98 26.82
N LYS A 172 -44.31 -2.32 26.83
CA LYS A 172 -43.41 -3.21 27.59
C LYS A 172 -43.52 -2.83 29.08
N ALA A 173 -42.41 -2.76 29.81
CA ALA A 173 -42.44 -2.39 31.22
C ALA A 173 -41.27 -1.45 31.52
N ASP A 174 -41.60 -0.25 31.98
CA ASP A 174 -40.66 0.80 32.37
C ASP A 174 -39.64 1.12 31.28
N PRO A 175 -40.04 1.78 30.19
CA PRO A 175 -39.07 2.16 29.17
C PRO A 175 -38.08 3.19 29.68
N ARG A 176 -36.85 3.11 29.18
CA ARG A 176 -35.81 4.03 29.62
C ARG A 176 -36.02 5.43 29.08
N VAL A 177 -36.36 5.55 27.79
CA VAL A 177 -36.44 6.85 27.13
C VAL A 177 -37.77 6.94 26.37
N PHE A 178 -38.32 8.16 26.35
CA PHE A 178 -39.57 8.44 25.64
C PHE A 178 -39.27 9.30 24.43
N PHE A 179 -39.73 8.86 23.27
CA PHE A 179 -39.64 9.66 22.05
C PHE A 179 -40.99 10.27 21.75
N PRO A 180 -41.06 11.58 21.52
CA PRO A 180 -42.36 12.21 21.24
C PRO A 180 -42.95 11.73 19.92
N SER A 181 -44.28 11.71 19.87
CA SER A 181 -44.99 11.17 18.72
C SER A 181 -44.78 12.03 17.47
N ASP A 182 -44.56 13.34 17.63
CA ASP A 182 -44.40 14.21 16.48
C ASP A 182 -43.05 13.99 15.81
N LYS A 183 -41.99 13.74 16.59
CA LYS A 183 -40.64 13.66 16.07
C LYS A 183 -40.13 12.24 15.91
N ILE A 184 -40.96 11.22 16.19
CA ILE A 184 -40.48 9.85 16.13
C ILE A 184 -40.24 9.39 14.70
N VAL A 185 -41.03 9.89 13.75
CA VAL A 185 -40.87 9.49 12.35
C VAL A 185 -39.53 9.99 11.81
N HIS A 186 -39.18 11.24 12.10
CA HIS A 186 -37.89 11.78 11.65
C HIS A 186 -36.73 11.06 12.32
N TYR A 187 -36.90 10.68 13.60
CA TYR A 187 -35.87 9.92 14.30
C TYR A 187 -35.63 8.57 13.65
N ARG A 188 -36.72 7.87 13.31
CA ARG A 188 -36.58 6.58 12.65
C ARG A 188 -35.99 6.73 11.24
N GLN A 189 -36.35 7.81 10.55
CA GLN A 189 -35.77 8.06 9.23
C GLN A 189 -34.27 8.30 9.32
N MET A 190 -33.83 9.08 10.31
CA MET A 190 -32.40 9.32 10.49
C MET A 190 -31.67 8.04 10.88
N PHE A 191 -32.30 7.20 11.71
CA PHE A 191 -31.70 5.92 12.06
C PHE A 191 -31.56 5.01 10.84
N LEU A 192 -32.59 4.96 10.00
CA LEU A 192 -32.55 4.05 8.85
C LEU A 192 -31.64 4.56 7.74
N SER A 193 -31.48 5.88 7.64
CA SER A 193 -30.63 6.43 6.57
C SER A 193 -29.17 6.06 6.77
N THR A 194 -28.67 6.16 7.99
CA THR A 194 -27.26 5.88 8.28
C THR A 194 -27.11 4.47 8.84
N GLU A 195 -27.34 3.48 7.97
CA GLU A 195 -27.16 2.08 8.31
C GLU A 195 -25.96 1.44 7.65
N LEU A 196 -25.65 1.81 6.41
CA LEU A 196 -24.43 1.31 5.77
C LEU A 196 -23.19 1.99 6.35
N GLN A 197 -23.27 3.30 6.59
CA GLN A 197 -22.22 4.06 7.24
C GLN A 197 -22.65 4.32 8.68
N ARG A 198 -21.91 3.76 9.64
CA ARG A 198 -22.29 3.85 11.04
C ARG A 198 -21.80 5.16 11.63
N VAL A 199 -22.71 5.92 12.23
CA VAL A 199 -22.39 7.20 12.87
C VAL A 199 -22.43 7.00 14.38
N GLU A 200 -21.25 6.78 14.96
CA GLU A 200 -21.14 6.37 16.36
C GLU A 200 -21.60 7.46 17.32
N GLU A 201 -21.33 8.73 17.00
CA GLU A 201 -21.65 9.83 17.90
C GLU A 201 -23.15 9.97 18.13
N LEU A 202 -23.94 9.67 17.10
CA LEU A 202 -25.39 9.74 17.24
C LEU A 202 -25.92 8.77 18.28
N TYR A 203 -25.22 7.65 18.47
CA TYR A 203 -25.60 6.67 19.48
C TYR A 203 -25.02 7.01 20.85
N ASP A 204 -23.76 7.44 20.86
CA ASP A 204 -23.08 7.76 22.12
C ASP A 204 -23.72 8.96 22.81
N SER A 205 -24.28 9.91 22.06
CA SER A 205 -24.95 11.05 22.68
C SER A 205 -26.15 10.61 23.51
N LEU A 206 -27.02 9.78 22.93
CA LEU A 206 -28.19 9.30 23.66
C LEU A 206 -27.78 8.40 24.83
N LEU A 207 -26.79 7.53 24.61
CA LEU A 207 -26.34 6.67 25.69
C LEU A 207 -25.77 7.48 26.85
N GLN A 208 -25.00 8.52 26.54
CA GLN A 208 -24.46 9.38 27.60
C GLN A 208 -25.55 10.15 28.32
N ALA A 209 -26.58 10.57 27.59
CA ALA A 209 -27.69 11.27 28.23
C ALA A 209 -28.41 10.37 29.23
N ILE A 210 -28.71 9.14 28.83
CA ILE A 210 -29.36 8.20 29.74
C ILE A 210 -28.45 7.86 30.92
N ALA A 211 -27.16 7.68 30.66
CA ALA A 211 -26.22 7.34 31.73
C ALA A 211 -26.09 8.48 32.74
N PHE A 212 -26.08 9.72 32.26
CA PHE A 212 -26.04 10.85 33.19
C PHE A 212 -27.33 10.95 33.98
N TYR A 213 -28.48 10.74 33.32
CA TYR A 213 -29.75 10.83 34.03
C TYR A 213 -29.99 9.68 34.99
N GLU A 214 -29.21 8.59 34.89
CA GLU A 214 -29.36 7.51 35.85
C GLU A 214 -28.28 7.48 36.93
N LEU A 215 -27.01 7.67 36.58
CA LEU A 215 -25.94 7.53 37.56
C LEU A 215 -25.83 8.72 38.51
N ALA A 216 -26.04 9.94 38.01
CA ALA A 216 -25.90 11.13 38.84
C ALA A 216 -27.26 11.66 39.28
N VAL A 217 -28.15 11.92 38.34
CA VAL A 217 -29.54 12.21 38.66
C VAL A 217 -30.24 10.89 38.94
N PHE A 218 -31.24 10.91 39.84
CA PHE A 218 -32.03 9.74 40.20
C PHE A 218 -31.16 8.60 40.73
N ASP A 219 -30.09 8.93 41.45
CA ASP A 219 -29.17 7.92 41.96
C ASP A 219 -29.80 7.16 43.13
N LEU B 13 -1.65 40.97 4.46
CA LEU B 13 -0.57 40.48 5.31
C LEU B 13 -0.78 39.00 5.63
N ARG B 14 -0.77 38.17 4.59
CA ARG B 14 -0.98 36.74 4.78
C ARG B 14 0.16 36.09 5.54
N LYS B 15 1.40 36.46 5.21
CA LYS B 15 2.56 35.85 5.86
C LYS B 15 2.78 36.38 7.27
N LEU B 16 2.41 37.63 7.54
CA LEU B 16 2.66 38.21 8.85
C LEU B 16 1.53 37.85 9.82
N LEU B 17 0.29 38.06 9.43
CA LEU B 17 -0.87 37.80 10.28
C LEU B 17 -1.55 36.52 9.81
N LYS B 18 -1.85 35.63 10.77
CA LYS B 18 -2.44 34.34 10.39
C LYS B 18 -3.92 34.46 10.00
N PRO B 19 -4.80 35.14 10.76
CA PRO B 19 -6.17 35.31 10.26
C PRO B 19 -6.23 36.38 9.19
N ASP B 20 -7.08 36.15 8.20
CA ASP B 20 -7.31 37.16 7.17
C ASP B 20 -8.06 38.36 7.77
N ILE B 21 -7.65 39.55 7.36
CA ILE B 21 -8.20 40.78 7.92
C ILE B 21 -8.07 41.89 6.89
N GLU B 22 -9.06 42.77 6.84
CA GLU B 22 -9.05 43.88 5.91
C GLU B 22 -8.07 44.95 6.38
N ARG B 23 -7.32 45.51 5.43
CA ARG B 23 -6.35 46.54 5.75
C ARG B 23 -7.01 47.84 6.19
N GLU B 24 -8.20 48.14 5.63
CA GLU B 24 -8.91 49.36 6.00
C GLU B 24 -9.31 49.32 7.48
N ARG B 25 -9.77 48.16 7.96
CA ARG B 25 -10.07 48.02 9.38
C ARG B 25 -8.80 47.98 10.22
N LEU B 26 -7.67 47.54 9.63
CA LEU B 26 -6.41 47.56 10.35
C LEU B 26 -5.93 48.99 10.61
N LYS B 27 -6.10 49.88 9.63
CA LYS B 27 -5.61 51.24 9.78
C LYS B 27 -6.30 51.99 10.91
N ALA B 28 -7.62 51.79 11.06
CA ALA B 28 -8.39 52.52 12.06
C ALA B 28 -8.47 51.71 13.34
N VAL B 29 -7.39 51.76 14.12
CA VAL B 29 -7.31 51.10 15.42
C VAL B 29 -6.84 52.10 16.45
N ASN B 30 -7.41 52.03 17.66
CA ASN B 30 -7.06 52.95 18.73
C ASN B 30 -5.97 52.38 19.63
N SER B 31 -6.22 51.24 20.24
CA SER B 31 -5.26 50.62 21.15
C SER B 31 -5.32 49.11 21.00
N ILE B 32 -4.22 48.44 21.31
CA ILE B 32 -4.07 47.01 21.10
C ILE B 32 -3.52 46.38 22.37
N ILE B 33 -3.99 45.17 22.67
CA ILE B 33 -3.42 44.32 23.71
C ILE B 33 -2.51 43.32 23.03
N SER B 34 -1.28 43.20 23.53
CA SER B 34 -0.33 42.20 23.04
C SER B 34 -0.07 41.21 24.16
N ILE B 35 -0.25 39.92 23.87
CA ILE B 35 -0.23 38.87 24.89
C ILE B 35 0.83 37.85 24.51
N VAL B 36 1.68 37.48 25.47
CA VAL B 36 2.67 36.43 25.28
C VAL B 36 2.57 35.46 26.45
N PHE B 37 2.48 34.18 26.13
CA PHE B 37 2.37 33.13 27.14
C PHE B 37 3.56 32.19 27.10
N GLY B 38 3.92 31.68 28.27
CA GLY B 38 4.94 30.69 28.40
C GLY B 38 4.41 29.52 29.21
N THR B 39 5.32 28.59 29.52
CA THR B 39 4.94 27.45 30.35
C THR B 39 4.48 27.88 31.73
N ARG B 40 5.14 28.89 32.31
CA ARG B 40 4.88 29.24 33.71
C ARG B 40 4.24 30.61 33.92
N ARG B 41 4.29 31.52 32.94
CA ARG B 41 3.83 32.88 33.19
C ARG B 41 3.13 33.46 31.96
N ILE B 42 2.24 34.41 32.22
CA ILE B 42 1.55 35.19 31.19
C ILE B 42 1.96 36.65 31.34
N ALA B 43 2.21 37.31 30.20
CA ALA B 43 2.48 38.73 30.17
C ALA B 43 1.65 39.39 29.07
N TRP B 44 1.28 40.65 29.29
CA TRP B 44 0.58 41.41 28.27
C TRP B 44 0.95 42.88 28.38
N ALA B 45 0.55 43.62 27.35
CA ALA B 45 0.87 45.04 27.24
C ALA B 45 -0.23 45.75 26.46
N HIS B 46 -0.71 46.86 27.03
CA HIS B 46 -1.74 47.70 26.42
C HIS B 46 -1.05 48.93 25.84
N LEU B 47 -1.09 49.08 24.52
CA LEU B 47 -0.37 50.13 23.80
C LEU B 47 -1.29 50.76 22.75
N ASP B 48 -1.33 52.09 22.71
CA ASP B 48 -2.29 52.79 21.85
C ASP B 48 -1.66 53.20 20.52
N ARG B 49 -2.41 53.99 19.75
CA ARG B 49 -1.94 54.41 18.43
C ARG B 49 -0.74 55.34 18.50
N LYS B 50 -0.67 56.18 19.54
CA LYS B 50 0.42 57.14 19.70
C LYS B 50 1.68 56.52 20.27
N LEU B 51 1.78 55.18 20.25
CA LEU B 51 2.95 54.43 20.70
C LEU B 51 3.29 54.71 22.17
N THR B 52 2.27 54.99 22.97
CA THR B 52 2.43 55.21 24.40
C THR B 52 1.87 54.02 25.15
N VAL B 53 2.69 53.41 26.01
CA VAL B 53 2.27 52.21 26.72
C VAL B 53 1.31 52.59 27.85
N LEU B 54 0.09 52.04 27.79
CA LEU B 54 -0.86 52.28 28.86
C LEU B 54 -0.72 51.25 29.96
N ASP B 55 -0.39 50.01 29.60
CA ASP B 55 -0.24 48.98 30.63
C ASP B 55 0.82 47.99 30.21
N TRP B 56 1.44 47.34 31.21
CA TRP B 56 2.50 46.38 30.97
C TRP B 56 2.58 45.50 32.22
N GLN B 57 2.15 44.24 32.11
CA GLN B 57 2.00 43.44 33.32
C GLN B 57 2.27 41.98 33.02
N GLN B 58 2.62 41.23 34.07
CA GLN B 58 2.78 39.79 34.02
C GLN B 58 2.33 39.20 35.35
N SER B 59 1.89 37.94 35.32
CA SER B 59 1.38 37.30 36.53
C SER B 59 2.25 36.09 36.87
N ASP B 60 2.46 35.86 38.17
CA ASP B 60 3.33 34.79 38.64
C ASP B 60 2.55 33.52 39.02
N ARG B 61 1.35 33.66 39.59
CA ARG B 61 0.59 32.50 40.03
C ARG B 61 -0.08 31.86 38.83
N TRP B 62 0.28 30.61 38.55
CA TRP B 62 -0.09 29.95 37.30
C TRP B 62 -0.96 28.72 37.50
N SER B 63 -0.53 27.78 38.34
CA SER B 63 -1.28 26.59 38.75
C SER B 63 -1.59 25.65 37.59
N LEU B 64 -0.82 25.72 36.51
CA LEU B 64 -0.99 24.83 35.37
C LEU B 64 0.35 24.15 35.07
N MET B 65 0.34 23.28 34.05
CA MET B 65 1.49 22.46 33.66
C MET B 65 2.00 21.61 34.83
N ARG B 66 1.07 21.06 35.60
CA ARG B 66 1.38 20.17 36.71
C ARG B 66 1.22 18.70 36.33
N GLY B 67 1.07 18.39 35.04
CA GLY B 67 0.98 17.03 34.58
C GLY B 67 -0.43 16.53 34.31
N ILE B 68 -1.45 17.26 34.74
CA ILE B 68 -2.84 16.87 34.55
C ILE B 68 -3.55 18.00 33.78
N TYR B 69 -3.89 17.71 32.53
CA TYR B 69 -4.65 18.67 31.73
C TYR B 69 -6.12 18.65 32.16
N SER B 70 -6.68 19.83 32.39
CA SER B 70 -8.06 19.95 32.83
C SER B 70 -8.62 21.26 32.29
N SER B 71 -9.63 21.15 31.43
CA SER B 71 -10.18 22.34 30.78
C SER B 71 -10.88 23.27 31.76
N SER B 72 -11.42 22.73 32.86
CA SER B 72 -12.05 23.58 33.86
C SER B 72 -11.03 24.48 34.55
N VAL B 73 -9.86 23.93 34.89
CA VAL B 73 -8.81 24.72 35.52
C VAL B 73 -8.28 25.77 34.55
N TYR B 74 -8.12 25.40 33.28
CA TYR B 74 -7.73 26.37 32.26
C TYR B 74 -8.76 27.49 32.13
N LEU B 75 -10.05 27.13 32.15
CA LEU B 75 -11.09 28.14 32.05
C LEU B 75 -11.05 29.10 33.24
N GLU B 76 -10.85 28.57 34.44
CA GLU B 76 -10.75 29.42 35.63
C GLU B 76 -9.56 30.36 35.55
N GLU B 77 -8.39 29.83 35.15
CA GLU B 77 -7.20 30.66 35.07
C GLU B 77 -7.32 31.75 34.02
N ILE B 78 -7.79 31.39 32.82
CA ILE B 78 -7.92 32.40 31.77
C ILE B 78 -9.00 33.42 32.13
N SER B 79 -10.08 33.01 32.80
CA SER B 79 -11.07 33.98 33.24
C SER B 79 -10.48 34.96 34.25
N SER B 80 -9.71 34.46 35.21
CA SER B 80 -9.08 35.33 36.20
C SER B 80 -8.09 36.29 35.55
N ILE B 81 -7.33 35.80 34.55
CA ILE B 81 -6.37 36.66 33.87
C ILE B 81 -7.06 37.71 33.01
N ILE B 82 -8.12 37.32 32.28
CA ILE B 82 -8.83 38.24 31.41
C ILE B 82 -9.57 39.31 32.21
N SER B 83 -10.02 38.98 33.42
CA SER B 83 -10.76 39.95 34.23
C SER B 83 -9.91 41.18 34.56
N LYS B 84 -8.59 41.02 34.63
CA LYS B 84 -7.71 42.16 34.88
C LYS B 84 -7.50 43.02 33.63
N MET B 85 -7.56 42.43 32.45
CA MET B 85 -7.18 43.13 31.23
C MET B 85 -8.20 44.21 30.87
N PRO B 86 -7.73 45.39 30.45
CA PRO B 86 -8.65 46.41 29.94
C PRO B 86 -9.09 46.14 28.52
N LYS B 87 -10.16 46.82 28.12
CA LYS B 87 -10.74 46.63 26.80
C LYS B 87 -9.90 47.32 25.72
N ALA B 88 -9.82 46.68 24.56
CA ALA B 88 -9.17 47.25 23.39
C ALA B 88 -9.86 46.72 22.15
N ASP B 89 -9.37 47.13 20.98
CA ASP B 89 -9.99 46.73 19.72
C ASP B 89 -9.33 45.53 19.07
N PHE B 90 -8.11 45.18 19.45
CA PHE B 90 -7.44 44.02 18.89
C PHE B 90 -6.56 43.35 19.94
N TYR B 91 -6.54 42.03 19.89
CA TYR B 91 -5.74 41.21 20.79
C TYR B 91 -4.76 40.41 19.93
N VAL B 92 -3.47 40.63 20.14
CA VAL B 92 -2.42 40.04 19.32
C VAL B 92 -1.76 38.94 20.14
N LEU B 93 -1.95 37.70 19.71
CA LEU B 93 -1.34 36.54 20.32
C LEU B 93 -0.11 36.14 19.50
N GLU B 94 0.86 35.55 20.17
CA GLU B 94 2.04 35.10 19.46
C GLU B 94 1.77 33.79 18.74
N LYS B 95 2.61 33.51 17.75
CA LYS B 95 2.65 32.20 17.09
C LYS B 95 4.01 31.59 17.37
N THR B 96 4.02 30.37 17.91
CA THR B 96 5.26 29.79 18.39
C THR B 96 6.10 29.18 17.27
N GLY B 97 5.47 28.71 16.20
CA GLY B 97 6.18 28.20 15.06
C GLY B 97 6.68 26.77 15.20
N LEU B 98 6.34 26.07 16.28
CA LEU B 98 6.75 24.69 16.43
C LEU B 98 6.01 23.79 15.44
N SER B 99 6.62 22.66 15.14
CA SER B 99 6.09 21.71 14.18
C SER B 99 5.51 20.50 14.89
N ILE B 100 4.52 19.86 14.25
CA ILE B 100 3.88 18.68 14.81
C ILE B 100 4.74 17.43 14.66
N GLN B 101 5.80 17.48 13.86
CA GLN B 101 6.65 16.31 13.66
C GLN B 101 7.55 16.05 14.85
N ASN B 102 7.92 17.08 15.61
CA ASN B 102 8.83 16.91 16.75
C ASN B 102 8.05 16.32 17.92
N SER B 103 8.40 15.10 18.30
CA SER B 103 7.67 14.41 19.37
C SER B 103 7.97 15.02 20.73
N SER B 104 9.23 15.38 20.99
CA SER B 104 9.63 15.88 22.30
C SER B 104 8.97 17.19 22.66
N LEU B 105 8.46 17.94 21.68
CA LEU B 105 7.75 19.19 21.92
C LEU B 105 6.26 18.98 22.12
N PHE B 106 5.79 17.73 22.16
CA PHE B 106 4.36 17.45 22.30
C PHE B 106 3.77 17.97 23.61
N PRO B 107 4.36 17.74 24.81
CA PRO B 107 3.69 18.23 26.03
C PRO B 107 3.55 19.74 26.11
N ILE B 108 4.42 20.49 25.45
CA ILE B 108 4.34 21.95 25.48
C ILE B 108 3.41 22.47 24.40
N LEU B 109 3.53 21.94 23.17
CA LEU B 109 2.80 22.48 22.02
C LEU B 109 1.29 22.42 22.25
N LEU B 110 0.81 21.28 22.76
CA LEU B 110 -0.60 21.14 23.12
C LEU B 110 -1.07 22.28 24.00
N HIS B 111 -0.27 22.60 25.04
CA HIS B 111 -0.62 23.67 25.96
C HIS B 111 -0.87 24.96 25.20
N PHE B 112 0.02 25.29 24.26
CA PHE B 112 -0.12 26.54 23.52
C PHE B 112 -1.44 26.58 22.78
N HIS B 113 -1.78 25.48 22.07
CA HIS B 113 -3.02 25.46 21.33
C HIS B 113 -4.22 25.62 22.26
N ILE B 114 -4.18 24.93 23.41
CA ILE B 114 -5.29 25.06 24.35
C ILE B 114 -5.40 26.50 24.81
N MET B 115 -4.26 27.10 25.17
CA MET B 115 -4.28 28.48 25.63
C MET B 115 -4.65 29.41 24.48
N GLU B 116 -4.30 29.04 23.25
CA GLU B 116 -4.76 29.84 22.13
C GLU B 116 -6.27 29.72 21.95
N ALA B 117 -6.80 28.49 22.07
CA ALA B 117 -8.17 28.23 21.66
C ALA B 117 -9.16 29.01 22.52
N MET B 118 -9.03 28.87 23.84
CA MET B 118 -9.87 29.63 24.75
C MET B 118 -9.69 31.13 24.56
N LEU B 119 -8.46 31.56 24.26
CA LEU B 119 -8.24 32.99 24.08
C LEU B 119 -8.94 33.52 22.84
N TYR B 120 -9.22 32.66 21.85
CA TYR B 120 -10.10 33.10 20.77
C TYR B 120 -11.55 33.10 21.21
N ALA B 121 -11.95 32.08 21.98
CA ALA B 121 -13.36 31.95 22.33
C ALA B 121 -13.76 32.94 23.42
N LEU B 122 -12.88 33.19 24.39
CA LEU B 122 -13.23 34.05 25.52
C LEU B 122 -13.16 35.53 25.17
N LEU B 123 -12.28 35.92 24.25
CA LEU B 123 -12.07 37.33 23.97
C LEU B 123 -12.95 37.87 22.84
N ASN B 124 -13.41 37.02 21.93
CA ASN B 124 -14.37 37.43 20.91
C ASN B 124 -15.76 37.45 21.55
N LYS B 125 -16.05 38.54 22.26
CA LYS B 125 -17.29 38.67 23.01
C LYS B 125 -18.49 38.96 22.12
N THR B 126 -18.29 39.31 20.85
CA THR B 126 -19.38 39.62 19.95
C THR B 126 -19.33 38.81 18.66
N PHE B 127 -18.53 37.74 18.61
CA PHE B 127 -18.40 36.95 17.39
C PHE B 127 -19.68 36.21 17.03
N ALA B 128 -20.54 35.92 18.01
CA ALA B 128 -21.78 35.21 17.72
C ALA B 128 -22.72 36.05 16.87
N GLN B 129 -22.71 37.37 17.05
CA GLN B 129 -23.65 38.24 16.34
C GLN B 129 -23.06 38.78 15.04
N ASP B 130 -21.96 39.54 15.13
CA ASP B 130 -21.39 40.16 13.93
C ASP B 130 -20.64 39.17 13.07
N GLY B 131 -19.91 38.24 13.68
CA GLY B 131 -19.08 37.32 12.92
C GLY B 131 -17.75 37.89 12.48
N GLN B 132 -17.21 38.86 13.21
CA GLN B 132 -15.93 39.48 12.88
C GLN B 132 -14.89 39.11 13.93
N HIS B 133 -13.66 38.91 13.48
CA HIS B 133 -12.57 38.49 14.36
C HIS B 133 -11.91 39.70 14.99
N GLN B 134 -11.89 39.74 16.32
CA GLN B 134 -11.20 40.78 17.06
C GLN B 134 -9.85 40.33 17.62
N VAL B 135 -9.48 39.06 17.43
CA VAL B 135 -8.25 38.51 17.97
C VAL B 135 -7.42 37.97 16.81
N LEU B 136 -6.13 38.30 16.79
CA LEU B 136 -5.25 37.95 15.68
C LEU B 136 -3.96 37.33 16.23
N SER B 137 -3.26 36.62 15.36
CA SER B 137 -1.95 36.06 15.66
C SER B 137 -0.95 36.49 14.61
N MET B 138 0.25 36.87 15.05
CA MET B 138 1.31 37.31 14.15
C MET B 138 2.55 36.46 14.36
N ASN B 139 3.28 36.22 13.27
CA ASN B 139 4.39 35.27 13.28
C ASN B 139 5.58 35.84 14.04
N ARG B 140 6.26 34.97 14.80
CA ARG B 140 7.34 35.41 15.66
C ARG B 140 8.63 35.70 14.88
N ASN B 141 8.96 34.86 13.90
CA ASN B 141 10.23 35.03 13.19
C ASN B 141 10.22 36.28 12.32
N ALA B 142 9.06 36.71 11.85
CA ALA B 142 8.96 37.99 11.15
C ALA B 142 9.32 39.14 12.08
N VAL B 143 8.83 39.09 13.32
CA VAL B 143 9.19 40.11 14.31
C VAL B 143 10.68 40.07 14.60
N GLY B 144 11.25 38.87 14.72
CA GLY B 144 12.67 38.75 14.97
C GLY B 144 13.52 39.30 13.83
N LYS B 145 13.10 39.04 12.59
CA LYS B 145 13.82 39.59 11.44
C LYS B 145 13.66 41.10 11.35
N HIS B 146 12.50 41.62 11.74
CA HIS B 146 12.30 43.06 11.75
C HIS B 146 13.20 43.74 12.78
N PHE B 147 13.24 43.20 13.98
CA PHE B 147 14.05 43.80 15.04
C PHE B 147 15.50 43.35 15.00
N GLU B 148 15.87 42.48 14.06
CA GLU B 148 17.24 41.99 13.88
C GLU B 148 17.77 41.28 15.13
N LEU B 149 16.88 40.60 15.86
CA LEU B 149 17.27 39.74 16.96
C LEU B 149 17.50 38.30 16.54
N MET B 150 17.46 38.02 15.23
CA MET B 150 17.61 36.67 14.72
C MET B 150 19.09 36.40 14.45
N ILE B 151 19.67 35.49 15.21
CA ILE B 151 21.04 35.02 15.00
C ILE B 151 20.95 33.58 14.51
N GLY B 152 21.35 33.35 13.28
CA GLY B 152 21.13 32.05 12.68
C GLY B 152 19.64 31.85 12.43
N ASP B 153 19.10 30.75 12.94
CA ASP B 153 17.67 30.45 12.82
C ASP B 153 16.91 30.63 14.14
N SER B 154 17.57 31.14 15.17
CA SER B 154 16.95 31.31 16.48
C SER B 154 17.06 32.76 16.92
N ARG B 155 15.97 33.28 17.50
CA ARG B 155 15.96 34.64 18.00
C ARG B 155 16.71 34.73 19.32
N THR B 156 17.39 35.86 19.53
CA THR B 156 18.09 36.11 20.78
C THR B 156 17.19 36.85 21.76
N SER B 157 17.69 37.07 22.97
CA SER B 157 16.91 37.77 23.98
C SER B 157 16.76 39.25 23.64
N GLY B 158 15.76 39.88 24.24
CA GLY B 158 15.46 41.27 23.95
C GLY B 158 15.60 42.18 25.15
N LYS B 159 16.39 41.76 26.15
CA LYS B 159 16.61 42.59 27.33
C LYS B 159 17.36 43.86 26.97
N GLU B 160 18.37 43.76 26.09
CA GLU B 160 19.13 44.93 25.68
C GLU B 160 18.26 45.91 24.91
N LEU B 161 17.39 45.40 24.04
CA LEU B 161 16.53 46.26 23.24
C LEU B 161 15.55 47.03 24.12
N VAL B 162 14.96 46.36 25.12
CA VAL B 162 13.99 47.04 25.97
C VAL B 162 14.69 47.95 26.98
N LYS B 163 15.94 47.65 27.35
CA LYS B 163 16.70 48.59 28.18
C LYS B 163 17.04 49.85 27.39
N GLN B 164 17.41 49.69 26.11
CA GLN B 164 17.69 50.85 25.27
C GLN B 164 16.44 51.67 25.01
N PHE B 165 15.30 50.99 24.81
CA PHE B 165 14.04 51.68 24.57
C PHE B 165 13.59 52.48 25.79
N LEU B 166 13.74 51.89 26.99
CA LEU B 166 13.30 52.50 28.23
C LEU B 166 14.50 52.62 29.17
N PHE B 167 15.11 53.81 29.17
CA PHE B 167 16.23 54.32 30.00
C PHE B 167 16.68 55.66 29.42
N ASP B 174 14.33 60.43 19.58
CA ASP B 174 12.95 60.00 19.36
C ASP B 174 12.79 58.50 19.53
N PRO B 175 12.54 58.07 20.77
CA PRO B 175 12.33 56.63 21.02
C PRO B 175 11.05 56.13 20.37
N ARG B 176 11.07 54.84 20.02
CA ARG B 176 9.88 54.22 19.40
C ARG B 176 8.72 54.17 20.39
N VAL B 177 8.97 53.67 21.58
CA VAL B 177 7.95 53.59 22.63
C VAL B 177 8.03 54.83 23.50
N PHE B 178 6.88 55.37 23.88
CA PHE B 178 6.78 56.57 24.69
C PHE B 178 6.12 56.20 26.02
N PHE B 179 6.92 55.74 26.97
CA PHE B 179 6.39 55.41 28.29
C PHE B 179 6.01 56.69 29.02
N PRO B 180 4.85 56.71 29.70
CA PRO B 180 4.36 57.90 30.42
C PRO B 180 5.24 58.28 31.60
N ASP B 182 4.56 59.65 35.12
CA ASP B 182 3.56 59.40 36.15
C ASP B 182 3.56 57.93 36.54
N LYS B 183 3.56 57.06 35.53
CA LYS B 183 3.57 55.62 35.73
C LYS B 183 4.88 54.98 35.31
N ILE B 184 5.75 55.72 34.62
CA ILE B 184 6.99 55.15 34.09
C ILE B 184 7.93 54.74 35.22
N VAL B 185 7.84 55.39 36.39
CA VAL B 185 8.69 55.01 37.51
C VAL B 185 8.33 53.62 38.01
N HIS B 186 7.05 53.26 37.97
CA HIS B 186 6.63 51.92 38.36
C HIS B 186 7.15 50.88 37.38
N TYR B 187 7.14 51.20 36.09
CA TYR B 187 7.70 50.29 35.09
C TYR B 187 9.20 50.11 35.28
N ARG B 188 9.91 51.20 35.59
CA ARG B 188 11.34 51.08 35.85
C ARG B 188 11.61 50.25 37.11
N GLN B 189 10.78 50.43 38.15
CA GLN B 189 10.93 49.61 39.35
C GLN B 189 10.68 48.14 39.07
N MET B 190 9.68 47.84 38.22
CA MET B 190 9.44 46.46 37.81
C MET B 190 10.60 45.90 37.01
N PHE B 191 11.18 46.71 36.11
CA PHE B 191 12.31 46.25 35.30
C PHE B 191 13.52 45.96 36.18
N LEU B 192 13.79 46.81 37.17
CA LEU B 192 14.88 46.54 38.10
C LEU B 192 14.52 45.42 39.08
N SER B 193 13.24 45.10 39.23
CA SER B 193 12.80 44.07 40.16
C SER B 193 13.17 42.69 39.60
N THR B 194 14.20 42.09 40.20
CA THR B 194 14.68 40.72 39.91
C THR B 194 14.80 40.44 38.40
N GLU B 195 15.57 41.29 37.73
CA GLU B 195 15.86 41.10 36.31
C GLU B 195 16.66 39.84 36.03
N LEU B 196 17.27 39.23 37.05
CA LEU B 196 17.96 37.95 36.87
C LEU B 196 17.00 36.80 36.70
N GLN B 197 15.74 36.96 37.10
CA GLN B 197 14.73 35.94 36.87
C GLN B 197 14.48 35.76 35.38
N ARG B 198 14.17 34.52 34.98
CA ARG B 198 14.04 34.17 33.57
C ARG B 198 12.67 34.63 33.06
N VAL B 199 12.55 35.95 32.90
CA VAL B 199 11.34 36.57 32.35
C VAL B 199 11.66 37.12 30.97
N GLU B 200 11.03 36.53 29.95
CA GLU B 200 11.12 37.03 28.58
C GLU B 200 9.78 37.44 28.01
N GLU B 201 8.68 36.94 28.57
CA GLU B 201 7.34 37.25 28.04
C GLU B 201 7.03 38.73 28.18
N LEU B 202 7.47 39.34 29.29
CA LEU B 202 7.22 40.77 29.51
C LEU B 202 7.89 41.62 28.45
N TYR B 203 9.08 41.22 28.00
CA TYR B 203 9.78 41.94 26.95
C TYR B 203 9.17 41.65 25.58
N ASP B 204 8.79 40.40 25.35
CA ASP B 204 8.28 39.99 24.06
C ASP B 204 6.89 40.57 23.77
N SER B 205 6.06 40.78 24.79
CA SER B 205 4.77 41.41 24.57
C SER B 205 4.94 42.84 24.07
N LEU B 206 5.82 43.61 24.71
CA LEU B 206 6.05 44.99 24.31
C LEU B 206 6.67 45.09 22.93
N LEU B 207 7.68 44.25 22.65
CA LEU B 207 8.30 44.33 21.34
C LEU B 207 7.36 43.82 20.25
N GLN B 208 6.50 42.85 20.55
CA GLN B 208 5.49 42.40 19.60
C GLN B 208 4.48 43.49 19.30
N ALA B 209 4.05 44.24 20.32
CA ALA B 209 3.14 45.35 20.10
C ALA B 209 3.80 46.44 19.25
N ILE B 210 5.07 46.75 19.52
CA ILE B 210 5.77 47.74 18.73
C ILE B 210 5.91 47.28 17.28
N ALA B 211 6.24 46.01 17.08
CA ALA B 211 6.37 45.47 15.72
C ALA B 211 5.03 45.48 14.99
N PHE B 212 3.95 45.17 15.70
CA PHE B 212 2.62 45.23 15.08
C PHE B 212 2.27 46.65 14.67
N TYR B 213 2.56 47.62 15.53
CA TYR B 213 2.24 49.01 15.18
C TYR B 213 3.14 49.53 14.07
N GLU B 214 4.36 49.02 13.96
CA GLU B 214 5.24 49.45 12.88
C GLU B 214 4.85 48.83 11.55
N LEU B 215 4.69 47.51 11.51
CA LEU B 215 4.49 46.80 10.25
C LEU B 215 3.09 46.94 9.68
N ALA B 216 2.07 46.97 10.54
CA ALA B 216 0.69 46.83 10.08
C ALA B 216 0.00 48.17 9.80
N VAL B 217 0.00 49.08 10.78
CA VAL B 217 -0.81 50.29 10.66
C VAL B 217 0.02 51.45 10.13
N PHE B 218 1.33 51.38 10.31
CA PHE B 218 2.22 52.44 9.85
C PHE B 218 2.68 52.18 8.41
N ASP B 219 3.06 53.26 7.74
CA ASP B 219 3.53 53.24 6.35
C ASP B 219 2.54 52.58 5.40
N GLN C 107 -21.61 9.68 -18.09
CA GLN C 107 -22.87 9.34 -18.75
C GLN C 107 -23.56 8.17 -18.04
N LEU C 108 -22.82 7.49 -17.17
CA LEU C 108 -23.33 6.34 -16.44
C LEU C 108 -23.49 6.72 -14.97
N SER C 109 -24.74 6.65 -14.49
CA SER C 109 -25.02 6.90 -13.09
C SER C 109 -24.69 5.67 -12.25
N GLY C 110 -24.63 5.88 -10.93
CA GLY C 110 -24.36 4.76 -10.03
C GLY C 110 -25.48 3.73 -10.02
N GLN C 111 -26.73 4.19 -9.97
CA GLN C 111 -27.86 3.27 -9.93
C GLN C 111 -28.02 2.55 -11.27
N GLN C 112 -27.67 3.22 -12.37
CA GLN C 112 -27.66 2.56 -13.68
C GLN C 112 -26.64 1.43 -13.70
N GLN C 113 -25.47 1.66 -13.12
CA GLN C 113 -24.46 0.61 -13.00
C GLN C 113 -24.95 -0.53 -12.13
N ARG C 114 -25.67 -0.20 -11.04
CA ARG C 114 -26.24 -1.22 -10.18
C ARG C 114 -27.22 -2.11 -10.94
N LEU C 115 -28.10 -1.48 -11.73
CA LEU C 115 -29.09 -2.25 -12.50
C LEU C 115 -28.43 -3.10 -13.58
N LEU C 116 -27.43 -2.54 -14.26
CA LEU C 116 -26.74 -3.31 -15.30
C LEU C 116 -26.00 -4.51 -14.71
N ALA C 117 -25.33 -4.31 -13.57
CA ALA C 117 -24.68 -5.41 -12.89
C ALA C 117 -25.69 -6.45 -12.40
N PHE C 118 -26.85 -5.99 -11.94
CA PHE C 118 -27.93 -6.90 -11.54
C PHE C 118 -28.36 -7.79 -12.70
N PHE C 119 -28.57 -7.18 -13.87
CA PHE C 119 -29.04 -7.96 -15.02
C PHE C 119 -27.96 -8.91 -15.53
N LYS C 120 -26.70 -8.47 -15.52
CA LYS C 120 -25.62 -9.37 -15.92
C LYS C 120 -25.47 -10.54 -14.96
N CYS C 121 -25.60 -10.29 -13.66
CA CYS C 121 -25.52 -11.38 -12.68
C CYS C 121 -26.70 -12.33 -12.82
N CYS C 122 -27.88 -11.80 -13.14
CA CYS C 122 -29.02 -12.67 -13.42
C CYS C 122 -28.80 -13.51 -14.66
N LEU C 123 -28.10 -12.96 -15.67
CA LEU C 123 -27.72 -13.78 -16.82
C LEU C 123 -26.77 -14.89 -16.42
N LEU C 124 -25.79 -14.58 -15.56
CA LEU C 124 -24.82 -15.59 -15.18
C LEU C 124 -25.43 -16.67 -14.29
N THR C 125 -26.40 -16.33 -13.46
CA THR C 125 -27.01 -17.29 -12.54
C THR C 125 -28.25 -17.99 -13.11
N ASP C 126 -28.63 -17.68 -14.36
CA ASP C 126 -29.79 -18.27 -15.03
C ASP C 126 -31.07 -18.04 -14.23
N GLN C 127 -31.42 -16.76 -14.09
CA GLN C 127 -32.62 -16.32 -13.38
C GLN C 127 -33.39 -15.32 -14.23
N LEU C 128 -33.64 -15.69 -15.48
CA LEU C 128 -34.32 -14.81 -16.43
C LEU C 128 -35.72 -14.35 -16.00
N PRO C 129 -36.61 -15.18 -15.42
CA PRO C 129 -37.91 -14.65 -14.98
C PRO C 129 -37.81 -13.51 -13.97
N LEU C 130 -36.84 -13.58 -13.05
CA LEU C 130 -36.70 -12.54 -12.04
C LEU C 130 -36.23 -11.23 -12.66
N ALA C 131 -35.24 -11.30 -13.56
CA ALA C 131 -34.77 -10.11 -14.26
C ALA C 131 -35.85 -9.55 -15.16
N HIS C 132 -36.66 -10.42 -15.78
CA HIS C 132 -37.78 -9.96 -16.58
C HIS C 132 -38.81 -9.23 -15.73
N HIS C 133 -39.07 -9.74 -14.52
CA HIS C 133 -40.00 -9.07 -13.61
C HIS C 133 -39.48 -7.69 -13.22
N LEU C 134 -38.18 -7.58 -12.90
CA LEU C 134 -37.64 -6.27 -12.55
C LEU C 134 -37.67 -5.33 -13.75
N LEU C 135 -37.39 -5.85 -14.95
CA LEU C 135 -37.43 -5.03 -16.16
C LEU C 135 -38.84 -4.50 -16.42
N VAL C 136 -39.86 -5.35 -16.28
CA VAL C 136 -41.22 -4.88 -16.57
C VAL C 136 -41.72 -3.95 -15.47
N VAL C 137 -41.30 -4.17 -14.21
CA VAL C 137 -41.78 -3.27 -13.16
C VAL C 137 -41.10 -1.90 -13.27
N HIS C 138 -39.84 -1.85 -13.75
CA HIS C 138 -39.23 -0.56 -14.01
C HIS C 138 -39.76 0.06 -15.30
N HIS C 139 -40.23 -0.76 -16.24
CA HIS C 139 -40.86 -0.25 -17.45
C HIS C 139 -42.25 0.30 -17.17
N GLY C 140 -42.90 -0.14 -16.10
CA GLY C 140 -44.23 0.35 -15.78
C GLY C 140 -44.24 1.83 -15.40
N GLN C 141 -43.38 2.23 -14.49
CA GLN C 141 -43.32 3.63 -14.06
C GLN C 141 -42.51 4.45 -15.03
N ARG C 142 -42.95 5.69 -15.26
CA ARG C 142 -42.31 6.56 -16.23
C ARG C 142 -41.06 7.23 -15.67
N GLN C 143 -41.00 7.48 -14.36
CA GLN C 143 -39.83 8.10 -13.78
C GLN C 143 -38.67 7.13 -13.66
N LYS C 144 -38.93 5.82 -13.73
CA LYS C 144 -37.85 4.84 -13.65
C LYS C 144 -37.23 4.53 -15.00
N ARG C 145 -37.96 4.81 -16.10
CA ARG C 145 -37.48 4.45 -17.42
C ARG C 145 -36.31 5.30 -17.90
N LYS C 146 -36.04 6.44 -17.27
CA LYS C 146 -34.88 7.24 -17.65
C LYS C 146 -33.59 6.54 -17.27
N LEU C 147 -33.62 5.70 -16.24
CA LEU C 147 -32.42 4.95 -15.84
C LEU C 147 -32.15 3.79 -16.78
N LEU C 148 -33.19 3.25 -17.41
CA LEU C 148 -33.04 2.08 -18.27
C LEU C 148 -32.23 2.40 -19.51
N THR C 149 -31.44 1.43 -19.96
CA THR C 149 -30.48 1.60 -21.04
C THR C 149 -30.64 0.42 -21.99
N LEU C 150 -30.24 0.62 -23.26
CA LEU C 150 -30.33 -0.43 -24.26
C LEU C 150 -29.50 -1.65 -23.89
N ASP C 151 -28.44 -1.47 -23.11
CA ASP C 151 -27.61 -2.61 -22.69
C ASP C 151 -28.41 -3.57 -21.83
N MET C 152 -29.29 -3.07 -20.97
CA MET C 152 -30.12 -3.93 -20.13
C MET C 152 -31.08 -4.76 -20.98
N TYR C 153 -31.70 -4.11 -21.98
CA TYR C 153 -32.61 -4.82 -22.88
C TYR C 153 -31.87 -5.88 -23.68
N ASN C 154 -30.67 -5.57 -24.15
CA ASN C 154 -29.87 -6.55 -24.89
C ASN C 154 -29.46 -7.71 -23.99
N ALA C 155 -29.16 -7.43 -22.72
CA ALA C 155 -28.81 -8.50 -21.79
C ALA C 155 -29.98 -9.45 -21.56
N VAL C 156 -31.17 -8.89 -21.30
CA VAL C 156 -32.33 -9.73 -21.09
C VAL C 156 -32.69 -10.50 -22.36
N MET C 157 -32.51 -9.87 -23.53
CA MET C 157 -32.74 -10.56 -24.80
C MET C 157 -31.77 -11.73 -24.98
N LEU C 158 -30.50 -11.52 -24.64
CA LEU C 158 -29.52 -12.59 -24.77
C LEU C 158 -29.83 -13.74 -23.82
N GLY C 159 -30.30 -13.42 -22.61
CA GLY C 159 -30.70 -14.47 -21.69
C GLY C 159 -31.90 -15.26 -22.17
N TRP C 160 -32.91 -14.57 -22.71
CA TRP C 160 -34.06 -15.29 -23.25
C TRP C 160 -33.69 -16.10 -24.49
N ALA C 161 -32.73 -15.60 -25.29
CA ALA C 161 -32.27 -16.35 -26.45
C ALA C 161 -31.54 -17.62 -26.04
N ARG C 162 -30.68 -17.53 -25.02
CA ARG C 162 -30.02 -18.73 -24.51
C ARG C 162 -31.03 -19.69 -23.91
N GLN C 163 -32.07 -19.17 -23.25
CA GLN C 163 -33.10 -20.04 -22.68
C GLN C 163 -33.90 -20.73 -23.79
N GLY C 164 -34.36 -19.97 -24.77
CA GLY C 164 -35.08 -20.54 -25.89
C GLY C 164 -36.53 -20.10 -26.00
N ALA C 165 -36.88 -19.00 -25.35
CA ALA C 165 -38.25 -18.51 -25.32
C ALA C 165 -38.41 -17.38 -26.35
N PHE C 166 -39.13 -17.67 -27.43
CA PHE C 166 -39.32 -16.70 -28.50
C PHE C 166 -40.35 -15.64 -28.13
N LYS C 167 -41.41 -16.02 -27.42
CA LYS C 167 -42.49 -15.09 -27.12
C LYS C 167 -42.01 -13.97 -26.20
N GLU C 168 -41.24 -14.31 -25.16
CA GLU C 168 -40.66 -13.29 -24.30
C GLU C 168 -39.67 -12.41 -25.06
N LEU C 169 -38.94 -12.99 -26.01
CA LEU C 169 -38.04 -12.19 -26.83
C LEU C 169 -38.80 -11.15 -27.65
N VAL C 170 -39.91 -11.56 -28.27
CA VAL C 170 -40.75 -10.64 -29.02
C VAL C 170 -41.33 -9.58 -28.10
N TYR C 171 -41.66 -9.97 -26.86
CA TYR C 171 -42.13 -8.99 -25.88
C TYR C 171 -41.06 -7.97 -25.55
N VAL C 172 -39.80 -8.39 -25.47
CA VAL C 172 -38.72 -7.43 -25.20
C VAL C 172 -38.52 -6.51 -26.41
N LEU C 173 -38.64 -7.03 -27.63
CA LEU C 173 -38.62 -6.16 -28.81
C LEU C 173 -39.76 -5.14 -28.77
N PHE C 174 -40.94 -5.58 -28.34
CA PHE C 174 -42.07 -4.66 -28.21
C PHE C 174 -41.78 -3.58 -27.16
N MET C 175 -41.15 -3.97 -26.05
CA MET C 175 -40.78 -3.00 -25.02
C MET C 175 -39.74 -2.00 -25.52
N VAL C 176 -38.78 -2.46 -26.32
CA VAL C 176 -37.79 -1.56 -26.89
C VAL C 176 -38.45 -0.58 -27.86
N LYS C 177 -39.36 -1.08 -28.69
CA LYS C 177 -40.08 -0.22 -29.62
C LYS C 177 -40.94 0.81 -28.89
N ASP C 178 -41.59 0.39 -27.81
CA ASP C 178 -42.37 1.34 -27.00
C ASP C 178 -41.46 2.37 -26.33
N ALA C 179 -40.25 1.95 -25.94
CA ALA C 179 -39.30 2.90 -25.36
C ALA C 179 -38.85 3.92 -26.40
N GLY C 180 -38.71 3.51 -27.65
CA GLY C 180 -38.26 4.38 -28.70
C GLY C 180 -36.79 4.31 -29.03
N LEU C 181 -36.06 3.38 -28.42
CA LEU C 181 -34.65 3.20 -28.73
C LEU C 181 -34.47 2.48 -30.06
N THR C 182 -33.27 2.59 -30.61
CA THR C 182 -32.93 1.90 -31.85
C THR C 182 -32.28 0.56 -31.53
N PRO C 183 -32.80 -0.54 -32.08
CA PRO C 183 -32.20 -1.85 -31.80
C PRO C 183 -30.76 -1.95 -32.27
N ASP C 184 -29.95 -2.64 -31.48
CA ASP C 184 -28.54 -2.80 -31.75
C ASP C 184 -28.28 -4.11 -32.51
N LEU C 185 -27.07 -4.23 -33.06
CA LEU C 185 -26.70 -5.43 -33.80
C LEU C 185 -26.65 -6.66 -32.89
N LEU C 186 -26.27 -6.49 -31.63
CA LEU C 186 -26.26 -7.62 -30.69
C LEU C 186 -27.67 -8.12 -30.42
N SER C 187 -28.67 -7.23 -30.47
CA SER C 187 -30.06 -7.66 -30.35
C SER C 187 -30.45 -8.57 -31.50
N TYR C 188 -30.05 -8.22 -32.72
CA TYR C 188 -30.32 -9.08 -33.87
C TYR C 188 -29.55 -10.38 -33.78
N ALA C 189 -28.34 -10.35 -33.23
CA ALA C 189 -27.59 -11.58 -33.04
C ALA C 189 -28.28 -12.50 -32.03
N ALA C 190 -28.84 -11.93 -30.96
CA ALA C 190 -29.60 -12.72 -30.00
C ALA C 190 -30.86 -13.30 -30.64
N ALA C 191 -31.53 -12.51 -31.47
CA ALA C 191 -32.71 -13.00 -32.17
C ALA C 191 -32.36 -14.16 -33.10
N LEU C 192 -31.25 -14.05 -33.82
CA LEU C 192 -30.82 -15.14 -34.70
C LEU C 192 -30.42 -16.37 -33.90
N GLN C 193 -29.81 -16.18 -32.73
CA GLN C 193 -29.49 -17.30 -31.86
C GLN C 193 -30.76 -18.01 -31.38
N CYS C 194 -31.79 -17.23 -31.02
CA CYS C 194 -33.05 -17.82 -30.60
C CYS C 194 -33.71 -18.60 -31.75
N MET C 195 -33.66 -18.04 -32.97
CA MET C 195 -34.20 -18.74 -34.12
C MET C 195 -33.44 -20.02 -34.41
N GLY C 196 -32.11 -19.99 -34.26
CA GLY C 196 -31.34 -21.21 -34.47
C GLY C 196 -31.65 -22.28 -33.44
N ARG C 197 -31.71 -21.90 -32.16
CA ARG C 197 -31.98 -22.86 -31.11
C ARG C 197 -33.39 -23.44 -31.22
N GLN C 198 -34.38 -22.61 -31.51
CA GLN C 198 -35.76 -23.03 -31.69
C GLN C 198 -36.11 -22.87 -33.16
N ASP C 199 -36.04 -23.98 -33.91
CA ASP C 199 -36.20 -23.94 -35.36
C ASP C 199 -37.61 -23.49 -35.72
N GLN C 200 -37.70 -22.64 -36.75
CA GLN C 200 -38.96 -22.09 -37.20
C GLN C 200 -38.91 -21.96 -38.71
N ASP C 201 -39.98 -21.41 -39.29
CA ASP C 201 -40.04 -21.20 -40.73
C ASP C 201 -39.00 -20.18 -41.16
N ALA C 202 -38.41 -20.41 -42.34
CA ALA C 202 -37.35 -19.56 -42.84
C ALA C 202 -37.84 -18.18 -43.25
N GLY C 203 -39.15 -18.02 -43.50
CA GLY C 203 -39.66 -16.73 -43.94
C GLY C 203 -39.53 -15.65 -42.89
N THR C 204 -39.81 -15.98 -41.63
CA THR C 204 -39.70 -15.00 -40.56
C THR C 204 -38.24 -14.58 -40.33
N ILE C 205 -37.33 -15.54 -40.39
CA ILE C 205 -35.91 -15.23 -40.22
C ILE C 205 -35.40 -14.38 -41.39
N GLU C 206 -35.87 -14.70 -42.61
CA GLU C 206 -35.49 -13.90 -43.77
C GLU C 206 -36.04 -12.48 -43.66
N ARG C 207 -37.26 -12.33 -43.15
CA ARG C 207 -37.82 -11.00 -42.93
C ARG C 207 -37.03 -10.24 -41.87
N CYS C 208 -36.59 -10.93 -40.82
CA CYS C 208 -35.75 -10.29 -39.80
C CYS C 208 -34.42 -9.83 -40.39
N LEU C 209 -33.80 -10.66 -41.23
CA LEU C 209 -32.56 -10.26 -41.90
C LEU C 209 -32.79 -9.08 -42.83
N GLU C 210 -33.93 -9.06 -43.54
CA GLU C 210 -34.25 -7.92 -44.40
C GLU C 210 -34.43 -6.64 -43.60
N GLN C 211 -35.11 -6.75 -42.45
CA GLN C 211 -35.30 -5.57 -41.60
C GLN C 211 -33.97 -5.08 -41.03
N MET C 212 -33.07 -6.01 -40.69
CA MET C 212 -31.74 -5.62 -40.26
C MET C 212 -30.96 -4.94 -41.38
N SER C 213 -31.14 -5.42 -42.62
CA SER C 213 -30.47 -4.81 -43.76
C SER C 213 -31.03 -3.42 -44.07
N GLN C 214 -32.31 -3.19 -43.79
CA GLN C 214 -32.90 -1.88 -44.01
C GLN C 214 -32.28 -0.83 -43.10
N GLU C 215 -31.89 -1.21 -41.88
CA GLU C 215 -31.25 -0.28 -40.96
C GLU C 215 -29.82 0.04 -41.35
N GLY C 216 -29.25 -0.67 -42.32
CA GLY C 216 -27.87 -0.45 -42.73
C GLY C 216 -26.84 -1.29 -42.01
N LEU C 217 -27.26 -2.23 -41.16
CA LEU C 217 -26.32 -3.08 -40.46
C LEU C 217 -25.74 -4.14 -41.40
N LYS C 218 -24.53 -4.58 -41.09
CA LYS C 218 -23.81 -5.55 -41.90
C LYS C 218 -23.78 -6.90 -41.18
N LEU C 219 -24.00 -7.96 -41.94
CA LEU C 219 -23.97 -9.31 -41.37
C LEU C 219 -22.56 -9.67 -40.89
N GLN C 220 -21.54 -9.17 -41.57
CA GLN C 220 -20.17 -9.37 -41.10
C GLN C 220 -19.95 -8.72 -39.75
N ALA C 221 -20.51 -7.53 -39.55
CA ALA C 221 -20.43 -6.87 -38.24
C ALA C 221 -21.18 -7.66 -37.17
N LEU C 222 -22.21 -8.41 -37.56
CA LEU C 222 -22.86 -9.30 -36.60
C LEU C 222 -21.99 -10.50 -36.27
N PHE C 223 -21.30 -11.05 -37.27
CA PHE C 223 -20.56 -12.29 -37.05
C PHE C 223 -19.24 -12.07 -36.29
N THR C 224 -18.56 -10.95 -36.50
CA THR C 224 -17.30 -10.68 -35.84
C THR C 224 -17.37 -9.38 -35.05
N ALA C 225 -16.34 -9.15 -34.24
CA ALA C 225 -16.20 -7.98 -33.37
C ALA C 225 -17.33 -7.88 -32.35
N VAL C 226 -17.94 -9.00 -31.98
CA VAL C 226 -19.00 -9.05 -30.99
C VAL C 226 -18.56 -10.02 -29.90
N LEU C 227 -18.91 -9.69 -28.65
CA LEU C 227 -18.47 -10.43 -27.48
C LEU C 227 -19.20 -11.77 -27.32
N LEU C 228 -20.12 -12.10 -28.22
CA LEU C 228 -20.82 -13.38 -28.14
C LEU C 228 -19.87 -14.56 -28.30
N SER C 229 -20.18 -15.64 -27.58
CA SER C 229 -19.30 -16.81 -27.55
C SER C 229 -19.36 -17.59 -28.86
N GLU C 230 -18.46 -18.58 -28.97
CA GLU C 230 -18.37 -19.41 -30.16
C GLU C 230 -19.67 -20.16 -30.44
N GLU C 231 -20.34 -20.63 -29.39
CA GLU C 231 -21.61 -21.34 -29.56
C GLU C 231 -22.67 -20.42 -30.17
N ASP C 232 -22.73 -19.17 -29.72
CA ASP C 232 -23.67 -18.22 -30.30
C ASP C 232 -23.36 -17.96 -31.77
N ARG C 233 -22.08 -17.84 -32.11
CA ARG C 233 -21.68 -17.65 -33.50
C ARG C 233 -22.07 -18.85 -34.35
N ALA C 234 -21.90 -20.07 -33.82
CA ALA C 234 -22.29 -21.27 -34.54
C ALA C 234 -23.80 -21.31 -34.77
N THR C 235 -24.58 -20.94 -33.75
CA THR C 235 -26.03 -20.92 -33.90
C THR C 235 -26.48 -19.88 -34.93
N VAL C 236 -25.86 -18.69 -34.91
CA VAL C 236 -26.19 -17.66 -35.89
C VAL C 236 -25.80 -18.13 -37.30
N LEU C 237 -24.67 -18.81 -37.41
CA LEU C 237 -24.25 -19.35 -38.71
C LEU C 237 -25.22 -20.43 -39.19
N LYS C 238 -25.73 -21.25 -38.28
CA LYS C 238 -26.74 -22.24 -38.67
C LYS C 238 -28.01 -21.56 -39.17
N ALA C 239 -28.43 -20.48 -38.50
CA ALA C 239 -29.61 -19.75 -38.95
C ALA C 239 -29.39 -19.13 -40.34
N VAL C 240 -28.22 -18.54 -40.56
CA VAL C 240 -27.92 -17.93 -41.86
C VAL C 240 -27.83 -18.99 -42.94
N HIS C 241 -27.21 -20.13 -42.63
CA HIS C 241 -27.13 -21.23 -43.60
C HIS C 241 -28.52 -21.78 -43.93
N LYS C 242 -29.42 -21.77 -42.94
CA LYS C 242 -30.81 -22.11 -43.23
C LYS C 242 -31.43 -21.08 -44.17
N VAL C 243 -31.11 -19.81 -43.99
CA VAL C 243 -31.67 -18.78 -44.87
C VAL C 243 -30.88 -18.68 -46.17
N LYS C 244 -29.56 -18.46 -46.06
CA LYS C 244 -28.70 -18.26 -47.24
C LYS C 244 -27.47 -19.15 -47.10
N PRO C 245 -27.40 -20.26 -47.84
CA PRO C 245 -26.21 -21.12 -47.75
C PRO C 245 -24.98 -20.55 -48.43
N THR C 246 -25.13 -19.49 -49.23
CA THR C 246 -23.98 -18.93 -49.94
C THR C 246 -23.02 -18.20 -49.00
N PHE C 247 -23.53 -17.68 -47.88
CA PHE C 247 -22.70 -16.92 -46.95
C PHE C 247 -21.72 -17.84 -46.23
N SER C 248 -20.48 -17.37 -46.10
CA SER C 248 -19.45 -18.11 -45.38
C SER C 248 -18.47 -17.12 -44.77
N LEU C 249 -17.84 -17.54 -43.67
CA LEU C 249 -16.87 -16.70 -43.00
C LEU C 249 -15.58 -16.62 -43.82
N PRO C 250 -14.86 -15.50 -43.74
CA PRO C 250 -13.54 -15.45 -44.35
C PRO C 250 -12.59 -16.42 -43.67
N PRO C 251 -11.64 -16.99 -44.41
CA PRO C 251 -10.73 -17.97 -43.80
C PRO C 251 -9.77 -17.32 -42.81
N GLN C 252 -9.31 -18.15 -41.87
CA GLN C 252 -8.40 -17.67 -40.84
C GLN C 252 -6.97 -17.65 -41.38
N LEU C 253 -6.33 -16.49 -41.29
CA LEU C 253 -4.98 -16.33 -41.79
C LEU C 253 -3.98 -17.05 -40.88
N PRO C 254 -2.84 -17.47 -41.42
CA PRO C 254 -1.78 -18.02 -40.56
C PRO C 254 -1.25 -16.97 -39.63
N PRO C 255 -0.74 -17.35 -38.46
CA PRO C 255 -0.28 -16.37 -37.47
C PRO C 255 0.91 -15.58 -38.00
N PRO C 256 0.97 -14.28 -37.70
CA PRO C 256 2.10 -13.46 -38.18
C PRO C 256 3.39 -13.79 -37.45
N VAL C 257 4.49 -13.54 -38.13
CA VAL C 257 5.84 -13.78 -37.60
C VAL C 257 6.52 -12.43 -37.41
N ASN C 258 7.14 -12.25 -36.25
CA ASN C 258 7.81 -11.00 -35.94
C ASN C 258 9.03 -10.81 -36.84
N THR C 259 9.14 -9.63 -37.45
CA THR C 259 10.19 -9.32 -38.40
C THR C 259 11.17 -8.27 -37.87
N SER C 260 11.33 -8.20 -36.55
CA SER C 260 12.31 -7.29 -35.96
C SER C 260 13.73 -7.74 -36.30
N LYS C 261 14.63 -6.76 -36.37
CA LYS C 261 16.02 -7.05 -36.70
C LYS C 261 16.70 -7.88 -35.60
N LEU C 262 16.44 -7.56 -34.33
CA LEU C 262 17.05 -8.29 -33.25
C LEU C 262 16.45 -9.67 -33.06
N LEU C 263 15.17 -9.84 -33.43
CA LEU C 263 14.44 -11.07 -33.22
C LEU C 263 14.30 -11.91 -34.48
N ARG C 264 15.15 -11.65 -35.49
CA ARG C 264 15.04 -12.38 -36.74
C ARG C 264 15.53 -13.80 -36.62
N ASP C 265 16.64 -14.01 -35.89
CA ASP C 265 17.23 -15.33 -35.80
C ASP C 265 16.40 -16.28 -34.94
N VAL C 266 15.60 -15.74 -34.02
CA VAL C 266 14.78 -16.58 -33.15
C VAL C 266 13.67 -17.25 -33.94
N TYR C 267 13.04 -16.52 -34.87
CA TYR C 267 11.88 -17.00 -35.61
C TYR C 267 12.22 -17.39 -37.04
N ALA C 268 13.45 -17.80 -37.30
CA ALA C 268 13.85 -18.22 -38.64
C ALA C 268 13.65 -19.73 -38.78
N LYS C 269 12.88 -20.14 -39.79
CA LYS C 269 12.60 -21.56 -40.00
C LYS C 269 13.78 -22.30 -40.62
N ASP C 270 14.62 -21.61 -41.41
CA ASP C 270 15.69 -22.28 -42.11
C ASP C 270 16.80 -22.76 -41.18
N GLY C 271 16.98 -22.09 -40.05
CA GLY C 271 18.04 -22.46 -39.14
C GLY C 271 17.78 -23.78 -38.45
N ARG C 272 18.86 -24.48 -38.12
CA ARG C 272 18.77 -25.75 -37.42
C ARG C 272 18.51 -25.51 -35.93
N VAL C 273 17.55 -26.24 -35.37
CA VAL C 273 17.12 -26.04 -34.00
C VAL C 273 17.16 -27.37 -33.26
N SER C 274 17.54 -27.31 -31.98
CA SER C 274 17.49 -28.46 -31.08
C SER C 274 16.81 -28.01 -29.79
N TYR C 275 15.49 -28.05 -29.78
CA TYR C 275 14.74 -27.57 -28.62
C TYR C 275 14.80 -28.59 -27.49
N PRO C 276 14.94 -28.14 -26.24
CA PRO C 276 15.00 -29.08 -25.12
C PRO C 276 13.65 -29.70 -24.82
N LYS C 277 13.69 -30.85 -24.17
CA LYS C 277 12.50 -31.60 -23.80
C LYS C 277 12.58 -31.99 -22.33
N LEU C 278 11.42 -32.20 -21.72
CA LEU C 278 11.35 -32.57 -20.32
C LEU C 278 11.76 -34.03 -20.13
N HIS C 279 12.01 -34.40 -18.88
CA HIS C 279 12.44 -35.74 -18.52
C HIS C 279 11.29 -36.65 -18.09
N LEU C 280 10.05 -36.17 -18.15
CA LEU C 280 8.92 -36.94 -17.66
C LEU C 280 8.06 -37.45 -18.81
N PRO C 281 7.45 -38.64 -18.66
CA PRO C 281 6.58 -39.18 -19.71
C PRO C 281 5.25 -38.44 -19.81
N LEU C 282 4.40 -38.90 -20.73
CA LEU C 282 3.13 -38.20 -20.98
C LEU C 282 2.13 -38.43 -19.85
N LYS C 283 1.99 -39.68 -19.37
CA LYS C 283 0.99 -39.99 -18.37
C LYS C 283 1.29 -39.33 -17.04
N THR C 284 2.57 -39.22 -16.68
CA THR C 284 2.96 -38.51 -15.47
C THR C 284 2.55 -37.03 -15.55
N LEU C 285 2.77 -36.42 -16.71
CA LEU C 285 2.37 -35.02 -16.89
C LEU C 285 0.85 -34.87 -16.85
N GLN C 286 0.13 -35.87 -17.38
CA GLN C 286 -1.33 -35.82 -17.33
C GLN C 286 -1.85 -35.90 -15.89
N CYS C 287 -1.30 -36.80 -15.08
CA CYS C 287 -1.77 -36.91 -13.71
C CYS C 287 -1.33 -35.70 -12.87
N LEU C 288 -0.18 -35.10 -13.20
CA LEU C 288 0.19 -33.84 -12.56
C LEU C 288 -0.78 -32.72 -12.93
N PHE C 289 -1.25 -32.70 -14.18
CA PHE C 289 -2.28 -31.75 -14.57
C PHE C 289 -3.57 -31.96 -13.78
N GLU C 290 -3.96 -33.21 -13.59
CA GLU C 290 -5.15 -33.49 -12.77
C GLU C 290 -4.97 -33.00 -11.34
N LYS C 291 -3.79 -33.24 -10.76
CA LYS C 291 -3.51 -32.77 -9.40
C LYS C 291 -3.58 -31.25 -9.31
N GLN C 292 -3.00 -30.56 -10.29
CA GLN C 292 -3.05 -29.09 -10.27
C GLN C 292 -4.46 -28.56 -10.45
N LEU C 293 -5.26 -29.21 -11.31
CA LEU C 293 -6.64 -28.80 -11.49
C LEU C 293 -7.45 -28.98 -10.20
N HIS C 294 -7.27 -30.11 -9.53
CA HIS C 294 -8.00 -30.33 -8.29
C HIS C 294 -7.50 -29.41 -7.17
N MET C 295 -6.23 -29.01 -7.21
CA MET C 295 -5.72 -28.08 -6.21
C MET C 295 -6.23 -26.66 -6.46
N GLU C 296 -6.39 -26.28 -7.72
CA GLU C 296 -6.88 -24.94 -8.04
C GLU C 296 -8.39 -24.82 -7.94
N LEU C 297 -9.13 -25.94 -8.04
CA LEU C 297 -10.58 -25.86 -7.91
C LEU C 297 -11.01 -25.43 -6.50
N ALA C 298 -10.35 -25.96 -5.47
CA ALA C 298 -10.54 -25.52 -4.10
C ALA C 298 -9.40 -24.58 -3.75
N SER C 299 -9.71 -23.29 -3.56
CA SER C 299 -8.69 -22.25 -3.55
C SER C 299 -7.70 -22.42 -2.42
N ARG C 300 -8.17 -22.80 -1.23
CA ARG C 300 -7.29 -22.94 -0.09
C ARG C 300 -6.44 -24.20 -0.19
N VAL C 301 -5.24 -24.14 0.38
CA VAL C 301 -4.33 -25.27 0.47
C VAL C 301 -3.82 -25.36 1.89
N CYS C 302 -3.93 -26.54 2.50
CA CYS C 302 -3.51 -26.76 3.88
C CYS C 302 -2.15 -27.43 3.91
N VAL C 303 -1.20 -26.82 4.62
CA VAL C 303 0.18 -27.28 4.67
C VAL C 303 0.55 -27.54 6.13
N VAL C 304 1.15 -28.69 6.39
CA VAL C 304 1.59 -29.04 7.73
C VAL C 304 2.76 -28.15 8.13
N SER C 305 2.70 -27.57 9.32
CA SER C 305 3.74 -26.68 9.81
C SER C 305 5.03 -27.46 10.10
N VAL C 306 6.14 -26.72 10.08
CA VAL C 306 7.45 -27.28 10.40
C VAL C 306 7.87 -26.99 11.83
N GLU C 307 7.06 -26.25 12.59
CA GLU C 307 7.34 -26.04 14.00
C GLU C 307 7.20 -27.36 14.76
N LYS C 308 8.05 -27.56 15.75
CA LYS C 308 8.05 -28.81 16.50
C LYS C 308 6.74 -28.96 17.26
N PRO C 309 6.04 -30.09 17.08
CA PRO C 309 4.71 -30.23 17.69
C PRO C 309 4.77 -30.38 19.20
N THR C 310 3.64 -30.11 19.83
CA THR C 310 3.46 -30.26 21.27
C THR C 310 2.61 -31.50 21.53
N LEU C 311 2.95 -32.23 22.60
CA LEU C 311 2.25 -33.46 22.92
C LEU C 311 0.81 -33.14 23.30
N PRO C 312 -0.18 -33.91 22.80
CA PRO C 312 -1.58 -33.62 23.06
C PRO C 312 -2.01 -34.05 24.46
N SER C 313 -2.26 -33.06 25.32
CA SER C 313 -2.77 -33.32 26.65
C SER C 313 -4.29 -33.50 26.60
N LYS C 314 -4.91 -33.66 27.77
CA LYS C 314 -6.36 -33.76 27.83
C LYS C 314 -7.03 -32.41 27.61
N GLU C 315 -6.40 -31.34 28.11
CA GLU C 315 -6.98 -30.00 27.98
C GLU C 315 -7.05 -29.56 26.52
N VAL C 316 -6.02 -29.83 25.74
CA VAL C 316 -6.03 -29.45 24.34
C VAL C 316 -7.06 -30.28 23.57
N LYS C 317 -7.28 -31.53 23.96
CA LYS C 317 -8.30 -32.34 23.30
C LYS C 317 -9.70 -31.83 23.63
N HIS C 318 -9.91 -31.42 24.89
CA HIS C 318 -11.19 -30.81 25.26
C HIS C 318 -11.44 -29.52 24.48
N ALA C 319 -10.39 -28.70 24.35
CA ALA C 319 -10.51 -27.45 23.58
C ALA C 319 -10.84 -27.74 22.12
N ARG C 320 -10.21 -28.76 21.54
CA ARG C 320 -10.49 -29.12 20.16
C ARG C 320 -11.91 -29.66 19.99
N LYS C 321 -12.41 -30.43 20.96
CA LYS C 321 -13.78 -30.91 20.87
C LYS C 321 -14.79 -29.77 20.98
N THR C 322 -14.55 -28.82 21.88
CA THR C 322 -15.40 -27.65 21.97
C THR C 322 -15.37 -26.83 20.69
N LEU C 323 -14.18 -26.69 20.08
CA LEU C 323 -14.07 -26.00 18.80
C LEU C 323 -14.87 -26.70 17.71
N LYS C 324 -14.79 -28.04 17.65
CA LYS C 324 -15.53 -28.77 16.62
C LYS C 324 -17.03 -28.61 16.79
N THR C 325 -17.53 -28.73 18.04
CA THR C 325 -18.97 -28.58 18.27
C THR C 325 -19.43 -27.16 17.97
N LEU C 326 -18.65 -26.16 18.38
CA LEU C 326 -18.99 -24.77 18.10
C LEU C 326 -19.01 -24.51 16.60
N ARG C 327 -18.05 -25.07 15.86
CA ARG C 327 -18.01 -24.87 14.42
C ARG C 327 -19.19 -25.53 13.72
N ASP C 328 -19.63 -26.68 14.22
CA ASP C 328 -20.84 -27.29 13.65
C ASP C 328 -22.07 -26.42 13.87
N GLN C 329 -22.24 -25.91 15.09
CA GLN C 329 -23.38 -25.02 15.36
C GLN C 329 -23.28 -23.74 14.51
N TRP C 330 -22.07 -23.20 14.36
CA TRP C 330 -21.88 -21.99 13.57
C TRP C 330 -22.22 -22.24 12.10
N GLU C 331 -21.83 -23.40 11.57
CA GLU C 331 -22.15 -23.74 10.19
C GLU C 331 -23.66 -23.82 9.99
N LYS C 332 -24.36 -24.51 10.90
CA LYS C 332 -25.82 -24.61 10.76
C LYS C 332 -26.49 -23.25 10.90
N ALA C 333 -26.03 -22.42 11.83
CA ALA C 333 -26.61 -21.10 12.02
C ALA C 333 -26.36 -20.20 10.80
N LEU C 334 -25.16 -20.28 10.22
CA LEU C 334 -24.88 -19.52 9.01
C LEU C 334 -25.76 -19.98 7.85
N CYS C 335 -26.00 -21.29 7.74
CA CYS C 335 -26.89 -21.78 6.69
C CYS C 335 -28.31 -21.24 6.85
N ARG C 336 -28.83 -21.28 8.10
CA ARG C 336 -30.18 -20.77 8.32
C ARG C 336 -30.26 -19.27 8.08
N ALA C 337 -29.25 -18.51 8.52
CA ALA C 337 -29.25 -17.06 8.31
C ALA C 337 -29.16 -16.72 6.84
N LEU C 338 -28.34 -17.45 6.07
CA LEU C 338 -28.25 -17.20 4.64
C LEU C 338 -29.55 -17.55 3.94
N ARG C 339 -30.22 -18.61 4.38
CA ARG C 339 -31.50 -18.99 3.77
C ARG C 339 -32.57 -17.92 4.02
N GLU C 340 -32.67 -17.42 5.26
CA GLU C 340 -33.68 -16.40 5.54
C GLU C 340 -33.33 -15.07 4.88
N THR C 341 -32.03 -14.75 4.77
CA THR C 341 -31.62 -13.55 4.04
C THR C 341 -32.00 -13.66 2.57
N LYS C 342 -31.77 -14.83 1.96
CA LYS C 342 -32.16 -15.02 0.57
C LYS C 342 -33.67 -14.91 0.39
N ASN C 343 -34.43 -15.45 1.33
CA ASN C 343 -35.89 -15.37 1.24
C ASN C 343 -36.38 -13.93 1.32
N ARG C 344 -35.86 -13.15 2.27
CA ARG C 344 -36.30 -11.77 2.40
C ARG C 344 -35.82 -10.90 1.23
N LEU C 345 -34.63 -11.19 0.70
CA LEU C 345 -34.15 -10.44 -0.45
C LEU C 345 -34.95 -10.76 -1.72
N GLU C 346 -35.35 -12.03 -1.88
CA GLU C 346 -36.23 -12.38 -3.00
C GLU C 346 -37.59 -11.72 -2.87
N ARG C 347 -38.13 -11.67 -1.64
CA ARG C 347 -39.39 -10.96 -1.42
C ARG C 347 -39.23 -9.46 -1.69
N GLU C 348 -38.03 -8.92 -1.47
CA GLU C 348 -37.77 -7.53 -1.83
C GLU C 348 -37.74 -7.34 -3.34
N VAL C 349 -37.11 -8.27 -4.07
CA VAL C 349 -37.03 -8.14 -5.52
C VAL C 349 -38.41 -8.32 -6.16
N TYR C 350 -39.31 -9.07 -5.50
CA TYR C 350 -40.66 -9.21 -6.02
C TYR C 350 -41.37 -7.86 -6.10
N GLU C 351 -41.19 -7.01 -5.08
CA GLU C 351 -41.59 -5.62 -5.21
C GLU C 351 -40.57 -4.85 -6.04
N GLY C 352 -40.96 -3.67 -6.49
CA GLY C 352 -40.13 -2.92 -7.40
C GLY C 352 -38.92 -2.26 -6.77
N ARG C 353 -37.94 -3.06 -6.33
CA ARG C 353 -36.74 -2.52 -5.72
C ARG C 353 -35.54 -3.38 -6.09
N PHE C 354 -34.38 -2.74 -6.19
CA PHE C 354 -33.13 -3.45 -6.45
C PHE C 354 -32.62 -4.13 -5.19
N SER C 355 -32.02 -5.30 -5.37
CA SER C 355 -31.40 -6.03 -4.26
C SER C 355 -30.27 -6.89 -4.79
N LEU C 356 -29.61 -7.60 -3.88
CA LEU C 356 -28.42 -8.40 -4.18
C LEU C 356 -28.71 -9.90 -4.18
N TYR C 357 -29.94 -10.29 -4.50
CA TYR C 357 -30.29 -11.71 -4.53
C TYR C 357 -29.53 -12.52 -5.57
N PRO C 358 -29.39 -12.10 -6.84
CA PRO C 358 -28.56 -12.88 -7.77
C PRO C 358 -27.11 -12.99 -7.36
N PHE C 359 -26.57 -11.98 -6.67
CA PHE C 359 -25.19 -12.05 -6.22
C PHE C 359 -25.02 -13.06 -5.11
N LEU C 360 -26.02 -13.23 -4.26
CA LEU C 360 -25.99 -14.31 -3.27
C LEU C 360 -26.29 -15.66 -3.89
N CYS C 361 -26.98 -15.70 -5.03
CA CYS C 361 -27.21 -16.93 -5.76
C CYS C 361 -26.06 -17.28 -6.69
N LEU C 362 -25.00 -16.47 -6.70
CA LEU C 362 -23.89 -16.68 -7.62
C LEU C 362 -23.11 -17.94 -7.27
N LEU C 363 -22.93 -18.22 -5.99
CA LEU C 363 -22.22 -19.39 -5.51
C LEU C 363 -23.17 -20.33 -4.79
N ASP C 364 -22.70 -21.55 -4.56
CA ASP C 364 -23.43 -22.49 -3.73
C ASP C 364 -23.41 -22.03 -2.28
N GLU C 365 -24.43 -22.44 -1.52
CA GLU C 365 -24.54 -22.04 -0.12
C GLU C 365 -23.35 -22.56 0.70
N ARG C 366 -22.96 -23.81 0.47
CA ARG C 366 -21.87 -24.41 1.23
C ARG C 366 -20.56 -23.69 0.98
N GLU C 367 -20.31 -23.28 -0.26
CA GLU C 367 -19.08 -22.56 -0.58
C GLU C 367 -19.03 -21.21 0.15
N VAL C 368 -20.16 -20.50 0.20
CA VAL C 368 -20.19 -19.21 0.88
C VAL C 368 -19.98 -19.39 2.38
N VAL C 369 -20.62 -20.40 2.98
CA VAL C 369 -20.45 -20.66 4.41
C VAL C 369 -18.99 -21.04 4.71
N ARG C 370 -18.39 -21.86 3.84
CA ARG C 370 -16.99 -22.24 4.03
C ARG C 370 -16.06 -21.04 3.92
N MET C 371 -16.33 -20.15 2.96
CA MET C 371 -15.52 -18.94 2.81
C MET C 371 -15.64 -18.03 4.03
N LEU C 372 -16.86 -17.88 4.55
CA LEU C 372 -17.06 -17.07 5.75
C LEU C 372 -16.36 -17.67 6.95
N LEU C 373 -16.39 -19.01 7.08
CA LEU C 373 -15.69 -19.66 8.18
C LEU C 373 -14.18 -19.49 8.05
N GLN C 374 -13.65 -19.55 6.83
CA GLN C 374 -12.23 -19.32 6.62
C GLN C 374 -11.85 -17.89 7.00
N VAL C 375 -12.68 -16.92 6.64
CA VAL C 375 -12.41 -15.52 6.98
C VAL C 375 -12.47 -15.33 8.49
N LEU C 376 -13.42 -15.99 9.16
CA LEU C 376 -13.49 -15.94 10.62
C LEU C 376 -12.25 -16.55 11.26
N GLN C 377 -11.76 -17.66 10.71
CA GLN C 377 -10.55 -18.29 11.24
C GLN C 377 -9.32 -17.40 11.04
N ALA C 378 -9.22 -16.74 9.89
CA ALA C 378 -8.05 -15.92 9.59
C ALA C 378 -8.05 -14.58 10.31
N LEU C 379 -9.14 -14.21 11.00
CA LEU C 379 -9.20 -12.92 11.66
C LEU C 379 -8.26 -12.89 12.87
N PRO C 380 -7.43 -11.87 13.01
CA PRO C 380 -6.46 -11.84 14.12
C PRO C 380 -7.14 -11.54 15.45
N ALA C 381 -6.33 -11.61 16.50
CA ALA C 381 -6.81 -11.28 17.85
C ALA C 381 -7.27 -9.83 17.91
N GLN C 382 -6.34 -8.89 17.71
CA GLN C 382 -6.74 -7.52 17.42
C GLN C 382 -7.30 -7.47 16.01
N GLY C 383 -8.49 -6.92 15.86
CA GLY C 383 -9.23 -7.04 14.63
C GLY C 383 -8.72 -6.15 13.52
N GLU C 384 -9.37 -6.29 12.37
CA GLU C 384 -9.09 -5.48 11.19
C GLU C 384 -10.32 -4.64 10.86
N SER C 385 -10.12 -3.65 10.01
CA SER C 385 -11.19 -2.71 9.68
C SER C 385 -12.32 -3.41 8.94
N PHE C 386 -13.54 -2.90 9.16
CA PHE C 386 -14.73 -3.50 8.57
C PHE C 386 -14.69 -3.41 7.04
N THR C 387 -14.22 -2.28 6.51
CA THR C 387 -14.15 -2.11 5.06
C THR C 387 -13.16 -3.07 4.42
N THR C 388 -12.05 -3.35 5.11
CA THR C 388 -11.08 -4.31 4.59
C THR C 388 -11.69 -5.70 4.50
N LEU C 389 -12.42 -6.12 5.53
CA LEU C 389 -13.09 -7.42 5.49
C LEU C 389 -14.13 -7.46 4.39
N ALA C 390 -14.87 -6.36 4.20
CA ALA C 390 -15.85 -6.32 3.11
C ALA C 390 -15.19 -6.45 1.75
N ARG C 391 -14.07 -5.77 1.54
CA ARG C 391 -13.34 -5.85 0.27
C ARG C 391 -12.80 -7.25 0.03
N GLU C 392 -12.23 -7.88 1.07
CA GLU C 392 -11.72 -9.25 0.91
C GLU C 392 -12.85 -10.23 0.62
N LEU C 393 -14.00 -10.08 1.29
CA LEU C 393 -15.13 -10.96 1.01
C LEU C 393 -15.62 -10.82 -0.42
N SER C 394 -15.74 -9.57 -0.91
CA SER C 394 -16.19 -9.36 -2.27
C SER C 394 -15.19 -9.91 -3.29
N ALA C 395 -13.89 -9.66 -3.07
CA ALA C 395 -12.87 -10.16 -3.99
C ALA C 395 -12.85 -11.68 -4.00
N ARG C 396 -12.96 -12.30 -2.83
CA ARG C 396 -12.94 -13.75 -2.75
C ARG C 396 -14.16 -14.37 -3.43
N THR C 397 -15.35 -13.80 -3.21
CA THR C 397 -16.53 -14.39 -3.85
C THR C 397 -16.51 -14.18 -5.37
N PHE C 398 -15.96 -13.06 -5.84
CA PHE C 398 -15.79 -12.89 -7.28
C PHE C 398 -14.80 -13.90 -7.85
N SER C 399 -13.69 -14.14 -7.15
CA SER C 399 -12.70 -15.10 -7.62
C SER C 399 -13.26 -16.52 -7.64
N ARG C 400 -14.01 -16.89 -6.60
CA ARG C 400 -14.62 -18.22 -6.58
C ARG C 400 -15.65 -18.37 -7.69
N HIS C 401 -16.40 -17.30 -7.99
CA HIS C 401 -17.32 -17.37 -9.12
C HIS C 401 -16.59 -17.58 -10.42
N VAL C 402 -15.49 -16.85 -10.63
CA VAL C 402 -14.72 -16.98 -11.87
C VAL C 402 -14.17 -18.40 -12.02
N VAL C 403 -13.66 -18.97 -10.93
CA VAL C 403 -13.10 -20.32 -11.01
C VAL C 403 -14.20 -21.36 -11.21
N GLN C 404 -15.30 -21.25 -10.46
CA GLN C 404 -16.32 -22.29 -10.46
C GLN C 404 -17.28 -22.21 -11.64
N ARG C 405 -17.31 -21.09 -12.37
CA ARG C 405 -18.16 -21.00 -13.55
C ARG C 405 -17.69 -21.94 -14.65
N GLN C 406 -16.38 -22.16 -14.75
CA GLN C 406 -15.83 -22.91 -15.87
C GLN C 406 -16.16 -24.39 -15.79
N ARG C 407 -16.31 -24.94 -14.58
CA ARG C 407 -16.69 -26.35 -14.47
C ARG C 407 -18.14 -26.58 -14.86
N VAL C 408 -18.99 -25.55 -14.71
CA VAL C 408 -20.37 -25.66 -15.15
C VAL C 408 -20.47 -25.44 -16.66
N SER C 409 -19.74 -24.45 -17.19
CA SER C 409 -19.80 -24.15 -18.60
C SER C 409 -19.06 -25.16 -19.48
N GLY C 410 -18.30 -26.08 -18.88
CA GLY C 410 -17.61 -27.11 -19.64
C GLY C 410 -16.25 -26.72 -20.18
N GLN C 411 -15.68 -25.60 -19.75
CA GLN C 411 -14.36 -25.21 -20.21
C GLN C 411 -13.27 -26.11 -19.63
N VAL C 412 -13.52 -26.76 -18.50
CA VAL C 412 -12.53 -27.61 -17.85
C VAL C 412 -12.19 -28.80 -18.74
N GLN C 413 -13.21 -29.44 -19.33
CA GLN C 413 -12.96 -30.60 -20.19
C GLN C 413 -12.23 -30.22 -21.47
N ALA C 414 -12.58 -29.07 -22.06
CA ALA C 414 -11.87 -28.60 -23.25
C ALA C 414 -10.41 -28.29 -22.93
N LEU C 415 -10.17 -27.64 -21.78
CA LEU C 415 -8.81 -27.39 -21.34
C LEU C 415 -8.04 -28.69 -21.11
N GLN C 416 -8.72 -29.70 -20.55
CA GLN C 416 -8.11 -31.00 -20.33
C GLN C 416 -7.66 -31.63 -21.64
N ASN C 417 -8.56 -31.65 -22.64
CA ASN C 417 -8.23 -32.27 -23.92
C ASN C 417 -7.11 -31.51 -24.63
N HIS C 418 -7.17 -30.17 -24.64
CA HIS C 418 -6.16 -29.41 -25.34
C HIS C 418 -4.81 -29.46 -24.63
N TYR C 419 -4.81 -29.50 -23.30
CA TYR C 419 -3.56 -29.67 -22.55
C TYR C 419 -2.97 -31.06 -22.80
N ARG C 420 -3.81 -32.08 -22.89
CA ARG C 420 -3.33 -33.42 -23.19
C ARG C 420 -2.70 -33.48 -24.57
N LYS C 421 -3.30 -32.79 -25.55
CA LYS C 421 -2.69 -32.72 -26.87
C LYS C 421 -1.39 -31.92 -26.86
N TYR C 422 -1.35 -30.83 -26.09
CA TYR C 422 -0.19 -29.94 -26.08
C TYR C 422 1.00 -30.55 -25.35
N LEU C 423 0.75 -31.46 -24.40
CA LEU C 423 1.82 -32.04 -23.61
C LEU C 423 2.78 -32.92 -24.41
N CYS C 424 2.44 -33.26 -25.65
CA CYS C 424 3.32 -34.09 -26.47
C CYS C 424 4.61 -33.37 -26.83
N LEU C 425 4.56 -32.04 -26.93
CA LEU C 425 5.77 -31.27 -27.23
C LEU C 425 6.80 -31.37 -26.12
N LEU C 426 6.36 -31.25 -24.87
CA LEU C 426 7.29 -31.25 -23.74
C LEU C 426 7.69 -32.66 -23.31
N ALA C 427 6.83 -33.65 -23.54
CA ALA C 427 7.08 -35.00 -23.07
C ALA C 427 8.26 -35.63 -23.80
N SER C 428 8.99 -36.49 -23.08
CA SER C 428 10.17 -37.13 -23.63
C SER C 428 9.82 -38.26 -24.60
N ASP C 429 8.73 -38.97 -24.36
CA ASP C 429 8.36 -40.11 -25.18
C ASP C 429 7.44 -39.76 -26.34
N ALA C 430 7.14 -38.49 -26.54
CA ALA C 430 6.24 -38.06 -27.61
C ALA C 430 6.98 -37.13 -28.56
N GLU C 431 6.63 -37.23 -29.84
CA GLU C 431 7.27 -36.43 -30.89
C GLU C 431 6.19 -35.73 -31.71
N VAL C 432 6.36 -34.42 -31.89
CA VAL C 432 5.47 -33.62 -32.73
C VAL C 432 5.91 -33.81 -34.18
N PRO C 433 5.03 -33.57 -35.17
CA PRO C 433 5.47 -33.63 -36.57
C PRO C 433 6.59 -32.66 -36.90
N GLU C 434 6.43 -31.38 -36.57
CA GLU C 434 7.46 -30.38 -36.76
C GLU C 434 7.70 -29.68 -35.42
N PRO C 435 8.94 -29.65 -34.93
CA PRO C 435 9.21 -28.95 -33.66
C PRO C 435 9.00 -27.45 -33.80
N CYS C 436 8.47 -26.84 -32.74
CA CYS C 436 8.20 -25.41 -32.73
C CYS C 436 8.17 -24.94 -31.28
N LEU C 437 7.95 -23.64 -31.11
CA LEU C 437 7.90 -23.05 -29.78
C LEU C 437 6.59 -23.41 -29.09
N PRO C 438 6.57 -23.44 -27.75
CA PRO C 438 5.34 -23.85 -27.04
C PRO C 438 4.13 -22.97 -27.33
N ARG C 439 4.31 -21.66 -27.47
CA ARG C 439 3.18 -20.78 -27.77
C ARG C 439 2.66 -21.03 -29.19
N GLN C 440 3.56 -21.26 -30.14
CA GLN C 440 3.13 -21.53 -31.51
C GLN C 440 2.42 -22.88 -31.61
N TYR C 441 2.87 -23.88 -30.83
CA TYR C 441 2.17 -25.16 -30.80
C TYR C 441 0.80 -25.02 -30.13
N TRP C 442 0.71 -24.21 -29.08
CA TRP C 442 -0.57 -23.98 -28.42
C TRP C 442 -1.55 -23.30 -29.35
N GLU C 443 -1.10 -22.31 -30.13
CA GLU C 443 -1.99 -21.61 -31.04
C GLU C 443 -2.29 -22.43 -32.30
N ALA C 444 -1.37 -23.30 -32.71
CA ALA C 444 -1.60 -24.13 -33.90
C ALA C 444 -2.74 -25.12 -33.67
N LEU C 445 -2.81 -25.69 -32.47
CA LEU C 445 -3.93 -26.55 -32.11
C LEU C 445 -5.18 -25.71 -31.86
N GLY C 446 -6.23 -26.38 -31.39
CA GLY C 446 -7.40 -25.66 -30.92
C GLY C 446 -7.05 -24.74 -29.78
N ALA C 447 -7.52 -23.49 -29.84
CA ALA C 447 -7.18 -22.51 -28.83
C ALA C 447 -8.35 -22.32 -27.88
N PRO C 448 -8.22 -22.70 -26.61
CA PRO C 448 -9.27 -22.36 -25.63
C PRO C 448 -9.32 -20.86 -25.44
N GLU C 449 -10.49 -20.27 -25.75
CA GLU C 449 -10.63 -18.82 -25.79
C GLU C 449 -10.78 -18.29 -24.37
N ALA C 450 -9.68 -17.83 -23.79
CA ALA C 450 -9.74 -17.14 -22.51
C ALA C 450 -10.30 -15.74 -22.71
N LEU C 451 -11.15 -15.32 -21.78
CA LEU C 451 -11.90 -14.07 -21.90
C LEU C 451 -11.51 -13.12 -20.79
N ARG C 452 -11.30 -11.85 -21.14
CA ARG C 452 -11.10 -10.81 -20.16
C ARG C 452 -12.38 -10.59 -19.36
N GLU C 453 -12.25 -10.55 -18.04
CA GLU C 453 -13.40 -10.47 -17.15
C GLU C 453 -13.61 -9.03 -16.69
N GLN C 454 -14.88 -8.60 -16.68
CA GLN C 454 -15.22 -7.24 -16.29
C GLN C 454 -15.57 -7.21 -14.82
N PRO C 455 -14.86 -6.45 -14.00
CA PRO C 455 -15.18 -6.39 -12.56
C PRO C 455 -16.49 -5.65 -12.31
N TRP C 456 -17.07 -5.94 -11.14
CA TRP C 456 -18.29 -5.29 -10.72
C TRP C 456 -18.02 -3.85 -10.29
N PRO C 457 -19.05 -3.01 -10.27
CA PRO C 457 -18.87 -1.66 -9.72
C PRO C 457 -18.51 -1.70 -8.24
N LEU C 458 -17.75 -0.70 -7.81
CA LEU C 458 -17.31 -0.63 -6.42
C LEU C 458 -18.44 -0.54 -5.39
N PRO C 459 -19.51 0.25 -5.57
CA PRO C 459 -20.60 0.20 -4.58
C PRO C 459 -21.25 -1.15 -4.42
N VAL C 460 -21.40 -1.91 -5.51
CA VAL C 460 -21.97 -3.26 -5.41
C VAL C 460 -21.05 -4.17 -4.61
N GLN C 461 -19.74 -4.08 -4.87
CA GLN C 461 -18.76 -4.86 -4.12
C GLN C 461 -18.79 -4.54 -2.63
N MET C 462 -18.84 -3.25 -2.30
CA MET C 462 -18.85 -2.85 -0.90
C MET C 462 -20.14 -3.26 -0.20
N GLU C 463 -21.28 -3.14 -0.89
CA GLU C 463 -22.55 -3.56 -0.32
C GLU C 463 -22.57 -5.07 -0.07
N LEU C 464 -22.07 -5.85 -1.03
CA LEU C 464 -22.01 -7.30 -0.83
C LEU C 464 -21.09 -7.69 0.32
N GLY C 465 -19.93 -7.04 0.41
CA GLY C 465 -19.01 -7.34 1.50
C GLY C 465 -19.59 -6.99 2.86
N LYS C 466 -20.24 -5.82 2.96
CA LYS C 466 -20.84 -5.42 4.23
C LYS C 466 -22.00 -6.33 4.60
N LEU C 467 -22.80 -6.76 3.61
CA LEU C 467 -23.89 -7.68 3.90
C LEU C 467 -23.36 -9.01 4.42
N LEU C 468 -22.31 -9.55 3.79
CA LEU C 468 -21.75 -10.82 4.24
C LEU C 468 -21.11 -10.70 5.62
N ALA C 469 -20.43 -9.59 5.88
CA ALA C 469 -19.83 -9.40 7.21
C ALA C 469 -20.89 -9.24 8.29
N GLU C 470 -21.98 -8.53 7.98
CA GLU C 470 -23.08 -8.41 8.93
C GLU C 470 -23.75 -9.76 9.19
N MET C 471 -23.86 -10.58 8.14
CA MET C 471 -24.38 -11.94 8.30
C MET C 471 -23.48 -12.77 9.22
N LEU C 472 -22.16 -12.65 9.03
CA LEU C 472 -21.22 -13.36 9.89
C LEU C 472 -21.32 -12.89 11.34
N VAL C 473 -21.48 -11.59 11.55
CA VAL C 473 -21.55 -11.06 12.90
C VAL C 473 -22.82 -11.53 13.60
N GLN C 474 -23.96 -11.44 12.92
CA GLN C 474 -25.23 -11.77 13.56
C GLN C 474 -25.46 -13.28 13.67
N ALA C 475 -24.86 -14.07 12.78
CA ALA C 475 -25.17 -15.49 12.70
C ALA C 475 -24.26 -16.38 13.54
N THR C 476 -23.33 -15.80 14.29
CA THR C 476 -22.38 -16.58 15.09
C THR C 476 -22.53 -16.21 16.56
N GLN C 477 -22.72 -17.21 17.41
CA GLN C 477 -22.86 -17.02 18.84
C GLN C 477 -22.05 -18.10 19.56
N MET C 478 -21.66 -17.79 20.80
CA MET C 478 -20.92 -18.74 21.61
C MET C 478 -21.31 -18.56 23.06
N PRO C 479 -21.20 -19.60 23.89
CA PRO C 479 -21.38 -19.42 25.33
C PRO C 479 -20.12 -18.90 25.99
N CYS C 480 -20.33 -18.10 27.04
CA CYS C 480 -19.20 -17.49 27.75
C CYS C 480 -18.37 -18.53 28.48
N SER C 481 -19.04 -19.50 29.11
CA SER C 481 -18.40 -20.57 29.90
C SER C 481 -17.47 -20.02 30.98
N SER C 489 -25.70 -19.08 31.86
CA SER C 489 -24.75 -18.77 30.80
C SER C 489 -25.43 -18.71 29.44
N ARG C 490 -26.08 -17.58 29.17
CA ARG C 490 -26.76 -17.40 27.89
C ARG C 490 -25.76 -17.17 26.77
N LEU C 491 -26.23 -17.34 25.54
CA LEU C 491 -25.37 -17.19 24.38
C LEU C 491 -25.02 -15.73 24.16
N VAL C 492 -23.78 -15.48 23.75
CA VAL C 492 -23.28 -14.12 23.51
C VAL C 492 -22.60 -14.13 22.13
N PRO C 493 -22.69 -13.05 21.36
CA PRO C 493 -22.00 -13.03 20.07
C PRO C 493 -20.49 -13.09 20.20
N VAL C 494 -19.84 -13.59 19.16
CA VAL C 494 -18.38 -13.69 19.13
C VAL C 494 -17.76 -12.41 18.62
N LEU C 495 -18.28 -11.85 17.53
CA LEU C 495 -17.73 -10.66 16.90
C LEU C 495 -18.50 -9.42 17.32
N TYR C 496 -17.77 -8.33 17.58
CA TYR C 496 -18.38 -7.06 17.95
C TYR C 496 -17.77 -5.94 17.13
N HIS C 497 -18.52 -4.84 17.04
CA HIS C 497 -18.04 -3.61 16.42
C HIS C 497 -17.42 -2.73 17.50
N VAL C 498 -16.16 -2.34 17.30
CA VAL C 498 -15.44 -1.48 18.22
C VAL C 498 -14.89 -0.30 17.44
N TYR C 499 -15.20 0.91 17.90
CA TYR C 499 -14.63 2.13 17.25
C TYR C 499 -13.25 2.37 17.86
N SER C 500 -12.18 2.16 17.08
CA SER C 500 -10.81 2.28 17.64
C SER C 500 -9.94 3.11 16.70
N PHE C 501 -8.81 3.63 17.22
CA PHE C 501 -7.91 4.47 16.40
C PHE C 501 -6.87 3.60 15.70
N ARG C 502 -6.77 3.64 14.38
CA ARG C 502 -5.80 2.86 13.57
C ARG C 502 -5.08 3.82 12.62
N ASN C 503 -3.74 3.78 12.60
CA ASN C 503 -2.97 4.83 11.88
C ASN C 503 -3.18 6.15 12.62
N VAL C 504 -3.53 7.22 11.91
CA VAL C 504 -3.81 8.52 12.58
C VAL C 504 -5.32 8.80 12.53
N GLN C 505 -6.14 7.81 12.20
CA GLN C 505 -7.59 8.08 12.02
C GLN C 505 -8.45 7.13 12.86
N GLN C 506 -9.67 7.56 13.22
CA GLN C 506 -10.63 6.67 13.93
C GLN C 506 -11.30 5.76 12.91
N ILE C 507 -11.51 4.49 13.23
CA ILE C 507 -12.07 3.53 12.25
C ILE C 507 -12.88 2.46 13.01
N GLY C 508 -13.83 1.80 12.33
CA GLY C 508 -14.52 0.69 12.97
C GLY C 508 -13.79 -0.62 12.74
N ILE C 509 -13.79 -1.47 13.74
CA ILE C 509 -13.02 -2.71 13.75
C ILE C 509 -13.92 -3.84 14.24
N LEU C 510 -13.84 -4.99 13.56
CA LEU C 510 -14.48 -6.21 14.05
C LEU C 510 -13.53 -6.91 15.01
N LYS C 511 -13.94 -7.02 16.27
CA LYS C 511 -13.11 -7.61 17.30
C LYS C 511 -13.76 -8.88 17.82
N PRO C 512 -13.04 -10.00 17.88
CA PRO C 512 -13.61 -11.23 18.42
C PRO C 512 -13.61 -11.24 19.94
N HIS C 513 -14.42 -12.14 20.48
CA HIS C 513 -14.48 -12.32 21.93
C HIS C 513 -13.17 -12.91 22.43
N PRO C 514 -12.66 -12.44 23.58
CA PRO C 514 -11.41 -13.00 24.11
C PRO C 514 -11.47 -14.48 24.44
N ALA C 515 -12.66 -15.04 24.71
CA ALA C 515 -12.78 -16.48 24.88
C ALA C 515 -12.47 -17.22 23.58
N TYR C 516 -12.91 -16.66 22.44
CA TYR C 516 -12.59 -17.25 21.15
C TYR C 516 -11.08 -17.25 20.90
N VAL C 517 -10.42 -16.13 21.23
CA VAL C 517 -8.97 -16.04 21.06
C VAL C 517 -8.26 -17.01 21.99
N GLN C 518 -8.77 -17.16 23.22
CA GLN C 518 -8.18 -18.11 24.16
C GLN C 518 -8.31 -19.55 23.67
N LEU C 519 -9.47 -19.91 23.13
CA LEU C 519 -9.65 -21.26 22.59
C LEU C 519 -8.86 -21.48 21.31
N LEU C 520 -8.58 -20.42 20.56
CA LEU C 520 -7.71 -20.56 19.39
C LEU C 520 -6.25 -20.73 19.81
N GLU C 521 -5.81 -20.00 20.83
CA GLU C 521 -4.44 -20.12 21.30
C GLU C 521 -4.19 -21.48 21.93
N LYS C 522 -5.11 -21.95 22.77
CA LYS C 522 -5.03 -23.31 23.28
C LYS C 522 -5.32 -24.31 22.17
N ALA C 523 -4.60 -25.42 22.19
CA ALA C 523 -4.68 -26.48 21.18
C ALA C 523 -4.45 -25.90 19.78
N ALA C 524 -3.24 -25.39 19.59
CA ALA C 524 -2.90 -24.72 18.33
C ALA C 524 -2.93 -25.69 17.16
N GLU C 525 -3.58 -25.27 16.08
CA GLU C 525 -3.66 -26.10 14.89
C GLU C 525 -2.30 -26.16 14.21
N PRO C 526 -1.88 -27.35 13.77
CA PRO C 526 -0.57 -27.47 13.12
C PRO C 526 -0.60 -27.22 11.62
N THR C 527 -1.66 -26.59 11.14
CA THR C 527 -1.86 -26.38 9.71
C THR C 527 -1.80 -24.90 9.37
N LEU C 528 -1.36 -24.62 8.13
CA LEU C 528 -1.30 -23.28 7.59
C LEU C 528 -2.07 -23.25 6.28
N THR C 529 -2.59 -22.07 5.92
CA THR C 529 -3.44 -21.90 4.76
C THR C 529 -2.75 -21.02 3.74
N PHE C 530 -2.62 -21.53 2.51
CA PHE C 530 -2.12 -20.77 1.38
C PHE C 530 -3.20 -20.68 0.31
N GLU C 531 -3.07 -19.67 -0.55
CA GLU C 531 -3.94 -19.59 -1.71
C GLU C 531 -3.40 -20.47 -2.83
N ALA C 532 -4.26 -20.75 -3.80
CA ALA C 532 -3.87 -21.57 -4.95
C ALA C 532 -2.98 -20.82 -5.93
N VAL C 533 -2.84 -19.50 -5.78
CA VAL C 533 -1.99 -18.71 -6.67
C VAL C 533 -0.65 -18.38 -6.05
N ASP C 534 -0.48 -18.55 -4.74
CA ASP C 534 0.79 -18.31 -4.08
C ASP C 534 1.61 -19.57 -3.87
N VAL C 535 1.15 -20.71 -4.41
CA VAL C 535 1.91 -21.95 -4.36
C VAL C 535 2.43 -22.25 -5.76
N PRO C 536 3.59 -22.91 -5.89
CA PRO C 536 4.09 -23.27 -7.23
C PRO C 536 3.17 -24.26 -7.93
N MET C 537 3.16 -24.16 -9.26
CA MET C 537 2.29 -24.99 -10.07
C MET C 537 2.76 -26.44 -10.07
N LEU C 538 1.82 -27.37 -9.98
CA LEU C 538 2.12 -28.80 -9.99
C LEU C 538 2.22 -29.37 -11.39
N CYS C 539 1.85 -28.59 -12.41
CA CYS C 539 1.88 -28.98 -13.81
C CYS C 539 2.60 -27.89 -14.58
N PRO C 540 3.11 -28.19 -15.77
CA PRO C 540 3.74 -27.16 -16.60
C PRO C 540 2.77 -26.03 -16.89
N PRO C 541 3.21 -24.78 -16.80
CA PRO C 541 2.30 -23.64 -16.98
C PRO C 541 1.83 -23.52 -18.42
N LEU C 542 0.68 -22.87 -18.58
CA LEU C 542 0.19 -22.57 -19.90
C LEU C 542 1.08 -21.51 -20.55
N PRO C 543 1.26 -21.57 -21.87
CA PRO C 543 2.06 -20.55 -22.54
C PRO C 543 1.40 -19.17 -22.48
N TRP C 544 2.25 -18.15 -22.51
CA TRP C 544 1.78 -16.77 -22.50
C TRP C 544 1.35 -16.39 -23.90
N THR C 545 0.04 -16.25 -24.12
CA THR C 545 -0.51 -15.96 -25.43
C THR C 545 -1.14 -14.58 -25.53
N SER C 546 -1.27 -13.86 -24.43
CA SER C 546 -1.95 -12.57 -24.41
C SER C 546 -1.53 -11.85 -23.13
N PRO C 547 -1.73 -10.53 -23.05
CA PRO C 547 -1.49 -9.83 -21.79
C PRO C 547 -2.39 -10.28 -20.65
N HIS C 548 -3.55 -10.88 -20.94
CA HIS C 548 -4.45 -11.38 -19.90
C HIS C 548 -4.47 -12.89 -19.77
N SER C 549 -4.51 -13.62 -20.89
CA SER C 549 -4.40 -15.07 -20.83
C SER C 549 -2.96 -15.48 -20.56
N GLY C 550 -2.79 -16.58 -19.84
CA GLY C 550 -1.44 -16.96 -19.46
C GLY C 550 -1.29 -18.12 -18.51
N ALA C 551 -0.48 -17.91 -17.46
CA ALA C 551 0.17 -19.01 -16.75
C ALA C 551 -0.82 -19.93 -16.05
N PHE C 552 -1.71 -19.38 -15.24
CA PHE C 552 -2.55 -20.21 -14.38
C PHE C 552 -3.70 -20.82 -15.18
N LEU C 553 -4.11 -22.02 -14.77
CA LEU C 553 -5.10 -22.78 -15.52
C LEU C 553 -6.47 -22.11 -15.46
N LEU C 554 -6.92 -21.76 -14.26
CA LEU C 554 -8.26 -21.20 -14.07
C LEU C 554 -8.26 -19.80 -13.49
N SER C 555 -7.27 -19.44 -12.69
CA SER C 555 -7.26 -18.12 -12.07
C SER C 555 -6.91 -17.05 -13.10
N PRO C 556 -7.52 -15.87 -13.00
CA PRO C 556 -7.15 -14.77 -13.90
C PRO C 556 -5.74 -14.29 -13.64
N THR C 557 -5.09 -13.82 -14.70
CA THR C 557 -3.68 -13.44 -14.66
C THR C 557 -3.49 -12.07 -15.28
N LYS C 558 -2.44 -11.38 -14.85
CA LYS C 558 -2.03 -10.10 -15.40
C LYS C 558 -0.56 -10.15 -15.77
N LEU C 559 -0.23 -9.57 -16.93
CA LEU C 559 1.14 -9.64 -17.43
C LEU C 559 2.07 -8.72 -16.65
N MET C 560 1.63 -7.51 -16.36
CA MET C 560 2.45 -6.52 -15.67
C MET C 560 1.91 -6.28 -14.27
N ARG C 561 2.77 -6.39 -13.27
CA ARG C 561 2.38 -6.11 -11.90
C ARG C 561 2.17 -4.60 -11.74
N THR C 562 1.00 -4.24 -11.21
CA THR C 562 0.63 -2.84 -11.05
C THR C 562 0.02 -2.64 -9.66
N VAL C 563 0.08 -1.39 -9.19
CA VAL C 563 -0.67 -1.02 -8.00
C VAL C 563 -2.16 -0.96 -8.34
N GLU C 564 -2.99 -0.94 -7.30
CA GLU C 564 -4.43 -0.89 -7.49
C GLU C 564 -4.84 0.43 -8.14
N GLY C 565 -5.68 0.33 -9.16
CA GLY C 565 -6.13 1.50 -9.89
C GLY C 565 -5.25 1.92 -11.05
N ALA C 566 -4.16 1.20 -11.33
CA ALA C 566 -3.25 1.53 -12.42
C ALA C 566 -3.60 0.64 -13.61
N THR C 567 -4.35 1.19 -14.55
CA THR C 567 -4.79 0.46 -15.73
C THR C 567 -4.08 0.90 -17.01
N GLN C 568 -3.21 1.90 -16.93
CA GLN C 568 -2.53 2.39 -18.13
C GLN C 568 -1.53 1.37 -18.65
N HIS C 569 -0.87 0.64 -17.74
CA HIS C 569 0.13 -0.35 -18.15
C HIS C 569 -0.49 -1.47 -18.96
N GLN C 570 -1.67 -1.95 -18.56
CA GLN C 570 -2.34 -3.03 -19.25
C GLN C 570 -3.22 -2.54 -20.39
N GLU C 571 -3.40 -1.24 -20.55
CA GLU C 571 -4.11 -0.70 -21.70
C GLU C 571 -3.16 -0.35 -22.83
N LEU C 572 -1.96 0.13 -22.51
CA LEU C 572 -0.95 0.35 -23.53
C LEU C 572 -0.42 -0.97 -24.08
N LEU C 573 -0.44 -2.03 -23.26
CA LEU C 573 0.01 -3.34 -23.71
C LEU C 573 -0.99 -4.03 -24.64
N GLU C 574 -2.24 -3.57 -24.66
CA GLU C 574 -3.28 -4.19 -25.46
C GLU C 574 -3.54 -3.46 -26.78
N THR C 575 -2.83 -2.36 -27.03
CA THR C 575 -2.97 -1.63 -28.29
C THR C 575 -1.73 -1.71 -29.17
N CYS C 576 -0.72 -2.47 -28.76
CA CYS C 576 0.47 -2.65 -29.56
C CYS C 576 0.18 -3.60 -30.72
N PRO C 577 1.02 -3.57 -31.76
CA PRO C 577 0.92 -4.61 -32.78
C PRO C 577 1.14 -5.99 -32.17
N PRO C 578 0.45 -7.01 -32.67
CA PRO C 578 0.48 -8.33 -32.01
C PRO C 578 1.86 -8.96 -31.94
N THR C 579 2.72 -8.71 -32.93
CA THR C 579 4.04 -9.36 -32.94
C THR C 579 4.98 -8.79 -31.90
N ALA C 580 4.76 -7.55 -31.45
CA ALA C 580 5.75 -6.83 -30.65
C ALA C 580 6.04 -7.53 -29.33
N LEU C 581 5.02 -8.08 -28.67
CA LEU C 581 5.23 -8.77 -27.42
C LEU C 581 5.68 -10.21 -27.57
N HIS C 582 5.69 -10.75 -28.80
CA HIS C 582 6.03 -12.17 -28.97
C HIS C 582 7.46 -12.47 -28.58
N GLY C 583 8.35 -11.48 -28.60
CA GLY C 583 9.67 -11.68 -28.05
C GLY C 583 9.66 -11.85 -26.54
N ALA C 584 8.85 -11.04 -25.85
CA ALA C 584 8.82 -11.11 -24.39
C ALA C 584 8.03 -12.31 -23.90
N LEU C 585 6.81 -12.49 -24.43
CA LEU C 585 5.91 -13.54 -23.97
C LEU C 585 6.56 -14.91 -24.07
N ASP C 586 7.18 -15.20 -25.21
CA ASP C 586 7.88 -16.46 -25.42
C ASP C 586 8.94 -16.67 -24.34
N ALA C 587 9.72 -15.63 -24.06
CA ALA C 587 10.70 -15.72 -22.98
C ALA C 587 10.02 -15.99 -21.65
N LEU C 588 8.90 -15.29 -21.39
CA LEU C 588 8.14 -15.53 -20.17
C LEU C 588 7.57 -16.94 -20.16
N THR C 589 7.31 -17.51 -21.32
CA THR C 589 6.92 -18.92 -21.37
C THR C 589 8.12 -19.81 -21.05
N GLN C 590 9.29 -19.49 -21.62
CA GLN C 590 10.46 -20.34 -21.45
C GLN C 590 10.91 -20.39 -20.00
N LEU C 591 10.96 -19.22 -19.35
CA LEU C 591 11.27 -19.18 -17.92
C LEU C 591 10.23 -19.90 -17.09
N GLY C 592 9.00 -20.02 -17.61
CA GLY C 592 7.99 -20.81 -16.93
C GLY C 592 8.14 -22.29 -17.14
N ASN C 593 8.78 -22.70 -18.24
CA ASN C 593 8.90 -24.12 -18.55
C ASN C 593 10.00 -24.82 -17.80
N CYS C 594 10.83 -24.09 -17.06
CA CYS C 594 11.87 -24.71 -16.27
C CYS C 594 11.27 -25.49 -15.10
N ALA C 595 11.78 -26.70 -14.90
CA ALA C 595 11.27 -27.59 -13.86
C ALA C 595 12.21 -27.58 -12.67
N TRP C 596 11.67 -27.28 -11.49
CA TRP C 596 12.44 -27.15 -10.26
C TRP C 596 12.19 -28.34 -9.34
N ARG C 597 13.06 -28.47 -8.34
CA ARG C 597 12.87 -29.46 -7.30
C ARG C 597 13.60 -29.00 -6.04
N VAL C 598 13.28 -29.64 -4.93
CA VAL C 598 13.88 -29.32 -3.63
C VAL C 598 15.14 -30.15 -3.48
N ASN C 599 16.20 -29.52 -2.96
CA ASN C 599 17.49 -30.20 -2.81
C ASN C 599 17.38 -31.37 -1.84
N GLY C 600 16.67 -31.20 -0.73
CA GLY C 600 16.46 -32.29 0.20
C GLY C 600 17.49 -32.37 1.31
N ARG C 601 18.77 -32.54 0.95
CA ARG C 601 19.82 -32.63 1.94
C ARG C 601 20.01 -31.31 2.68
N VAL C 602 19.87 -30.18 1.98
CA VAL C 602 19.96 -28.88 2.64
C VAL C 602 18.74 -28.65 3.52
N LEU C 603 17.56 -29.10 3.09
CA LEU C 603 16.33 -28.87 3.83
C LEU C 603 16.35 -29.58 5.18
N ASP C 604 16.96 -30.75 5.25
CA ASP C 604 17.06 -31.47 6.52
C ASP C 604 17.88 -30.67 7.54
N LEU C 605 19.03 -30.13 7.12
CA LEU C 605 19.86 -29.33 8.01
C LEU C 605 19.17 -28.03 8.40
N VAL C 606 18.49 -27.39 7.44
CA VAL C 606 17.79 -26.14 7.74
C VAL C 606 16.67 -26.37 8.74
N LEU C 607 15.91 -27.45 8.57
CA LEU C 607 14.84 -27.78 9.51
C LEU C 607 15.42 -28.16 10.87
N GLN C 608 16.56 -28.86 10.89
CA GLN C 608 17.20 -29.22 12.15
C GLN C 608 17.63 -27.99 12.93
N LEU C 609 18.18 -26.99 12.24
CA LEU C 609 18.54 -25.75 12.92
C LEU C 609 17.30 -24.95 13.31
N PHE C 610 16.25 -25.00 12.50
CA PHE C 610 15.06 -24.18 12.74
C PHE C 610 14.27 -24.68 13.94
N GLN C 611 14.06 -26.00 14.03
CA GLN C 611 13.22 -26.54 15.10
C GLN C 611 13.90 -26.42 16.47
N ALA C 612 15.23 -26.44 16.51
CA ALA C 612 15.97 -26.15 17.72
C ALA C 612 16.24 -24.65 17.80
N LYS C 613 17.13 -24.24 18.69
CA LYS C 613 17.56 -22.84 18.75
C LYS C 613 18.35 -22.51 17.49
N GLY C 614 17.78 -21.65 16.64
CA GLY C 614 18.37 -21.40 15.35
C GLY C 614 19.63 -20.56 15.40
N CYS C 615 20.40 -20.64 14.31
CA CYS C 615 21.60 -19.85 14.17
C CYS C 615 21.30 -18.62 13.32
N PRO C 616 21.29 -17.41 13.87
CA PRO C 616 21.02 -16.23 13.06
C PRO C 616 22.19 -15.78 12.21
N GLN C 617 23.38 -16.32 12.43
CA GLN C 617 24.52 -16.00 11.57
C GLN C 617 24.32 -16.54 10.16
N LEU C 618 23.85 -17.78 10.05
CA LEU C 618 23.62 -18.37 8.73
C LEU C 618 22.37 -17.83 8.06
N GLY C 619 21.34 -17.50 8.83
CA GLY C 619 20.11 -16.96 8.27
C GLY C 619 18.86 -17.65 8.77
N VAL C 620 19.00 -18.46 9.81
CA VAL C 620 17.88 -19.18 10.42
C VAL C 620 17.44 -18.41 11.67
N PRO C 621 16.22 -17.88 11.70
CA PRO C 621 15.79 -17.12 12.89
C PRO C 621 15.67 -18.00 14.12
N ALA C 622 15.64 -17.34 15.28
CA ALA C 622 15.61 -17.96 16.59
C ALA C 622 14.21 -17.90 17.19
N PRO C 623 13.86 -18.85 18.05
CA PRO C 623 12.53 -18.83 18.69
C PRO C 623 12.41 -17.66 19.65
N PRO C 624 11.18 -17.23 19.96
CA PRO C 624 11.00 -16.12 20.92
C PRO C 624 11.49 -16.43 22.32
N SER C 625 11.66 -17.70 22.68
CA SER C 625 12.25 -18.04 23.98
C SER C 625 13.69 -17.57 24.08
N GLU C 626 14.43 -17.65 22.97
CA GLU C 626 15.83 -17.22 22.95
C GLU C 626 15.98 -15.71 22.89
N ALA C 627 14.89 -14.96 22.75
CA ALA C 627 14.97 -13.51 22.71
C ALA C 627 15.43 -12.96 24.06
N PRO C 628 16.17 -11.85 24.05
CA PRO C 628 16.66 -11.28 25.31
C PRO C 628 15.53 -10.72 26.15
N GLN C 629 15.81 -10.60 27.46
CA GLN C 629 14.85 -10.11 28.44
C GLN C 629 15.45 -8.93 29.19
N PRO C 630 14.61 -8.01 29.69
CA PRO C 630 15.12 -6.89 30.46
C PRO C 630 15.75 -7.37 31.75
N PRO C 631 16.81 -6.71 32.22
CA PRO C 631 17.45 -7.12 33.47
C PRO C 631 16.55 -6.89 34.67
N GLU C 632 16.78 -7.69 35.70
CA GLU C 632 16.03 -7.58 36.94
C GLU C 632 16.33 -6.25 37.63
N ALA C 633 15.32 -5.67 38.26
CA ALA C 633 15.42 -4.38 38.92
C ALA C 633 15.31 -4.54 40.42
N HIS C 634 16.26 -3.97 41.15
CA HIS C 634 16.24 -3.98 42.60
C HIS C 634 16.05 -2.60 43.21
N LEU C 635 16.58 -1.55 42.59
CA LEU C 635 16.40 -0.19 43.08
C LEU C 635 14.99 0.30 42.73
N PRO C 636 14.35 1.07 43.61
CA PRO C 636 13.03 1.63 43.28
C PRO C 636 13.10 2.60 42.11
N HIS C 637 12.01 2.62 41.32
CA HIS C 637 11.95 3.50 40.17
C HIS C 637 11.90 4.97 40.58
N SER C 638 11.17 5.27 41.66
CA SER C 638 11.04 6.64 42.13
C SER C 638 12.29 7.16 42.83
N ALA C 639 13.26 6.28 43.13
CA ALA C 639 14.48 6.72 43.78
C ALA C 639 15.29 7.65 42.88
N ALA C 640 15.38 7.33 41.60
CA ALA C 640 16.13 8.15 40.66
C ALA C 640 15.43 8.14 39.31
N PRO C 641 15.23 9.31 38.69
CA PRO C 641 14.64 9.33 37.33
C PRO C 641 15.47 8.59 36.30
N ALA C 642 16.80 8.61 36.43
CA ALA C 642 17.66 7.94 35.46
C ALA C 642 17.45 6.43 35.49
N ARG C 643 17.25 5.85 36.67
CA ARG C 643 17.06 4.41 36.79
C ARG C 643 15.77 3.97 36.10
N LYS C 644 14.65 4.64 36.39
CA LYS C 644 13.40 4.28 35.74
C LYS C 644 13.45 4.60 34.24
N ALA C 645 14.15 5.65 33.85
CA ALA C 645 14.28 5.96 32.42
C ALA C 645 15.05 4.86 31.68
N GLU C 646 16.16 4.39 32.25
CA GLU C 646 16.92 3.35 31.58
C GLU C 646 16.18 2.01 31.61
N LEU C 647 15.43 1.72 32.68
CA LEU C 647 14.60 0.52 32.70
C LEU C 647 13.52 0.58 31.62
N ARG C 648 12.88 1.73 31.46
CA ARG C 648 11.86 1.89 30.43
C ARG C 648 12.46 1.75 29.04
N ARG C 649 13.64 2.34 28.81
CA ARG C 649 14.29 2.23 27.51
C ARG C 649 14.71 0.78 27.21
N GLU C 650 15.22 0.07 28.22
CA GLU C 650 15.58 -1.32 28.03
C GLU C 650 14.36 -2.18 27.72
N LEU C 651 13.25 -1.93 28.41
CA LEU C 651 12.03 -2.68 28.13
C LEU C 651 11.50 -2.39 26.73
N ALA C 652 11.51 -1.12 26.33
CA ALA C 652 11.01 -0.75 25.00
C ALA C 652 11.93 -1.21 23.88
N HIS C 653 13.21 -1.46 24.18
CA HIS C 653 14.11 -2.05 23.19
C HIS C 653 13.94 -3.56 23.12
N CYS C 654 13.75 -4.21 24.27
CA CYS C 654 13.56 -5.65 24.30
C CYS C 654 12.26 -6.05 23.59
N GLN C 655 11.18 -5.28 23.81
CA GLN C 655 9.93 -5.57 23.12
C GLN C 655 10.08 -5.43 21.61
N LYS C 656 10.79 -4.39 21.16
CA LYS C 656 10.97 -4.17 19.73
C LYS C 656 11.80 -5.29 19.09
N VAL C 657 12.89 -5.70 19.74
CA VAL C 657 13.71 -6.76 19.17
C VAL C 657 12.97 -8.10 19.21
N ALA C 658 12.14 -8.32 20.24
CA ALA C 658 11.32 -9.53 20.28
C ALA C 658 10.32 -9.56 19.14
N ARG C 659 9.69 -8.41 18.85
CA ARG C 659 8.74 -8.34 17.74
C ARG C 659 9.44 -8.59 16.40
N GLU C 660 10.63 -8.01 16.22
CA GLU C 660 11.38 -8.24 14.98
C GLU C 660 11.76 -9.72 14.83
N MET C 661 12.20 -10.35 15.91
CA MET C 661 12.54 -11.77 15.88
C MET C 661 11.32 -12.62 15.56
N HIS C 662 10.16 -12.26 16.14
CA HIS C 662 8.94 -13.01 15.85
C HIS C 662 8.53 -12.89 14.39
N SER C 663 8.65 -11.70 13.81
CA SER C 663 8.35 -11.53 12.39
C SER C 663 9.28 -12.34 11.51
N LEU C 664 10.58 -12.32 11.82
CA LEU C 664 11.55 -13.11 11.04
C LEU C 664 11.25 -14.60 11.14
N ARG C 665 10.93 -15.08 12.34
CA ARG C 665 10.59 -16.48 12.51
C ARG C 665 9.32 -16.84 11.76
N ALA C 666 8.33 -15.94 11.71
CA ALA C 666 7.12 -16.20 10.95
C ALA C 666 7.42 -16.37 9.46
N GLU C 667 8.27 -15.49 8.92
CA GLU C 667 8.64 -15.62 7.51
C GLU C 667 9.38 -16.91 7.23
N ALA C 668 10.35 -17.26 8.09
CA ALA C 668 11.08 -18.51 7.91
C ALA C 668 10.15 -19.71 8.01
N LEU C 669 9.19 -19.67 8.92
CA LEU C 669 8.24 -20.77 9.09
C LEU C 669 7.38 -20.95 7.85
N TYR C 670 6.88 -19.85 7.29
CA TYR C 670 6.08 -19.96 6.07
C TYR C 670 6.90 -20.54 4.92
N ARG C 671 8.12 -20.03 4.73
CA ARG C 671 8.95 -20.50 3.62
C ARG C 671 9.30 -21.98 3.77
N LEU C 672 9.69 -22.40 4.98
CA LEU C 672 10.07 -23.79 5.18
C LEU C 672 8.88 -24.72 5.14
N SER C 673 7.70 -24.28 5.58
CA SER C 673 6.51 -25.10 5.45
C SER C 673 6.16 -25.34 3.98
N LEU C 674 6.24 -24.29 3.16
CA LEU C 674 5.99 -24.47 1.72
C LEU C 674 7.04 -25.38 1.09
N ALA C 675 8.31 -25.23 1.50
CA ALA C 675 9.37 -26.09 0.96
C ALA C 675 9.15 -27.55 1.35
N GLN C 676 8.74 -27.80 2.61
CA GLN C 676 8.44 -29.17 3.04
C GLN C 676 7.25 -29.73 2.28
N HIS C 677 6.25 -28.90 1.99
CA HIS C 677 5.13 -29.34 1.17
C HIS C 677 5.58 -29.74 -0.22
N LEU C 678 6.53 -29.00 -0.80
CA LEU C 678 6.99 -29.25 -2.16
C LEU C 678 8.10 -30.31 -2.25
N ARG C 679 8.49 -30.91 -1.13
CA ARG C 679 9.54 -31.93 -1.17
C ARG C 679 9.07 -33.16 -1.93
N ASP C 680 10.00 -33.77 -2.67
CA ASP C 680 9.79 -35.00 -3.44
C ASP C 680 8.73 -34.83 -4.53
N ARG C 681 8.50 -33.59 -4.99
CA ARG C 681 7.56 -33.32 -6.06
C ARG C 681 8.18 -32.32 -7.01
N VAL C 682 7.75 -32.35 -8.26
CA VAL C 682 8.28 -31.46 -9.31
C VAL C 682 7.29 -30.32 -9.52
N PHE C 683 7.79 -29.09 -9.49
CA PHE C 683 6.94 -27.91 -9.56
C PHE C 683 7.55 -26.90 -10.52
N TRP C 684 6.69 -26.02 -11.02
CA TRP C 684 7.07 -24.98 -11.97
C TRP C 684 6.73 -23.60 -11.41
N LEU C 685 7.63 -22.64 -11.63
CA LEU C 685 7.42 -21.28 -11.17
C LEU C 685 7.06 -20.39 -12.36
N PRO C 686 5.82 -19.95 -12.50
CA PRO C 686 5.48 -19.01 -13.57
C PRO C 686 6.06 -17.63 -13.32
N HIS C 687 6.22 -16.87 -14.39
CA HIS C 687 6.87 -15.57 -14.35
C HIS C 687 5.98 -14.51 -14.99
N ASN C 688 6.02 -13.30 -14.42
CA ASN C 688 5.42 -12.14 -15.08
C ASN C 688 6.42 -10.99 -15.07
N MET C 689 5.98 -9.79 -15.46
CA MET C 689 6.87 -8.64 -15.57
C MET C 689 6.39 -7.51 -14.67
N ASP C 690 7.31 -6.58 -14.39
CA ASP C 690 6.95 -5.30 -13.80
C ASP C 690 6.60 -4.33 -14.93
N PHE C 691 6.51 -3.04 -14.63
CA PHE C 691 6.10 -2.08 -15.64
C PHE C 691 7.24 -1.66 -16.56
N ARG C 692 8.46 -2.16 -16.34
CA ARG C 692 9.59 -1.84 -17.20
C ARG C 692 10.12 -3.03 -17.98
N GLY C 693 9.60 -4.23 -17.73
CA GLY C 693 10.04 -5.41 -18.45
C GLY C 693 10.91 -6.37 -17.65
N ARG C 694 11.13 -6.11 -16.36
CA ARG C 694 11.90 -7.03 -15.54
C ARG C 694 11.01 -8.15 -15.02
N THR C 695 11.54 -9.38 -15.05
CA THR C 695 10.74 -10.58 -14.80
C THR C 695 10.85 -11.01 -13.35
N TYR C 696 9.70 -11.38 -12.76
CA TYR C 696 9.59 -11.84 -11.39
C TYR C 696 8.72 -13.09 -11.34
N PRO C 697 9.05 -14.05 -10.48
CA PRO C 697 8.19 -15.23 -10.31
C PRO C 697 6.88 -14.88 -9.63
N CYS C 698 5.83 -15.61 -10.04
CA CYS C 698 4.52 -15.41 -9.41
C CYS C 698 4.47 -15.85 -7.95
N PRO C 699 4.98 -17.02 -7.54
CA PRO C 699 4.97 -17.36 -6.11
C PRO C 699 5.92 -16.49 -5.31
N PRO C 700 5.42 -15.79 -4.29
CA PRO C 700 6.28 -14.84 -3.56
C PRO C 700 7.16 -15.48 -2.50
N HIS C 701 6.71 -16.58 -1.90
CA HIS C 701 7.40 -17.14 -0.74
C HIS C 701 8.65 -17.92 -1.13
N PHE C 702 8.48 -18.95 -1.95
CA PHE C 702 9.55 -19.88 -2.30
C PHE C 702 9.90 -19.70 -3.77
N ASN C 703 10.99 -18.99 -4.03
CA ASN C 703 11.45 -18.77 -5.39
C ASN C 703 12.95 -18.53 -5.38
N HIS C 704 13.53 -18.50 -6.57
CA HIS C 704 14.97 -18.34 -6.75
C HIS C 704 15.42 -16.88 -6.66
N LEU C 705 14.49 -15.92 -6.62
CA LEU C 705 14.82 -14.52 -6.38
C LEU C 705 14.72 -14.20 -4.90
N GLY C 706 15.56 -14.88 -4.12
CA GLY C 706 15.49 -14.76 -2.68
C GLY C 706 16.84 -14.87 -1.99
N SER C 707 16.82 -15.25 -0.72
CA SER C 707 18.02 -15.27 0.11
C SER C 707 18.84 -16.52 -0.19
N ASP C 708 19.83 -16.78 0.67
CA ASP C 708 20.70 -17.93 0.51
C ASP C 708 19.95 -19.25 0.66
N VAL C 709 19.04 -19.33 1.65
CA VAL C 709 18.32 -20.57 1.91
C VAL C 709 17.42 -20.93 0.74
N ALA C 710 16.68 -19.95 0.22
CA ALA C 710 15.77 -20.21 -0.89
C ALA C 710 16.53 -20.61 -2.15
N ARG C 711 17.69 -20.00 -2.39
CA ARG C 711 18.50 -20.34 -3.55
C ARG C 711 19.22 -21.66 -3.40
N ALA C 712 19.46 -22.12 -2.16
CA ALA C 712 20.12 -23.39 -1.95
C ALA C 712 19.15 -24.56 -1.87
N LEU C 713 17.88 -24.31 -1.56
CA LEU C 713 16.89 -25.40 -1.58
C LEU C 713 16.50 -25.79 -3.00
N LEU C 714 16.63 -24.87 -3.95
CA LEU C 714 16.15 -25.08 -5.32
C LEU C 714 17.23 -25.72 -6.17
N GLU C 715 16.86 -26.76 -6.91
CA GLU C 715 17.71 -27.41 -7.89
C GLU C 715 16.92 -27.65 -9.16
N PHE C 716 17.62 -28.03 -10.22
CA PHE C 716 16.98 -28.35 -11.49
C PHE C 716 16.45 -29.77 -11.45
N ALA C 717 15.26 -29.97 -12.01
CA ALA C 717 14.70 -31.32 -12.07
C ALA C 717 15.44 -32.16 -13.12
N GLN C 718 15.69 -31.58 -14.29
CA GLN C 718 16.48 -32.27 -15.31
C GLN C 718 17.96 -32.10 -15.02
N GLY C 719 18.74 -33.10 -15.42
CA GLY C 719 20.17 -33.08 -15.21
C GLY C 719 20.92 -33.30 -16.50
N ARG C 720 22.11 -32.72 -16.57
CA ARG C 720 22.96 -32.82 -17.74
C ARG C 720 24.34 -33.32 -17.35
N PRO C 721 24.97 -34.14 -18.19
CA PRO C 721 26.33 -34.61 -17.88
C PRO C 721 27.33 -33.46 -17.87
N LEU C 722 28.34 -33.58 -16.99
CA LEU C 722 29.29 -32.49 -16.79
C LEU C 722 30.12 -32.23 -18.03
N GLY C 723 30.59 -33.27 -18.69
CA GLY C 723 31.38 -33.10 -19.89
C GLY C 723 32.83 -32.79 -19.60
N PRO C 724 33.59 -32.42 -20.63
CA PRO C 724 35.02 -32.12 -20.43
C PRO C 724 35.29 -30.94 -19.49
N HIS C 725 34.43 -29.92 -19.48
CA HIS C 725 34.73 -28.70 -18.75
C HIS C 725 33.61 -28.33 -17.76
N GLY C 726 32.92 -29.33 -17.22
CA GLY C 726 31.87 -29.06 -16.25
C GLY C 726 32.38 -28.92 -14.83
N LEU C 727 33.32 -29.79 -14.45
CA LEU C 727 33.84 -29.78 -13.09
C LEU C 727 34.64 -28.51 -12.81
N ASP C 728 35.37 -28.03 -13.81
CA ASP C 728 36.11 -26.78 -13.64
C ASP C 728 35.17 -25.61 -13.43
N TRP C 729 34.06 -25.57 -14.17
CA TRP C 729 33.09 -24.49 -13.98
C TRP C 729 32.40 -24.61 -12.63
N LEU C 730 32.14 -25.84 -12.16
CA LEU C 730 31.61 -26.01 -10.81
C LEU C 730 32.58 -25.48 -9.76
N LYS C 731 33.87 -25.75 -9.93
CA LYS C 731 34.87 -25.27 -8.99
C LYS C 731 34.98 -23.75 -9.01
N ILE C 732 34.91 -23.15 -10.20
CA ILE C 732 34.96 -21.70 -10.31
C ILE C 732 33.71 -21.07 -9.69
N HIS C 733 32.55 -21.71 -9.86
CA HIS C 733 31.33 -21.24 -9.22
C HIS C 733 31.44 -21.32 -7.69
N LEU C 734 32.04 -22.39 -7.18
CA LEU C 734 32.25 -22.51 -5.74
C LEU C 734 33.16 -21.41 -5.21
N VAL C 735 34.27 -21.14 -5.92
CA VAL C 735 35.18 -20.07 -5.50
C VAL C 735 34.50 -18.72 -5.60
N ASN C 736 33.65 -18.53 -6.60
CA ASN C 736 32.89 -17.29 -6.72
C ASN C 736 31.94 -17.11 -5.55
N LEU C 737 31.30 -18.19 -5.11
CA LEU C 737 30.39 -18.09 -3.97
C LEU C 737 31.14 -17.86 -2.67
N THR C 738 32.35 -18.40 -2.54
CA THR C 738 33.14 -18.14 -1.33
C THR C 738 33.53 -16.66 -1.23
N GLY C 739 33.91 -16.06 -2.35
CA GLY C 739 34.28 -14.66 -2.37
C GLY C 739 35.72 -14.36 -1.97
N LEU C 740 36.53 -15.40 -1.72
CA LEU C 740 37.91 -15.17 -1.29
C LEU C 740 38.78 -14.66 -2.43
N LYS C 741 38.48 -15.03 -3.66
CA LYS C 741 39.24 -14.62 -4.84
C LYS C 741 38.28 -13.91 -5.79
N LYS C 742 38.10 -12.60 -5.58
CA LYS C 742 37.23 -11.79 -6.43
C LYS C 742 38.01 -10.96 -7.44
N ARG C 743 39.29 -10.68 -7.18
CA ARG C 743 40.12 -9.86 -8.06
C ARG C 743 41.17 -10.70 -8.78
N GLU C 744 40.95 -12.00 -8.93
CA GLU C 744 41.93 -12.89 -9.50
C GLU C 744 41.41 -13.52 -10.79
N PRO C 745 42.30 -13.89 -11.71
CA PRO C 745 41.85 -14.53 -12.96
C PRO C 745 41.31 -15.93 -12.71
N LEU C 746 40.72 -16.49 -13.76
CA LEU C 746 40.01 -17.76 -13.65
C LEU C 746 40.96 -18.92 -13.36
N ARG C 747 42.16 -18.88 -13.94
CA ARG C 747 43.14 -19.94 -13.70
C ARG C 747 43.57 -19.99 -12.23
N LYS C 748 43.80 -18.83 -11.62
CA LYS C 748 44.16 -18.81 -10.21
C LYS C 748 42.97 -19.19 -9.33
N ARG C 749 41.75 -18.87 -9.77
CA ARG C 749 40.57 -19.35 -9.07
C ARG C 749 40.50 -20.87 -9.08
N LEU C 750 40.79 -21.48 -10.23
CA LEU C 750 40.80 -22.94 -10.32
C LEU C 750 41.90 -23.55 -9.46
N ALA C 751 43.09 -22.92 -9.44
CA ALA C 751 44.18 -23.40 -8.60
C ALA C 751 43.81 -23.32 -7.12
N PHE C 752 43.17 -22.23 -6.71
CA PHE C 752 42.69 -22.11 -5.34
C PHE C 752 41.66 -23.18 -5.02
N ALA C 753 40.78 -23.50 -5.99
CA ALA C 753 39.82 -24.58 -5.80
C ALA C 753 40.51 -25.92 -5.61
N GLU C 754 41.57 -26.18 -6.39
CA GLU C 754 42.29 -27.43 -6.24
C GLU C 754 43.02 -27.53 -4.90
N GLU C 755 43.59 -26.42 -4.43
CA GLU C 755 44.38 -26.50 -3.20
C GLU C 755 43.52 -26.54 -1.93
N VAL C 756 42.21 -26.31 -2.04
CA VAL C 756 41.33 -26.29 -0.87
C VAL C 756 40.33 -27.45 -0.92
N MET C 757 40.64 -28.50 -1.68
CA MET C 757 39.70 -29.60 -1.89
C MET C 757 39.39 -30.36 -0.62
N ASP C 758 40.33 -30.43 0.31
CA ASP C 758 40.09 -31.13 1.57
C ASP C 758 38.98 -30.48 2.38
N ASP C 759 38.97 -29.14 2.42
CA ASP C 759 37.91 -28.42 3.12
C ASP C 759 36.56 -28.64 2.44
N ILE C 760 36.55 -28.68 1.11
CA ILE C 760 35.31 -28.92 0.36
C ILE C 760 34.75 -30.30 0.68
N LEU C 761 35.61 -31.32 0.67
CA LEU C 761 35.17 -32.68 0.97
C LEU C 761 34.71 -32.80 2.42
N ASP C 762 35.41 -32.16 3.36
CA ASP C 762 35.00 -32.21 4.76
C ASP C 762 33.66 -31.52 4.97
N SER C 763 33.44 -30.38 4.31
CA SER C 763 32.16 -29.69 4.43
C SER C 763 31.03 -30.50 3.82
N ALA C 764 31.29 -31.16 2.69
CA ALA C 764 30.24 -31.97 2.07
C ALA C 764 29.91 -33.20 2.91
N ASP C 765 30.92 -33.88 3.45
CA ASP C 765 30.66 -35.09 4.23
C ASP C 765 30.08 -34.76 5.60
N GLN C 766 30.64 -33.76 6.29
CA GLN C 766 30.25 -33.41 7.65
C GLN C 766 29.90 -31.93 7.69
N PRO C 767 28.69 -31.56 7.28
CA PRO C 767 28.31 -30.14 7.25
C PRO C 767 28.29 -29.47 8.62
N LEU C 768 27.92 -30.18 9.68
CA LEU C 768 27.69 -29.57 10.98
C LEU C 768 28.56 -30.14 12.09
N THR C 769 29.35 -31.18 11.82
CA THR C 769 30.16 -31.83 12.85
C THR C 769 31.60 -31.99 12.34
N GLY C 770 32.15 -30.91 11.82
CA GLY C 770 33.51 -30.91 11.28
C GLY C 770 34.15 -29.55 11.46
N ARG C 771 35.09 -29.24 10.55
CA ARG C 771 35.77 -27.95 10.62
C ARG C 771 34.88 -26.79 10.17
N LYS C 772 33.78 -27.09 9.48
CA LYS C 772 32.75 -26.10 9.13
C LYS C 772 33.33 -24.95 8.30
N TRP C 773 34.03 -25.32 7.22
CA TRP C 773 34.66 -24.33 6.35
C TRP C 773 33.61 -23.50 5.60
N TRP C 774 32.53 -24.15 5.17
CA TRP C 774 31.51 -23.48 4.37
C TRP C 774 30.83 -22.34 5.11
N MET C 775 30.86 -22.34 6.43
CA MET C 775 30.29 -21.24 7.20
C MET C 775 31.08 -19.94 7.03
N GLY C 776 32.34 -20.02 6.61
CA GLY C 776 33.13 -18.83 6.41
C GLY C 776 32.83 -18.07 5.13
N ALA C 777 32.09 -18.67 4.21
CA ALA C 777 31.80 -18.05 2.93
C ALA C 777 30.72 -16.98 3.08
N GLU C 778 30.59 -16.15 2.03
CA GLU C 778 29.56 -15.11 2.03
C GLU C 778 28.17 -15.70 1.93
N GLU C 779 28.02 -16.77 1.13
CA GLU C 779 26.74 -17.46 0.96
C GLU C 779 26.94 -18.90 1.41
N PRO C 780 26.75 -19.20 2.69
CA PRO C 780 27.13 -20.53 3.20
C PRO C 780 26.28 -21.68 2.67
N TRP C 781 24.97 -21.49 2.50
CA TRP C 781 24.12 -22.60 2.08
C TRP C 781 24.39 -22.99 0.62
N GLN C 782 24.52 -22.00 -0.26
CA GLN C 782 24.88 -22.28 -1.65
C GLN C 782 26.28 -22.89 -1.73
N THR C 783 27.19 -22.42 -0.88
CA THR C 783 28.52 -23.02 -0.81
C THR C 783 28.45 -24.48 -0.42
N LEU C 784 27.61 -24.83 0.57
CA LEU C 784 27.47 -26.22 0.99
C LEU C 784 26.87 -27.07 -0.11
N ALA C 785 25.88 -26.53 -0.82
CA ALA C 785 25.31 -27.26 -1.96
C ALA C 785 26.36 -27.52 -3.03
N CYS C 786 27.21 -26.52 -3.30
CA CYS C 786 28.26 -26.69 -4.29
C CYS C 786 29.30 -27.71 -3.82
N CYS C 787 29.64 -27.71 -2.53
CA CYS C 787 30.58 -28.72 -2.03
C CYS C 787 30.02 -30.12 -2.16
N MET C 788 28.73 -30.30 -1.86
CA MET C 788 28.12 -31.62 -2.03
C MET C 788 28.13 -32.05 -3.48
N GLU C 789 27.78 -31.13 -4.40
CA GLU C 789 27.73 -31.47 -5.81
C GLU C 789 29.12 -31.79 -6.36
N VAL C 790 30.14 -31.05 -5.93
CA VAL C 790 31.50 -31.32 -6.36
C VAL C 790 32.00 -32.64 -5.76
N ALA C 791 31.63 -32.92 -4.52
CA ALA C 791 32.07 -34.15 -3.86
C ALA C 791 31.52 -35.38 -4.58
N ASN C 792 30.25 -35.34 -4.97
CA ASN C 792 29.71 -36.48 -5.73
C ASN C 792 30.40 -36.63 -7.08
N ALA C 793 30.71 -35.51 -7.74
CA ALA C 793 31.31 -35.58 -9.07
C ALA C 793 32.74 -36.10 -9.03
N VAL C 794 33.55 -35.63 -8.06
CA VAL C 794 34.96 -36.02 -8.01
C VAL C 794 35.09 -37.49 -7.62
N ARG C 795 34.15 -38.01 -6.83
CA ARG C 795 34.19 -39.39 -6.37
C ARG C 795 33.52 -40.35 -7.33
N ALA C 796 32.97 -39.86 -8.44
CA ALA C 796 32.38 -40.73 -9.44
C ALA C 796 33.46 -41.46 -10.23
N SER C 797 33.06 -42.55 -10.89
CA SER C 797 33.99 -43.30 -11.73
C SER C 797 34.50 -42.45 -12.88
N ASP C 798 33.59 -41.84 -13.63
CA ASP C 798 33.96 -40.86 -14.66
C ASP C 798 33.43 -39.50 -14.21
N PRO C 799 34.30 -38.52 -13.97
CA PRO C 799 33.81 -37.18 -13.63
C PRO C 799 32.99 -36.54 -14.74
N ALA C 800 33.33 -36.82 -16.01
CA ALA C 800 32.58 -36.26 -17.12
C ALA C 800 31.17 -36.84 -17.21
N ALA C 801 31.01 -38.11 -16.87
CA ALA C 801 29.73 -38.79 -17.01
C ALA C 801 28.78 -38.53 -15.84
N TYR C 802 29.21 -37.79 -14.82
CA TYR C 802 28.32 -37.44 -13.73
C TYR C 802 27.23 -36.49 -14.20
N VAL C 803 26.02 -36.70 -13.69
CA VAL C 803 24.86 -35.89 -14.04
C VAL C 803 24.62 -34.88 -12.93
N SER C 804 24.65 -33.60 -13.27
CA SER C 804 24.59 -32.51 -12.29
C SER C 804 23.30 -31.71 -12.46
N HIS C 805 22.63 -31.45 -11.35
CA HIS C 805 21.44 -30.61 -11.33
C HIS C 805 21.70 -29.22 -10.79
N LEU C 806 22.94 -28.92 -10.41
CA LEU C 806 23.23 -27.66 -9.74
C LEU C 806 23.26 -26.50 -10.75
N PRO C 807 22.67 -25.36 -10.42
CA PRO C 807 22.80 -24.18 -11.29
C PRO C 807 24.11 -23.45 -11.06
N VAL C 808 24.73 -23.05 -12.18
CA VAL C 808 25.97 -22.28 -12.18
C VAL C 808 25.63 -20.87 -12.64
N HIS C 809 26.16 -19.87 -11.93
CA HIS C 809 25.76 -18.47 -12.03
C HIS C 809 26.88 -17.65 -12.65
N GLN C 810 26.56 -16.88 -13.68
CA GLN C 810 27.47 -15.89 -14.25
C GLN C 810 26.82 -14.51 -14.14
N ASP C 811 27.51 -13.58 -13.50
CA ASP C 811 26.99 -12.25 -13.25
C ASP C 811 27.89 -11.17 -13.85
N GLY C 812 27.33 -9.96 -13.96
CA GLY C 812 28.05 -8.80 -14.43
C GLY C 812 28.32 -7.85 -13.28
N SER C 813 29.36 -7.03 -13.42
CA SER C 813 29.78 -6.16 -12.33
C SER C 813 28.74 -5.08 -12.04
N CYS C 814 28.46 -4.22 -13.03
CA CYS C 814 27.50 -3.15 -12.85
C CYS C 814 26.83 -2.82 -14.18
N ASN C 815 25.62 -3.37 -14.40
CA ASN C 815 24.94 -3.16 -15.69
C ASN C 815 24.63 -1.70 -15.98
N GLY C 816 24.47 -0.89 -14.94
CA GLY C 816 24.25 0.54 -15.18
C GLY C 816 25.43 1.19 -15.88
N LEU C 817 26.62 1.07 -15.29
CA LEU C 817 27.81 1.63 -15.91
C LEU C 817 28.21 0.89 -17.17
N GLN C 818 27.96 -0.43 -17.24
CA GLN C 818 28.25 -1.20 -18.44
C GLN C 818 27.41 -0.70 -19.61
N HIS C 819 26.10 -0.54 -19.40
CA HIS C 819 25.22 -0.09 -20.46
C HIS C 819 25.45 1.37 -20.80
N TYR C 820 25.77 2.20 -19.81
CA TYR C 820 26.08 3.60 -20.09
C TYR C 820 27.36 3.72 -20.91
N ALA C 821 28.38 2.92 -20.59
CA ALA C 821 29.60 2.89 -21.39
C ALA C 821 29.32 2.40 -22.79
N ALA C 822 28.46 1.38 -22.93
CA ALA C 822 28.13 0.87 -24.26
C ALA C 822 27.39 1.92 -25.09
N LEU C 823 26.47 2.66 -24.47
CA LEU C 823 25.78 3.74 -25.19
C LEU C 823 26.73 4.85 -25.58
N GLY C 824 27.65 5.23 -24.69
CA GLY C 824 28.56 6.31 -24.99
C GLY C 824 29.85 5.90 -25.67
N ARG C 825 30.16 4.60 -25.69
CA ARG C 825 31.38 4.07 -26.28
C ARG C 825 32.63 4.74 -25.68
N ASP C 826 32.63 4.87 -24.36
CA ASP C 826 33.74 5.48 -23.65
C ASP C 826 34.91 4.52 -23.59
N SER C 827 36.09 5.01 -24.00
CA SER C 827 37.29 4.17 -24.00
C SER C 827 37.75 3.85 -22.58
N VAL C 828 37.72 4.84 -21.69
CA VAL C 828 38.25 4.62 -20.35
C VAL C 828 37.22 3.99 -19.42
N GLY C 829 35.93 4.24 -19.66
CA GLY C 829 34.90 3.60 -18.87
C GLY C 829 34.81 2.11 -19.12
N ALA C 830 34.98 1.70 -20.39
CA ALA C 830 34.83 0.31 -20.77
C ALA C 830 35.89 -0.57 -20.10
N ALA C 831 37.13 -0.07 -20.01
CA ALA C 831 38.18 -0.78 -19.29
C ALA C 831 37.78 -1.02 -17.84
N SER C 832 37.20 -0.01 -17.20
CA SER C 832 36.76 -0.15 -15.82
C SER C 832 35.63 -1.16 -15.68
N VAL C 833 34.66 -1.15 -16.61
CA VAL C 833 33.50 -2.02 -16.50
C VAL C 833 33.65 -3.31 -17.29
N ASN C 834 34.89 -3.66 -17.68
CA ASN C 834 35.24 -4.95 -18.27
C ASN C 834 34.62 -5.15 -19.65
N LEU C 835 34.44 -4.08 -20.42
CA LEU C 835 34.00 -4.18 -21.81
C LEU C 835 35.16 -4.24 -22.78
N GLU C 836 36.39 -4.22 -22.28
CA GLU C 836 37.59 -4.35 -23.08
C GLU C 836 38.37 -5.55 -22.57
N PRO C 837 38.86 -6.43 -23.45
CA PRO C 837 39.52 -7.66 -22.99
C PRO C 837 40.76 -7.40 -22.16
N SER C 838 40.89 -8.14 -21.07
CA SER C 838 42.04 -8.02 -20.18
C SER C 838 42.21 -9.33 -19.43
N ASP C 839 43.47 -9.63 -19.07
CA ASP C 839 43.76 -10.86 -18.37
C ASP C 839 43.23 -10.84 -16.93
N VAL C 840 43.29 -9.67 -16.28
CA VAL C 840 42.89 -9.54 -14.89
C VAL C 840 41.63 -8.68 -14.84
N PRO C 841 40.60 -9.09 -14.10
CA PRO C 841 39.39 -8.28 -13.99
C PRO C 841 39.67 -6.94 -13.32
N GLN C 842 38.97 -5.90 -13.78
CA GLN C 842 39.16 -4.54 -13.30
C GLN C 842 37.95 -4.14 -12.47
N ASP C 843 38.18 -3.75 -11.23
CA ASP C 843 37.12 -3.36 -10.31
C ASP C 843 36.96 -1.86 -10.33
N VAL C 844 35.71 -1.39 -10.48
CA VAL C 844 35.43 0.04 -10.49
C VAL C 844 35.72 0.65 -9.12
N TYR C 845 35.34 -0.05 -8.06
CA TYR C 845 35.45 0.48 -6.70
C TYR C 845 36.92 0.70 -6.31
N SER C 846 37.79 -0.24 -6.65
CA SER C 846 39.21 -0.08 -6.35
C SER C 846 39.79 1.09 -7.11
N GLY C 847 39.40 1.28 -8.37
CA GLY C 847 39.90 2.40 -9.15
C GLY C 847 39.46 3.75 -8.60
N VAL C 848 38.18 3.88 -8.23
CA VAL C 848 37.71 5.15 -7.70
C VAL C 848 38.33 5.42 -6.33
N ALA C 849 38.54 4.38 -5.52
CA ALA C 849 39.23 4.54 -4.25
C ALA C 849 40.67 5.01 -4.45
N ALA C 850 41.36 4.42 -5.43
CA ALA C 850 42.74 4.82 -5.73
C ALA C 850 42.80 6.28 -6.20
N GLN C 851 41.87 6.69 -7.06
CA GLN C 851 41.83 8.08 -7.52
C GLN C 851 41.59 9.04 -6.36
N VAL C 852 40.67 8.67 -5.46
CA VAL C 852 40.39 9.51 -4.29
C VAL C 852 41.63 9.61 -3.41
N GLU C 853 42.35 8.50 -3.21
CA GLU C 853 43.59 8.55 -2.43
C GLU C 853 44.65 9.40 -3.12
N VAL C 854 44.67 9.41 -4.45
CA VAL C 854 45.59 10.29 -5.18
C VAL C 854 45.25 11.76 -4.91
N PHE C 855 43.95 12.10 -4.91
CA PHE C 855 43.55 13.49 -4.65
C PHE C 855 43.94 13.92 -3.23
N ARG C 856 43.87 13.01 -2.26
CA ARG C 856 44.22 13.36 -0.89
C ARG C 856 45.70 13.70 -0.75
N ARG C 857 46.56 13.07 -1.56
CA ARG C 857 47.98 13.39 -1.52
C ARG C 857 48.25 14.80 -2.02
N GLN C 858 47.46 15.27 -2.99
CA GLN C 858 47.64 16.62 -3.52
C GLN C 858 47.32 17.68 -2.46
N ASP C 859 46.45 17.35 -1.51
CA ASP C 859 46.04 18.24 -0.42
C ASP C 859 47.18 18.77 0.44
N ALA C 860 48.37 18.16 0.32
CA ALA C 860 49.54 18.59 1.09
C ALA C 860 49.86 20.06 0.86
N GLN C 861 49.52 20.60 -0.31
CA GLN C 861 49.59 22.02 -0.62
C GLN C 861 48.95 22.87 0.49
N ARG C 862 47.67 22.66 0.75
CA ARG C 862 46.98 23.38 1.82
C ARG C 862 47.26 22.81 3.20
N GLY C 863 47.69 21.55 3.30
CA GLY C 863 47.92 20.92 4.59
C GLY C 863 46.71 20.87 5.48
N MET C 864 45.53 20.64 4.91
CA MET C 864 44.30 20.67 5.69
C MET C 864 44.22 19.49 6.65
N ARG C 865 43.67 19.75 7.84
CA ARG C 865 43.51 18.71 8.84
C ARG C 865 42.54 17.63 8.37
N VAL C 866 41.46 18.03 7.70
CA VAL C 866 40.46 17.13 7.11
C VAL C 866 41.12 16.04 6.26
N ALA C 867 42.09 16.42 5.42
CA ALA C 867 42.73 15.44 4.54
C ALA C 867 43.57 14.44 5.33
N GLN C 868 44.39 14.94 6.26
CA GLN C 868 45.41 14.08 6.87
C GLN C 868 44.81 13.09 7.87
N VAL C 869 43.67 13.43 8.50
CA VAL C 869 42.98 12.44 9.31
C VAL C 869 42.43 11.31 8.44
N LEU C 870 41.98 11.65 7.23
CA LEU C 870 41.34 10.68 6.35
C LEU C 870 42.32 9.91 5.47
N GLU C 871 43.62 10.23 5.55
CA GLU C 871 44.58 9.69 4.59
C GLU C 871 44.68 8.17 4.69
N GLY C 872 44.72 7.63 5.91
CA GLY C 872 44.87 6.18 6.06
C GLY C 872 43.62 5.39 5.73
N PHE C 873 42.44 5.96 5.99
CA PHE C 873 41.21 5.19 6.04
C PHE C 873 40.47 5.09 4.71
N ILE C 874 41.04 5.55 3.60
CA ILE C 874 40.40 5.32 2.31
C ILE C 874 40.37 3.82 2.02
N THR C 875 39.21 3.33 1.56
CA THR C 875 38.99 1.91 1.40
C THR C 875 37.93 1.72 0.32
N ARG C 876 37.88 0.49 -0.23
CA ARG C 876 36.84 0.12 -1.19
C ARG C 876 35.46 0.08 -0.54
N LYS C 877 35.39 -0.27 0.74
CA LYS C 877 34.10 -0.39 1.44
C LYS C 877 33.40 0.94 1.54
N VAL C 878 34.16 2.04 1.69
CA VAL C 878 33.57 3.36 1.86
C VAL C 878 32.84 3.79 0.59
N VAL C 879 33.43 3.50 -0.58
CA VAL C 879 32.90 4.01 -1.84
C VAL C 879 32.06 2.99 -2.60
N LYS C 880 32.00 1.75 -2.13
CA LYS C 880 31.29 0.70 -2.87
C LYS C 880 29.81 1.02 -3.01
N GLN C 881 29.16 1.42 -1.92
CA GLN C 881 27.74 1.71 -1.95
C GLN C 881 27.43 2.92 -2.84
N THR C 882 28.25 3.96 -2.74
CA THR C 882 28.01 5.15 -3.55
C THR C 882 28.21 4.87 -5.04
N VAL C 883 29.20 4.05 -5.40
CA VAL C 883 29.38 3.74 -6.82
C VAL C 883 28.30 2.79 -7.33
N MET C 884 27.79 1.87 -6.51
CA MET C 884 26.68 1.07 -7.00
C MET C 884 25.36 1.81 -7.00
N THR C 885 25.25 2.94 -6.32
CA THR C 885 24.01 3.72 -6.33
C THR C 885 24.08 4.98 -7.18
N VAL C 886 25.21 5.25 -7.85
CA VAL C 886 25.24 6.30 -8.87
C VAL C 886 24.21 6.02 -9.97
N VAL C 887 23.99 4.74 -10.30
CA VAL C 887 23.06 4.38 -11.38
C VAL C 887 21.64 4.83 -11.06
N TYR C 888 21.26 4.82 -9.78
CA TYR C 888 19.91 5.20 -9.37
C TYR C 888 19.78 6.70 -9.11
N GLY C 889 20.70 7.51 -9.61
CA GLY C 889 20.59 8.96 -9.46
C GLY C 889 20.76 9.47 -8.04
N VAL C 890 21.76 8.96 -7.33
CA VAL C 890 22.00 9.40 -5.95
C VAL C 890 22.47 10.85 -5.95
N THR C 891 22.01 11.62 -4.97
CA THR C 891 22.42 13.00 -4.79
C THR C 891 23.59 13.02 -3.79
N ARG C 892 24.25 14.19 -3.69
CA ARG C 892 25.37 14.33 -2.78
C ARG C 892 24.96 14.12 -1.33
N TYR C 893 23.72 14.49 -0.99
CA TYR C 893 23.24 14.30 0.38
C TYR C 893 23.12 12.82 0.73
N GLY C 894 22.55 12.02 -0.17
CA GLY C 894 22.47 10.59 0.07
C GLY C 894 23.83 9.93 0.06
N GLY C 895 24.74 10.41 -0.80
CA GLY C 895 26.11 9.92 -0.76
C GLY C 895 26.77 10.22 0.56
N ARG C 896 26.50 11.41 1.13
CA ARG C 896 26.99 11.73 2.46
C ARG C 896 26.41 10.79 3.50
N LEU C 897 25.10 10.51 3.41
CA LEU C 897 24.46 9.62 4.38
C LEU C 897 24.94 8.18 4.24
N GLN C 898 25.57 7.86 3.11
CA GLN C 898 26.16 6.54 2.93
C GLN C 898 27.61 6.48 3.42
N ILE C 899 28.39 7.54 3.15
CA ILE C 899 29.78 7.56 3.60
C ILE C 899 29.88 7.75 5.11
N GLU C 900 29.00 8.57 5.69
CA GLU C 900 29.13 8.90 7.11
C GLU C 900 28.94 7.68 8.00
N LYS C 901 28.05 6.76 7.61
CA LYS C 901 27.84 5.54 8.37
C LYS C 901 29.12 4.71 8.41
N ARG C 902 29.74 4.51 7.24
CA ARG C 902 30.95 3.70 7.15
C ARG C 902 32.10 4.34 7.89
N LEU C 903 32.17 5.68 7.88
CA LEU C 903 33.13 6.37 8.73
C LEU C 903 32.81 6.16 10.21
N ARG C 904 31.52 6.07 10.55
CA ARG C 904 31.12 5.90 11.95
C ARG C 904 31.55 4.55 12.52
N GLU C 905 31.40 3.46 11.74
CA GLU C 905 31.84 2.18 12.31
C GLU C 905 33.35 2.14 12.52
N LEU C 906 34.13 2.68 11.59
CA LEU C 906 35.58 2.63 11.76
C LEU C 906 36.04 3.70 12.75
N SER C 907 37.16 3.42 13.39
CA SER C 907 37.72 4.29 14.43
C SER C 907 38.64 5.34 13.79
N ASP C 908 38.02 6.29 13.10
CA ASP C 908 38.75 7.41 12.53
C ASP C 908 39.36 8.28 13.64
N PHE C 909 40.46 8.95 13.30
CA PHE C 909 41.16 9.79 14.27
C PHE C 909 40.29 10.89 14.89
N PRO C 910 39.49 11.69 14.13
CA PRO C 910 38.70 12.73 14.80
C PRO C 910 37.56 12.18 15.66
N GLN C 911 36.73 11.32 15.07
CA GLN C 911 35.54 10.69 15.66
C GLN C 911 34.44 11.72 15.90
N GLU C 912 34.73 12.99 15.60
CA GLU C 912 33.78 14.08 15.67
C GLU C 912 34.18 15.12 14.63
N PHE C 913 33.27 16.07 14.38
CA PHE C 913 33.23 16.92 13.17
C PHE C 913 33.44 16.10 11.89
N VAL C 914 32.94 14.86 11.87
CA VAL C 914 33.00 14.00 10.69
C VAL C 914 32.20 14.60 9.55
N TRP C 915 31.24 15.47 9.86
CA TRP C 915 30.51 16.24 8.85
C TRP C 915 31.46 16.96 7.90
N GLU C 916 32.51 17.58 8.44
CA GLU C 916 33.51 18.22 7.60
C GLU C 916 34.25 17.19 6.74
N ALA C 917 34.59 16.04 7.33
CA ALA C 917 35.29 14.99 6.58
C ALA C 917 34.41 14.41 5.48
N SER C 918 33.11 14.25 5.75
CA SER C 918 32.22 13.59 4.81
C SER C 918 32.05 14.40 3.53
N HIS C 919 31.91 15.73 3.64
CA HIS C 919 31.63 16.56 2.47
C HIS C 919 32.78 16.53 1.47
N TYR C 920 34.02 16.60 1.97
CA TYR C 920 35.18 16.54 1.08
C TYR C 920 35.26 15.20 0.38
N LEU C 921 34.97 14.12 1.10
CA LEU C 921 35.00 12.79 0.49
C LEU C 921 33.92 12.63 -0.57
N VAL C 922 32.73 13.18 -0.33
CA VAL C 922 31.67 13.15 -1.34
C VAL C 922 32.09 13.93 -2.58
N ARG C 923 32.67 15.12 -2.38
CA ARG C 923 33.09 15.92 -3.53
C ARG C 923 34.18 15.22 -4.33
N GLN C 924 35.14 14.59 -3.67
CA GLN C 924 36.23 13.95 -4.41
C GLN C 924 35.78 12.65 -5.07
N VAL C 925 34.89 11.87 -4.44
CA VAL C 925 34.39 10.70 -5.14
C VAL C 925 33.54 11.10 -6.34
N PHE C 926 32.82 12.22 -6.25
CA PHE C 926 32.04 12.65 -7.41
C PHE C 926 32.92 13.22 -8.52
N LYS C 927 33.99 13.92 -8.17
CA LYS C 927 34.92 14.39 -9.20
C LYS C 927 35.66 13.23 -9.86
N SER C 928 36.05 12.23 -9.07
CA SER C 928 36.70 11.05 -9.63
C SER C 928 35.76 10.26 -10.52
N LEU C 929 34.48 10.15 -10.13
CA LEU C 929 33.52 9.48 -10.99
C LEU C 929 33.11 10.32 -12.19
N GLN C 930 33.33 11.64 -12.15
CA GLN C 930 33.12 12.46 -13.33
C GLN C 930 34.27 12.36 -14.32
N GLU C 931 35.50 12.23 -13.82
CA GLU C 931 36.63 12.06 -14.75
C GLU C 931 36.68 10.64 -15.30
N MET C 932 36.37 9.64 -14.47
CA MET C 932 36.28 8.27 -14.97
C MET C 932 35.08 8.09 -15.90
N PHE C 933 33.94 8.66 -15.56
CA PHE C 933 32.71 8.54 -16.33
C PHE C 933 32.26 9.94 -16.72
N SER C 934 32.43 10.29 -18.00
CA SER C 934 32.04 11.59 -18.51
C SER C 934 30.85 11.49 -19.47
N GLY C 935 30.96 10.60 -20.48
CA GLY C 935 29.82 10.33 -21.32
C GLY C 935 28.64 9.77 -20.55
N THR C 936 28.91 8.97 -19.51
CA THR C 936 27.84 8.46 -18.66
C THR C 936 27.04 9.58 -18.04
N ARG C 937 27.71 10.58 -17.46
CA ARG C 937 26.99 11.68 -16.84
C ARG C 937 26.38 12.61 -17.87
N ALA C 938 26.97 12.68 -19.07
CA ALA C 938 26.34 13.43 -20.15
C ALA C 938 25.00 12.82 -20.53
N ILE C 939 24.94 11.48 -20.63
CA ILE C 939 23.68 10.81 -20.96
C ILE C 939 22.67 10.96 -19.82
N GLN C 940 23.13 10.83 -18.56
CA GLN C 940 22.18 11.01 -17.46
C GLN C 940 21.63 12.43 -17.41
N HIS C 941 22.48 13.44 -17.66
CA HIS C 941 22.02 14.82 -17.68
C HIS C 941 21.03 15.04 -18.83
N TRP C 942 21.32 14.49 -20.01
CA TRP C 942 20.39 14.64 -21.13
C TRP C 942 19.05 13.99 -20.83
N LEU C 943 19.07 12.79 -20.23
CA LEU C 943 17.83 12.09 -19.90
C LEU C 943 17.03 12.86 -18.85
N THR C 944 17.71 13.37 -17.82
CA THR C 944 17.04 14.15 -16.79
C THR C 944 16.43 15.42 -17.36
N GLU C 945 17.16 16.13 -18.23
CA GLU C 945 16.63 17.34 -18.84
C GLU C 945 15.42 17.03 -19.72
N SER C 946 15.50 15.96 -20.50
CA SER C 946 14.37 15.57 -21.35
C SER C 946 13.16 15.21 -20.51
N ALA C 947 13.36 14.47 -19.41
CA ALA C 947 12.25 14.11 -18.53
C ALA C 947 11.62 15.34 -17.91
N ARG C 948 12.45 16.30 -17.47
CA ARG C 948 11.93 17.54 -16.91
C ARG C 948 11.10 18.31 -17.92
N LEU C 949 11.60 18.43 -19.16
CA LEU C 949 10.90 19.21 -20.17
C LEU C 949 9.61 18.52 -20.61
N ILE C 950 9.58 17.19 -20.63
CA ILE C 950 8.35 16.48 -20.94
C ILE C 950 7.34 16.63 -19.81
N SER C 951 7.80 16.54 -18.55
CA SER C 951 6.88 16.65 -17.42
C SER C 951 6.32 18.06 -17.27
N HIS C 952 7.10 19.09 -17.64
CA HIS C 952 6.60 20.46 -17.57
C HIS C 952 5.50 20.71 -18.58
N MET C 953 5.54 20.02 -19.73
CA MET C 953 4.51 20.17 -20.74
C MET C 953 3.21 19.48 -20.33
N GLY C 954 3.27 18.52 -19.41
CA GLY C 954 2.08 17.91 -18.89
C GLY C 954 1.79 16.52 -19.42
N SER C 955 2.82 15.67 -19.44
CA SER C 955 2.66 14.28 -19.86
C SER C 955 3.71 13.44 -19.17
N VAL C 956 3.46 12.14 -19.12
CA VAL C 956 4.39 11.19 -18.54
C VAL C 956 5.29 10.62 -19.63
N VAL C 957 6.49 10.24 -19.24
CA VAL C 957 7.49 9.78 -20.20
C VAL C 957 7.15 8.36 -20.64
N GLU C 958 7.14 8.13 -21.94
CA GLU C 958 6.76 6.86 -22.54
C GLU C 958 7.83 6.45 -23.54
N TRP C 959 8.29 5.20 -23.46
CA TRP C 959 9.28 4.74 -24.42
C TRP C 959 9.06 3.27 -24.74
N VAL C 960 9.51 2.87 -25.92
CA VAL C 960 9.38 1.49 -26.39
C VAL C 960 10.71 0.78 -26.19
N THR C 961 10.66 -0.36 -25.50
CA THR C 961 11.83 -1.20 -25.34
C THR C 961 12.27 -1.72 -26.72
N PRO C 962 13.59 -1.82 -26.97
CA PRO C 962 14.05 -2.30 -28.29
C PRO C 962 13.54 -3.67 -28.70
N LEU C 963 12.98 -4.46 -27.78
CA LEU C 963 12.28 -5.69 -28.13
C LEU C 963 10.81 -5.49 -28.40
N GLY C 964 10.32 -4.25 -28.36
CA GLY C 964 8.96 -3.94 -28.72
C GLY C 964 7.99 -3.73 -27.57
N VAL C 965 8.46 -3.82 -26.32
CA VAL C 965 7.59 -3.68 -25.16
C VAL C 965 7.40 -2.20 -24.84
N PRO C 966 6.17 -1.69 -24.81
CA PRO C 966 5.96 -0.29 -24.42
C PRO C 966 6.00 -0.13 -22.91
N VAL C 967 6.60 0.97 -22.46
CA VAL C 967 6.75 1.29 -21.04
C VAL C 967 6.28 2.72 -20.82
N ILE C 968 5.39 2.90 -19.85
CA ILE C 968 4.89 4.21 -19.44
C ILE C 968 5.14 4.38 -17.95
N GLN C 969 5.61 5.56 -17.56
CA GLN C 969 6.03 5.79 -16.19
C GLN C 969 4.86 6.31 -15.36
N PRO C 970 4.49 5.63 -14.27
CA PRO C 970 3.18 5.87 -13.65
C PRO C 970 3.10 7.03 -12.68
N TYR C 971 4.22 7.65 -12.31
CA TYR C 971 4.22 8.61 -11.21
C TYR C 971 3.36 9.83 -11.51
N ARG C 972 2.46 10.16 -10.58
CA ARG C 972 1.51 11.24 -10.75
C ARG C 972 1.20 11.85 -9.39
N LEU C 973 0.64 13.06 -9.42
CA LEU C 973 0.28 13.78 -8.22
C LEU C 973 -1.13 13.40 -7.77
N ASP C 974 -1.47 13.82 -6.55
CA ASP C 974 -2.79 13.56 -5.99
C ASP C 974 -3.78 14.66 -6.35
N SER C 996 -7.30 11.87 -14.28
CA SER C 996 -6.82 13.05 -14.98
C SER C 996 -5.91 13.88 -14.08
N ARG C 997 -5.07 13.21 -13.30
CA ARG C 997 -4.15 13.90 -12.41
C ARG C 997 -2.95 14.45 -13.18
N LYS C 998 -2.16 15.27 -12.50
CA LYS C 998 -0.99 15.85 -13.13
C LYS C 998 0.25 14.99 -12.87
N PRO C 999 1.21 15.02 -13.79
CA PRO C 999 2.44 14.25 -13.58
C PRO C 999 3.24 14.78 -12.40
N ASN C 1000 3.94 13.86 -11.73
CA ASN C 1000 4.85 14.21 -10.65
C ASN C 1000 6.21 14.53 -11.28
N THR C 1001 6.53 15.82 -11.37
CA THR C 1001 7.70 16.24 -12.12
C THR C 1001 8.99 15.74 -11.49
N ARG C 1002 9.06 15.72 -10.16
CA ARG C 1002 10.28 15.28 -9.49
C ARG C 1002 10.52 13.79 -9.70
N LYS C 1003 9.48 12.97 -9.54
CA LYS C 1003 9.64 11.52 -9.70
C LYS C 1003 9.87 11.15 -11.15
N GLN C 1004 9.12 11.76 -12.07
CA GLN C 1004 9.32 11.52 -13.50
C GLN C 1004 10.72 11.97 -13.94
N LYS C 1005 11.24 13.01 -13.31
CA LYS C 1005 12.56 13.52 -13.69
C LYS C 1005 13.68 12.67 -13.11
N ASN C 1006 13.50 12.14 -11.91
CA ASN C 1006 14.55 11.38 -11.24
C ASN C 1006 14.44 9.88 -11.48
N GLY C 1007 13.41 9.41 -12.19
CA GLY C 1007 13.31 7.98 -12.43
C GLY C 1007 13.67 7.52 -13.83
N PHE C 1008 13.76 8.45 -14.79
CA PHE C 1008 13.98 8.05 -16.18
C PHE C 1008 15.35 7.42 -16.41
N PRO C 1009 16.48 7.98 -15.96
CA PRO C 1009 17.78 7.32 -16.20
C PRO C 1009 17.90 5.95 -15.53
N PRO C 1010 17.39 5.73 -14.30
CA PRO C 1010 17.40 4.34 -13.80
C PRO C 1010 16.46 3.41 -14.56
N ASN C 1011 15.28 3.88 -14.96
CA ASN C 1011 14.32 2.99 -15.61
C ASN C 1011 14.75 2.61 -17.02
N PHE C 1012 15.43 3.52 -17.72
CA PHE C 1012 15.85 3.23 -19.09
C PHE C 1012 16.86 2.09 -19.13
N ILE C 1013 17.78 2.07 -18.17
CA ILE C 1013 18.82 1.05 -18.14
C ILE C 1013 18.21 -0.33 -17.87
N HIS C 1014 17.21 -0.39 -17.00
CA HIS C 1014 16.60 -1.67 -16.65
C HIS C 1014 15.86 -2.27 -17.84
N SER C 1015 15.30 -1.43 -18.72
CA SER C 1015 14.75 -1.93 -19.97
C SER C 1015 15.83 -2.54 -20.85
N LEU C 1016 17.01 -1.92 -20.88
CA LEU C 1016 18.12 -2.47 -21.67
C LEU C 1016 18.62 -3.79 -21.09
N ASP C 1017 18.68 -3.89 -19.76
CA ASP C 1017 19.13 -5.13 -19.14
C ASP C 1017 18.17 -6.28 -19.43
N SER C 1018 16.86 -6.00 -19.35
CA SER C 1018 15.87 -7.04 -19.62
C SER C 1018 15.85 -7.44 -21.08
N SER C 1019 16.16 -6.51 -21.99
CA SER C 1019 16.24 -6.83 -23.40
C SER C 1019 17.38 -7.80 -23.67
N HIS C 1020 18.54 -7.55 -23.08
CA HIS C 1020 19.69 -8.42 -23.26
C HIS C 1020 19.43 -9.79 -22.63
N MET C 1021 18.78 -9.81 -21.46
CA MET C 1021 18.45 -11.08 -20.80
C MET C 1021 17.47 -11.90 -21.64
N MET C 1022 16.44 -11.25 -22.20
CA MET C 1022 15.47 -11.97 -23.02
C MET C 1022 16.10 -12.46 -24.32
N LEU C 1023 16.98 -11.66 -24.93
CA LEU C 1023 17.68 -12.11 -26.13
C LEU C 1023 18.57 -13.31 -25.82
N THR C 1024 19.27 -13.28 -24.69
CA THR C 1024 20.09 -14.41 -24.29
C THR C 1024 19.26 -15.67 -24.05
N ALA C 1025 18.08 -15.50 -23.44
CA ALA C 1025 17.20 -16.64 -23.21
C ALA C 1025 16.69 -17.22 -24.53
N LEU C 1026 16.24 -16.35 -25.43
CA LEU C 1026 15.66 -16.80 -26.70
C LEU C 1026 16.69 -17.40 -27.64
N HIS C 1027 17.97 -17.04 -27.49
CA HIS C 1027 19.00 -17.68 -28.30
C HIS C 1027 19.65 -18.87 -27.61
N CYS C 1028 19.56 -18.98 -26.28
CA CYS C 1028 20.00 -20.17 -25.59
C CYS C 1028 18.99 -21.30 -25.73
N TYR C 1029 17.70 -20.96 -25.87
CA TYR C 1029 16.68 -21.99 -26.05
C TYR C 1029 16.87 -22.73 -27.37
N ARG C 1030 17.32 -22.03 -28.41
CA ARG C 1030 17.53 -22.66 -29.70
C ARG C 1030 18.66 -23.68 -29.70
N LYS C 1031 19.55 -23.61 -28.71
CA LYS C 1031 20.66 -24.54 -28.58
C LYS C 1031 20.40 -25.61 -27.52
N GLY C 1032 19.17 -25.73 -27.05
CA GLY C 1032 18.83 -26.73 -26.04
C GLY C 1032 19.48 -26.49 -24.70
N LEU C 1033 19.38 -25.28 -24.18
CA LEU C 1033 20.01 -24.91 -22.92
C LEU C 1033 18.94 -24.59 -21.89
N THR C 1034 19.19 -25.00 -20.64
CA THR C 1034 18.30 -24.66 -19.53
C THR C 1034 18.81 -23.36 -18.92
N PHE C 1035 18.10 -22.27 -19.20
CA PHE C 1035 18.54 -20.93 -18.86
C PHE C 1035 17.52 -20.29 -17.94
N VAL C 1036 17.96 -19.82 -16.78
CA VAL C 1036 17.08 -19.05 -15.89
C VAL C 1036 17.84 -17.81 -15.47
N SER C 1037 17.11 -16.77 -15.10
CA SER C 1037 17.75 -15.49 -14.80
C SER C 1037 17.24 -14.91 -13.48
N VAL C 1038 18.18 -14.53 -12.63
CA VAL C 1038 17.93 -13.66 -11.49
C VAL C 1038 18.74 -12.41 -11.75
N HIS C 1039 18.04 -11.27 -11.93
CA HIS C 1039 18.50 -10.09 -12.67
C HIS C 1039 19.99 -9.80 -12.48
N ASP C 1040 20.70 -9.58 -13.61
CA ASP C 1040 22.14 -9.43 -13.79
C ASP C 1040 22.86 -10.78 -13.69
N CYS C 1041 22.19 -11.84 -13.25
CA CYS C 1041 22.78 -13.15 -13.03
C CYS C 1041 22.07 -14.16 -13.91
N TYR C 1042 22.84 -14.88 -14.73
CA TYR C 1042 22.32 -15.89 -15.62
C TYR C 1042 22.78 -17.25 -15.12
N TRP C 1043 21.83 -18.19 -15.00
CA TRP C 1043 22.10 -19.49 -14.40
C TRP C 1043 21.83 -20.58 -15.43
N THR C 1044 22.72 -21.55 -15.49
CA THR C 1044 22.57 -22.68 -16.40
C THR C 1044 23.38 -23.86 -15.87
N HIS C 1045 23.33 -24.99 -16.57
CA HIS C 1045 24.09 -26.16 -16.19
C HIS C 1045 25.59 -25.91 -16.36
N ALA C 1046 26.39 -26.69 -15.63
CA ALA C 1046 27.84 -26.50 -15.64
C ALA C 1046 28.46 -26.88 -16.97
N ALA C 1047 27.84 -27.79 -17.72
CA ALA C 1047 28.36 -28.15 -19.04
C ALA C 1047 28.08 -27.08 -20.08
N ASP C 1048 27.04 -26.26 -19.87
CA ASP C 1048 26.54 -25.35 -20.90
C ASP C 1048 26.89 -23.90 -20.61
N VAL C 1049 27.86 -23.65 -19.72
CA VAL C 1049 28.19 -22.27 -19.35
C VAL C 1049 28.82 -21.54 -20.52
N SER C 1050 29.83 -22.16 -21.15
CA SER C 1050 30.63 -21.46 -22.16
C SER C 1050 29.79 -21.03 -23.34
N VAL C 1051 28.91 -21.91 -23.82
CA VAL C 1051 28.01 -21.56 -24.91
C VAL C 1051 27.15 -20.37 -24.52
N MET C 1052 26.62 -20.38 -23.29
CA MET C 1052 25.81 -19.27 -22.81
C MET C 1052 26.61 -17.98 -22.85
N ASN C 1053 27.90 -18.05 -22.49
CA ASN C 1053 28.74 -16.87 -22.48
C ASN C 1053 28.83 -16.26 -23.88
N GLN C 1054 28.93 -17.11 -24.90
CA GLN C 1054 28.91 -16.60 -26.26
C GLN C 1054 27.59 -15.91 -26.56
N VAL C 1055 26.48 -16.56 -26.20
CA VAL C 1055 25.17 -15.96 -26.36
C VAL C 1055 25.05 -14.72 -25.47
N CYS C 1056 25.78 -14.71 -24.34
CA CYS C 1056 25.77 -13.53 -23.49
C CYS C 1056 26.47 -12.36 -24.17
N ARG C 1057 27.51 -12.64 -24.95
CA ARG C 1057 28.30 -11.55 -25.52
C ARG C 1057 27.86 -11.16 -26.92
N GLU C 1058 27.58 -12.16 -27.77
CA GLU C 1058 27.18 -11.89 -29.15
C GLU C 1058 25.87 -11.11 -29.21
N GLN C 1059 25.01 -11.23 -28.21
CA GLN C 1059 23.79 -10.43 -28.17
C GLN C 1059 23.98 -9.09 -27.48
N PHE C 1060 25.04 -8.93 -26.69
CA PHE C 1060 25.37 -7.59 -26.19
C PHE C 1060 25.89 -6.71 -27.32
N VAL C 1061 26.69 -7.27 -28.22
CA VAL C 1061 27.15 -6.52 -29.38
C VAL C 1061 26.03 -6.24 -30.36
N ARG C 1062 25.07 -7.15 -30.50
CA ARG C 1062 23.95 -6.94 -31.42
C ARG C 1062 22.90 -5.99 -30.86
N LEU C 1063 22.76 -5.90 -29.54
CA LEU C 1063 21.84 -4.94 -28.94
C LEU C 1063 22.37 -3.52 -29.10
N HIS C 1064 23.67 -3.34 -28.91
CA HIS C 1064 24.28 -2.02 -28.92
C HIS C 1064 24.83 -1.62 -30.29
N SER C 1065 24.88 -2.54 -31.25
CA SER C 1065 25.20 -2.15 -32.62
C SER C 1065 24.10 -1.26 -33.20
N GLU C 1066 22.84 -1.59 -32.92
CA GLU C 1066 21.74 -0.75 -33.35
C GLU C 1066 21.75 0.54 -32.55
N PRO C 1067 21.41 1.67 -33.17
CA PRO C 1067 21.45 2.95 -32.45
C PRO C 1067 20.31 3.08 -31.45
N ILE C 1068 20.65 2.97 -30.15
CA ILE C 1068 19.63 3.07 -29.12
C ILE C 1068 19.26 4.53 -28.86
N LEU C 1069 20.27 5.38 -28.68
CA LEU C 1069 20.02 6.77 -28.30
C LEU C 1069 19.31 7.54 -29.40
N GLN C 1070 19.71 7.35 -30.65
CA GLN C 1070 19.06 8.10 -31.73
C GLN C 1070 17.65 7.60 -32.01
N ASP C 1071 17.41 6.30 -31.88
CA ASP C 1071 16.04 5.78 -32.00
C ASP C 1071 15.17 6.32 -30.87
N LEU C 1072 15.69 6.35 -29.65
CA LEU C 1072 14.96 6.93 -28.53
C LEU C 1072 14.67 8.40 -28.76
N SER C 1073 15.66 9.15 -29.26
CA SER C 1073 15.47 10.57 -29.53
C SER C 1073 14.40 10.81 -30.59
N ARG C 1074 14.43 10.02 -31.67
CA ARG C 1074 13.42 10.17 -32.72
C ARG C 1074 12.03 9.80 -32.22
N PHE C 1075 11.93 8.73 -31.43
CA PHE C 1075 10.63 8.35 -30.88
C PHE C 1075 10.10 9.42 -29.94
N LEU C 1076 10.97 9.98 -29.09
CA LEU C 1076 10.54 11.02 -28.16
C LEU C 1076 10.12 12.29 -28.90
N VAL C 1077 10.84 12.65 -29.96
CA VAL C 1077 10.45 13.80 -30.77
C VAL C 1077 9.08 13.58 -31.41
N LYS C 1078 8.89 12.41 -32.02
CA LYS C 1078 7.63 12.12 -32.69
C LYS C 1078 6.47 12.05 -31.71
N ARG C 1079 6.71 11.55 -30.50
CA ARG C 1079 5.63 11.37 -29.53
C ARG C 1079 5.30 12.68 -28.82
N PHE C 1080 6.31 13.39 -28.32
CA PHE C 1080 6.10 14.53 -27.44
C PHE C 1080 6.26 15.87 -28.14
N CYS C 1081 6.49 15.89 -29.44
CA CYS C 1081 6.61 17.15 -30.17
C CYS C 1081 5.78 17.13 -31.43
N SER C 1082 4.59 16.52 -31.36
CA SER C 1082 3.63 16.54 -32.46
C SER C 1082 2.42 17.41 -32.15
N GLU C 1083 2.36 18.02 -30.97
CA GLU C 1083 1.23 18.85 -30.60
C GLU C 1083 1.37 20.23 -31.26
N PRO C 1084 0.36 20.68 -32.01
CA PRO C 1084 0.43 22.03 -32.58
C PRO C 1084 0.47 23.14 -31.54
N GLN C 1085 -0.15 22.93 -30.38
CA GLN C 1085 -0.14 23.93 -29.32
C GLN C 1085 1.24 24.03 -28.68
N LYS C 1086 1.53 25.22 -28.15
CA LYS C 1086 2.80 25.53 -27.48
C LYS C 1086 4.00 25.27 -28.41
N ILE C 1087 4.03 26.06 -29.49
CA ILE C 1087 5.08 25.89 -30.49
C ILE C 1087 6.45 26.29 -29.93
N LEU C 1088 6.48 27.32 -29.07
CA LEU C 1088 7.74 27.73 -28.46
C LEU C 1088 8.28 26.65 -27.52
N GLU C 1089 7.39 26.09 -26.69
CA GLU C 1089 7.79 24.99 -25.82
C GLU C 1089 8.16 23.75 -26.63
N ALA C 1090 7.48 23.52 -27.76
CA ALA C 1090 7.84 22.42 -28.63
C ALA C 1090 9.24 22.58 -29.21
N SER C 1091 9.58 23.80 -29.63
CA SER C 1091 10.93 24.07 -30.14
C SER C 1091 11.97 23.92 -29.04
N GLN C 1092 11.66 24.41 -27.84
CA GLN C 1092 12.58 24.27 -26.71
C GLN C 1092 12.82 22.80 -26.37
N LEU C 1093 11.76 21.98 -26.42
CA LEU C 1093 11.91 20.55 -26.20
C LEU C 1093 12.72 19.88 -27.30
N LYS C 1094 12.48 20.28 -28.56
CA LYS C 1094 13.20 19.68 -29.67
C LYS C 1094 14.68 20.05 -29.68
N GLU C 1095 15.03 21.21 -29.12
CA GLU C 1095 16.45 21.57 -29.03
C GLU C 1095 17.21 20.57 -28.16
N THR C 1096 16.63 20.18 -27.03
CA THR C 1096 17.29 19.21 -26.15
C THR C 1096 17.16 17.78 -26.70
N LEU C 1097 15.98 17.42 -27.20
CA LEU C 1097 15.74 16.04 -27.63
C LEU C 1097 16.59 15.64 -28.83
N GLN C 1098 16.97 16.59 -29.67
CA GLN C 1098 17.77 16.30 -30.85
C GLN C 1098 19.22 16.72 -30.64
N ALA C 1099 19.71 16.58 -29.40
CA ALA C 1099 21.13 16.69 -29.09
C ALA C 1099 21.52 15.47 -28.27
N VAL C 1100 21.83 14.38 -28.96
CA VAL C 1100 22.31 13.16 -28.31
C VAL C 1100 23.81 13.29 -28.06
N PRO C 1101 24.33 12.78 -26.94
CA PRO C 1101 25.77 12.85 -26.71
C PRO C 1101 26.56 12.14 -27.80
N LYS C 1102 27.69 12.74 -28.17
CA LYS C 1102 28.49 12.20 -29.25
C LYS C 1102 29.15 10.89 -28.82
N PRO C 1103 29.18 9.88 -29.68
CA PRO C 1103 29.84 8.61 -29.33
C PRO C 1103 31.35 8.78 -29.24
N GLY C 1104 31.98 7.80 -28.60
CA GLY C 1104 33.41 7.79 -28.37
C GLY C 1104 34.16 6.99 -29.40
N ALA C 1105 35.22 6.35 -28.91
CA ALA C 1105 36.10 5.57 -29.80
C ALA C 1105 36.51 4.19 -29.26
N PHE C 1106 35.63 3.42 -28.60
CA PHE C 1106 35.89 2.00 -28.25
C PHE C 1106 34.94 1.19 -29.14
N ASP C 1107 35.42 0.22 -29.93
CA ASP C 1107 34.56 -0.62 -30.80
C ASP C 1107 33.70 -1.53 -29.91
N LEU C 1108 32.48 -1.92 -30.28
CA LEU C 1108 31.71 -2.79 -29.37
C LEU C 1108 31.84 -4.25 -29.76
N GLU C 1109 32.72 -4.59 -30.68
CA GLU C 1109 32.80 -5.97 -31.20
C GLU C 1109 33.96 -6.70 -30.50
N GLN C 1110 34.61 -6.06 -29.57
CA GLN C 1110 35.75 -6.66 -28.84
C GLN C 1110 35.26 -7.08 -27.48
N VAL C 1111 33.98 -6.92 -27.22
CA VAL C 1111 33.41 -7.46 -25.97
C VAL C 1111 33.42 -8.97 -26.11
N LYS C 1112 33.30 -9.48 -27.32
CA LYS C 1112 33.24 -10.94 -27.51
C LYS C 1112 34.51 -11.65 -27.09
N ARG C 1113 35.63 -10.94 -26.94
CA ARG C 1113 36.87 -11.52 -26.46
C ARG C 1113 37.14 -11.21 -25.00
N SER C 1114 36.21 -10.54 -24.33
CA SER C 1114 36.38 -10.22 -22.91
C SER C 1114 35.94 -11.40 -22.07
N THR C 1115 36.86 -11.94 -21.27
CA THR C 1115 36.59 -13.10 -20.43
C THR C 1115 35.81 -12.74 -19.18
N TYR C 1116 35.82 -11.47 -18.78
CA TYR C 1116 35.21 -11.04 -17.52
C TYR C 1116 34.09 -10.02 -17.75
N PHE C 1117 33.46 -10.04 -18.93
CA PHE C 1117 32.24 -9.29 -19.17
C PHE C 1117 31.15 -9.77 -18.23
N PHE C 1118 30.76 -11.04 -18.34
CA PHE C 1118 29.87 -11.69 -17.39
C PHE C 1118 30.63 -12.82 -16.73
N SER C 1119 30.98 -12.64 -15.46
CA SER C 1119 31.74 -13.65 -14.73
C SER C 1119 31.56 -13.48 -13.22
#